data_2EP4
#
_entry.id   2EP4
#
loop_
_entity.id
_entity.type
_entity.pdbx_description
1 polymer 'RING finger protein 24'
2 non-polymer 'ZINC ION'
#
_entity_poly.entity_id   1
_entity_poly.type   'polypeptide(L)'
_entity_poly.pdbx_seq_one_letter_code
;GSSGSSGKVKELNLHELCAVCLEDFKPRDELGICPCKHAFHRKCLIKWLEVRKVCPLCNMPVLQLAQLSGPSSG
;
_entity_poly.pdbx_strand_id   A
#
# COMPACT_ATOMS: atom_id res chain seq x y z
N GLY A 1 18.34 -8.48 -0.97
CA GLY A 1 18.49 -7.24 -1.71
C GLY A 1 18.87 -7.47 -3.16
N SER A 2 19.10 -6.39 -3.89
CA SER A 2 19.48 -6.48 -5.29
C SER A 2 20.78 -5.75 -5.56
N SER A 3 21.71 -6.42 -6.23
CA SER A 3 23.01 -5.82 -6.54
C SER A 3 23.60 -6.45 -7.81
N GLY A 4 23.95 -5.60 -8.77
CA GLY A 4 24.52 -6.08 -10.01
C GLY A 4 24.25 -5.16 -11.17
N SER A 5 24.34 -3.86 -10.93
CA SER A 5 24.09 -2.86 -11.97
C SER A 5 24.81 -3.24 -13.26
N SER A 6 24.03 -3.70 -14.24
CA SER A 6 24.59 -4.09 -15.52
C SER A 6 23.50 -4.18 -16.59
N GLY A 7 23.88 -3.97 -17.84
CA GLY A 7 22.92 -4.02 -18.93
C GLY A 7 22.12 -2.74 -19.06
N LYS A 8 21.43 -2.59 -20.18
CA LYS A 8 20.61 -1.40 -20.43
C LYS A 8 19.27 -1.51 -19.72
N VAL A 9 18.98 -0.54 -18.86
CA VAL A 9 17.72 -0.52 -18.12
C VAL A 9 16.88 0.70 -18.49
N LYS A 10 15.63 0.45 -18.86
CA LYS A 10 14.72 1.52 -19.23
C LYS A 10 13.42 1.44 -18.43
N GLU A 11 13.41 2.09 -17.27
CA GLU A 11 12.23 2.10 -16.41
C GLU A 11 11.90 3.51 -15.95
N LEU A 12 10.94 4.14 -16.62
CA LEU A 12 10.53 5.50 -16.28
C LEU A 12 10.61 5.73 -14.77
N ASN A 13 11.27 6.82 -14.39
CA ASN A 13 11.42 7.15 -12.97
C ASN A 13 10.14 7.76 -12.41
N LEU A 14 9.83 7.43 -11.17
CA LEU A 14 8.63 7.95 -10.51
C LEU A 14 8.90 8.27 -9.05
N HIS A 15 8.02 9.06 -8.46
CA HIS A 15 8.16 9.45 -7.06
C HIS A 15 7.13 8.73 -6.19
N GLU A 16 6.89 7.46 -6.50
CA GLU A 16 5.92 6.66 -5.74
C GLU A 16 6.37 5.21 -5.65
N LEU A 17 6.69 4.78 -4.43
CA LEU A 17 7.14 3.40 -4.20
C LEU A 17 6.55 2.85 -2.91
N CYS A 18 6.04 1.62 -2.98
CA CYS A 18 5.45 0.97 -1.82
C CYS A 18 6.29 1.21 -0.57
N ALA A 19 5.71 0.96 0.59
CA ALA A 19 6.40 1.15 1.86
C ALA A 19 6.67 -0.19 2.54
N VAL A 20 5.72 -1.10 2.42
CA VAL A 20 5.85 -2.43 3.02
C VAL A 20 6.95 -3.24 2.35
N CYS A 21 6.79 -3.50 1.05
CA CYS A 21 7.77 -4.26 0.30
C CYS A 21 8.83 -3.34 -0.30
N LEU A 22 8.43 -2.10 -0.57
CA LEU A 22 9.35 -1.11 -1.14
C LEU A 22 9.73 -1.50 -2.57
N GLU A 23 8.73 -1.71 -3.40
CA GLU A 23 8.95 -2.09 -4.80
C GLU A 23 8.07 -1.27 -5.74
N ASP A 24 8.68 -0.74 -6.79
CA ASP A 24 7.95 0.06 -7.77
C ASP A 24 6.59 -0.54 -8.06
N PHE A 25 5.53 0.24 -7.85
CA PHE A 25 4.17 -0.22 -8.09
C PHE A 25 4.00 -0.67 -9.54
N LYS A 26 3.26 -1.75 -9.74
CA LYS A 26 3.01 -2.29 -11.07
C LYS A 26 1.53 -2.35 -11.36
N PRO A 27 1.15 -2.15 -12.64
CA PRO A 27 -0.24 -2.18 -13.08
C PRO A 27 -0.83 -3.58 -13.03
N ARG A 28 0.00 -4.57 -13.36
CA ARG A 28 -0.45 -5.96 -13.36
C ARG A 28 -1.16 -6.30 -12.06
N ASP A 29 -0.63 -5.80 -10.94
CA ASP A 29 -1.22 -6.06 -9.64
C ASP A 29 -2.16 -4.92 -9.23
N GLU A 30 -3.26 -5.28 -8.57
CA GLU A 30 -4.23 -4.29 -8.14
C GLU A 30 -3.66 -3.40 -7.04
N LEU A 31 -4.10 -2.15 -7.01
CA LEU A 31 -3.63 -1.20 -6.00
C LEU A 31 -4.78 -0.68 -5.15
N GLY A 32 -4.63 -0.80 -3.84
CA GLY A 32 -5.67 -0.34 -2.93
C GLY A 32 -5.38 1.03 -2.36
N ILE A 33 -6.28 1.98 -2.59
CA ILE A 33 -6.11 3.34 -2.10
C ILE A 33 -6.71 3.49 -0.71
N CYS A 34 -5.99 4.16 0.19
CA CYS A 34 -6.46 4.38 1.55
C CYS A 34 -7.00 5.79 1.71
N PRO A 35 -7.79 6.01 2.78
CA PRO A 35 -8.38 7.32 3.07
C PRO A 35 -7.34 8.34 3.52
N CYS A 36 -6.07 7.94 3.50
CA CYS A 36 -4.97 8.81 3.90
C CYS A 36 -4.08 9.15 2.72
N LYS A 37 -4.68 9.20 1.53
CA LYS A 37 -3.94 9.52 0.31
C LYS A 37 -2.69 8.66 0.19
N HIS A 38 -2.84 7.37 0.50
CA HIS A 38 -1.71 6.44 0.43
C HIS A 38 -2.16 5.12 -0.20
N ALA A 39 -1.50 4.74 -1.30
CA ALA A 39 -1.81 3.51 -2.00
C ALA A 39 -0.76 2.44 -1.73
N PHE A 40 -1.20 1.19 -1.62
CA PHE A 40 -0.30 0.08 -1.37
C PHE A 40 -0.74 -1.18 -2.11
N HIS A 41 0.13 -2.18 -2.15
CA HIS A 41 -0.18 -3.43 -2.83
C HIS A 41 -1.28 -4.19 -2.10
N ARG A 42 -2.29 -4.62 -2.84
CA ARG A 42 -3.41 -5.36 -2.26
C ARG A 42 -2.91 -6.39 -1.25
N LYS A 43 -1.75 -6.97 -1.52
CA LYS A 43 -1.17 -7.98 -0.65
C LYS A 43 -0.45 -7.32 0.53
N CYS A 44 0.44 -6.39 0.23
CA CYS A 44 1.19 -5.68 1.26
C CYS A 44 0.25 -5.12 2.32
N LEU A 45 -0.79 -4.43 1.88
CA LEU A 45 -1.77 -3.85 2.79
C LEU A 45 -2.44 -4.93 3.64
N ILE A 46 -3.22 -5.78 2.99
CA ILE A 46 -3.92 -6.85 3.68
C ILE A 46 -3.04 -7.47 4.76
N LYS A 47 -1.81 -7.82 4.39
CA LYS A 47 -0.87 -8.41 5.33
C LYS A 47 -0.49 -7.42 6.43
N TRP A 48 0.14 -6.32 6.03
CA TRP A 48 0.55 -5.29 6.98
C TRP A 48 -0.57 -4.98 7.95
N LEU A 49 -1.82 -5.11 7.50
CA LEU A 49 -2.98 -4.84 8.32
C LEU A 49 -3.10 -5.87 9.45
N GLU A 50 -2.74 -7.10 9.15
CA GLU A 50 -2.82 -8.19 10.13
C GLU A 50 -1.87 -7.93 11.29
N VAL A 51 -0.61 -7.68 10.99
CA VAL A 51 0.40 -7.41 12.00
C VAL A 51 0.24 -6.00 12.57
N ARG A 52 -0.19 -5.07 11.73
CA ARG A 52 -0.38 -3.69 12.15
C ARG A 52 -1.53 -3.04 11.37
N LYS A 53 -2.65 -2.83 12.05
CA LYS A 53 -3.82 -2.22 11.44
C LYS A 53 -3.63 -0.72 11.27
N VAL A 54 -2.48 -0.33 10.74
CA VAL A 54 -2.17 1.08 10.52
C VAL A 54 -1.39 1.28 9.23
N CYS A 55 -1.29 2.54 8.80
CA CYS A 55 -0.57 2.87 7.58
C CYS A 55 0.92 2.99 7.83
N PRO A 56 1.73 2.24 7.07
CA PRO A 56 3.18 2.24 7.19
C PRO A 56 3.80 3.56 6.74
N LEU A 57 2.96 4.52 6.38
CA LEU A 57 3.42 5.83 5.93
C LEU A 57 3.09 6.91 6.96
N CYS A 58 1.81 7.23 7.08
CA CYS A 58 1.37 8.25 8.02
C CYS A 58 1.28 7.68 9.43
N ASN A 59 1.01 6.38 9.52
CA ASN A 59 0.89 5.71 10.81
C ASN A 59 -0.40 6.10 11.52
N MET A 60 -1.49 6.14 10.76
CA MET A 60 -2.79 6.49 11.32
C MET A 60 -3.68 5.25 11.46
N PRO A 61 -4.44 5.20 12.56
CA PRO A 61 -5.34 4.08 12.84
C PRO A 61 -6.53 4.04 11.89
N VAL A 62 -6.53 3.06 10.99
CA VAL A 62 -7.61 2.91 10.02
C VAL A 62 -8.42 1.65 10.29
N LEU A 63 -9.39 1.76 11.19
CA LEU A 63 -10.24 0.64 11.55
C LEU A 63 -11.63 0.78 10.93
N GLN A 64 -12.22 1.96 11.09
CA GLN A 64 -13.54 2.23 10.54
C GLN A 64 -13.51 3.40 9.56
N LEU A 65 -14.21 3.26 8.45
CA LEU A 65 -14.26 4.31 7.44
C LEU A 65 -15.17 5.45 7.87
N ALA A 66 -14.56 6.55 8.32
CA ALA A 66 -15.31 7.71 8.76
C ALA A 66 -16.22 8.24 7.66
N GLN A 67 -15.68 8.32 6.45
CA GLN A 67 -16.44 8.80 5.30
C GLN A 67 -17.76 8.03 5.16
N LEU A 68 -18.79 8.74 4.74
CA LEU A 68 -20.11 8.12 4.55
C LEU A 68 -20.25 7.52 3.16
N SER A 69 -19.78 6.29 3.01
CA SER A 69 -19.86 5.60 1.72
C SER A 69 -21.16 4.84 1.58
N GLY A 70 -21.43 3.94 2.52
CA GLY A 70 -22.65 3.15 2.49
C GLY A 70 -23.21 2.88 3.87
N PRO A 71 -24.47 2.44 3.92
CA PRO A 71 -25.15 2.13 5.18
C PRO A 71 -24.58 0.90 5.86
N SER A 72 -23.48 0.38 5.32
CA SER A 72 -22.85 -0.81 5.87
C SER A 72 -22.03 -0.46 7.12
N SER A 73 -22.68 0.22 8.06
CA SER A 73 -22.01 0.61 9.30
C SER A 73 -22.95 0.45 10.49
N GLY A 74 -22.48 -0.26 11.51
CA GLY A 74 -23.29 -0.49 12.69
C GLY A 74 -22.96 -1.79 13.38
N GLY A 1 13.81 -16.40 -32.70
CA GLY A 1 13.95 -14.97 -32.50
C GLY A 1 13.45 -14.53 -31.13
N SER A 2 14.13 -14.98 -30.08
CA SER A 2 13.75 -14.62 -28.72
C SER A 2 14.97 -14.59 -27.80
N SER A 3 14.91 -13.73 -26.78
CA SER A 3 16.01 -13.59 -25.84
C SER A 3 15.55 -12.92 -24.55
N GLY A 4 16.41 -12.92 -23.55
CA GLY A 4 16.08 -12.30 -22.28
C GLY A 4 16.95 -11.12 -21.96
N SER A 5 16.37 -9.91 -22.01
CA SER A 5 17.11 -8.69 -21.74
C SER A 5 16.26 -7.71 -20.95
N SER A 6 16.59 -7.52 -19.68
CA SER A 6 15.85 -6.61 -18.81
C SER A 6 16.71 -5.41 -18.43
N GLY A 7 16.20 -4.22 -18.70
CA GLY A 7 16.94 -3.01 -18.36
C GLY A 7 16.73 -1.91 -19.39
N LYS A 8 15.58 -1.24 -19.30
CA LYS A 8 15.26 -0.16 -20.22
C LYS A 8 15.88 1.15 -19.76
N VAL A 9 16.87 1.63 -20.51
CA VAL A 9 17.55 2.87 -20.18
C VAL A 9 16.62 4.08 -20.39
N LYS A 10 16.32 4.76 -19.30
CA LYS A 10 15.44 5.94 -19.36
C LYS A 10 15.40 6.64 -18.01
N GLU A 11 15.13 7.95 -18.04
CA GLU A 11 15.05 8.74 -16.82
C GLU A 11 13.85 8.31 -15.97
N LEU A 12 14.14 7.84 -14.75
CA LEU A 12 13.09 7.40 -13.84
C LEU A 12 12.88 8.41 -12.73
N ASN A 13 11.65 8.88 -12.58
CA ASN A 13 11.30 9.86 -11.56
C ASN A 13 10.95 9.16 -10.25
N LEU A 14 10.98 9.92 -9.15
CA LEU A 14 10.65 9.37 -7.84
C LEU A 14 9.16 9.52 -7.55
N HIS A 15 8.51 8.41 -7.21
CA HIS A 15 7.08 8.42 -6.90
C HIS A 15 6.81 7.65 -5.61
N GLU A 16 5.54 7.62 -5.20
CA GLU A 16 5.14 6.93 -3.98
C GLU A 16 5.32 5.42 -4.14
N LEU A 17 6.44 4.90 -3.65
CA LEU A 17 6.74 3.48 -3.73
C LEU A 17 6.24 2.74 -2.49
N CYS A 18 5.62 1.60 -2.69
CA CYS A 18 5.10 0.79 -1.58
C CYS A 18 6.11 0.71 -0.45
N ALA A 19 5.70 1.11 0.75
CA ALA A 19 6.56 1.08 1.92
C ALA A 19 6.44 -0.24 2.66
N VAL A 20 5.95 -1.26 1.97
CA VAL A 20 5.77 -2.58 2.57
C VAL A 20 6.76 -3.59 1.97
N CYS A 21 6.92 -3.52 0.65
CA CYS A 21 7.83 -4.42 -0.05
C CYS A 21 8.96 -3.66 -0.72
N LEU A 22 8.85 -2.33 -0.73
CA LEU A 22 9.86 -1.48 -1.34
C LEU A 22 10.01 -1.78 -2.82
N GLU A 23 8.88 -1.83 -3.53
CA GLU A 23 8.90 -2.11 -4.96
C GLU A 23 7.92 -1.20 -5.70
N ASP A 24 8.42 -0.50 -6.71
CA ASP A 24 7.59 0.40 -7.49
C ASP A 24 6.22 -0.21 -7.78
N PHE A 25 5.18 0.61 -7.74
CA PHE A 25 3.82 0.14 -8.00
C PHE A 25 3.61 -0.15 -9.47
N LYS A 26 2.81 -1.18 -9.76
CA LYS A 26 2.52 -1.55 -11.14
C LYS A 26 1.03 -1.76 -11.35
N PRO A 27 0.55 -1.49 -12.57
CA PRO A 27 -0.86 -1.65 -12.92
C PRO A 27 -1.29 -3.12 -12.97
N ARG A 28 -0.41 -3.97 -13.49
CA ARG A 28 -0.71 -5.40 -13.58
C ARG A 28 -1.26 -5.93 -12.27
N ASP A 29 -0.71 -5.46 -11.16
CA ASP A 29 -1.17 -5.88 -9.84
C ASP A 29 -2.10 -4.85 -9.23
N GLU A 30 -3.28 -5.30 -8.78
CA GLU A 30 -4.26 -4.41 -8.17
C GLU A 30 -3.62 -3.53 -7.11
N LEU A 31 -4.01 -2.26 -7.07
CA LEU A 31 -3.48 -1.32 -6.10
C LEU A 31 -4.58 -0.76 -5.22
N GLY A 32 -4.49 -1.02 -3.92
CA GLY A 32 -5.49 -0.55 -2.99
C GLY A 32 -5.11 0.79 -2.38
N ILE A 33 -5.79 1.85 -2.82
CA ILE A 33 -5.52 3.20 -2.32
C ILE A 33 -6.28 3.46 -1.03
N CYS A 34 -5.61 4.11 -0.08
CA CYS A 34 -6.23 4.42 1.21
C CYS A 34 -6.72 5.87 1.24
N PRO A 35 -7.67 6.15 2.13
CA PRO A 35 -8.24 7.49 2.28
C PRO A 35 -7.26 8.48 2.88
N CYS A 36 -6.01 8.04 3.06
CA CYS A 36 -4.97 8.89 3.61
C CYS A 36 -3.92 9.22 2.56
N LYS A 37 -4.34 9.25 1.30
CA LYS A 37 -3.44 9.57 0.20
C LYS A 37 -2.23 8.62 0.20
N HIS A 38 -2.50 7.34 0.40
CA HIS A 38 -1.45 6.32 0.42
C HIS A 38 -1.92 5.03 -0.25
N ALA A 39 -1.17 4.59 -1.25
CA ALA A 39 -1.51 3.37 -1.97
C ALA A 39 -0.56 2.23 -1.60
N PHE A 40 -1.07 1.01 -1.66
CA PHE A 40 -0.27 -0.17 -1.33
C PHE A 40 -0.74 -1.39 -2.11
N HIS A 41 0.09 -2.41 -2.15
CA HIS A 41 -0.24 -3.65 -2.87
C HIS A 41 -1.29 -4.46 -2.09
N ARG A 42 -2.36 -4.84 -2.77
CA ARG A 42 -3.42 -5.61 -2.15
C ARG A 42 -2.86 -6.61 -1.14
N LYS A 43 -1.80 -7.32 -1.55
CA LYS A 43 -1.16 -8.30 -0.69
C LYS A 43 -0.41 -7.63 0.45
N CYS A 44 0.48 -6.70 0.11
CA CYS A 44 1.26 -5.98 1.11
C CYS A 44 0.37 -5.46 2.23
N LEU A 45 -0.69 -4.76 1.84
CA LEU A 45 -1.63 -4.21 2.82
C LEU A 45 -2.19 -5.30 3.71
N ILE A 46 -2.88 -6.27 3.10
CA ILE A 46 -3.47 -7.37 3.83
C ILE A 46 -2.49 -7.94 4.86
N LYS A 47 -1.24 -8.09 4.46
CA LYS A 47 -0.20 -8.61 5.34
C LYS A 47 0.09 -7.63 6.48
N TRP A 48 0.41 -6.39 6.11
CA TRP A 48 0.71 -5.36 7.09
C TRP A 48 -0.41 -5.24 8.11
N LEU A 49 -1.62 -4.96 7.62
CA LEU A 49 -2.78 -4.81 8.50
C LEU A 49 -2.71 -5.77 9.67
N GLU A 50 -2.55 -7.05 9.37
CA GLU A 50 -2.46 -8.08 10.41
C GLU A 50 -1.62 -7.59 11.58
N VAL A 51 -0.37 -7.21 11.30
CA VAL A 51 0.52 -6.72 12.33
C VAL A 51 -0.05 -5.50 13.04
N ARG A 52 -0.51 -4.53 12.24
CA ARG A 52 -1.08 -3.31 12.79
C ARG A 52 -2.16 -2.75 11.85
N LYS A 53 -3.34 -2.48 12.41
CA LYS A 53 -4.44 -1.94 11.63
C LYS A 53 -4.24 -0.45 11.36
N VAL A 54 -3.04 -0.09 10.91
CA VAL A 54 -2.73 1.29 10.60
C VAL A 54 -1.89 1.40 9.33
N CYS A 55 -1.60 2.63 8.91
CA CYS A 55 -0.81 2.87 7.71
C CYS A 55 0.68 2.93 8.05
N PRO A 56 1.47 2.15 7.31
CA PRO A 56 2.93 2.09 7.50
C PRO A 56 3.62 3.37 7.07
N LEU A 57 2.82 4.36 6.67
CA LEU A 57 3.36 5.64 6.22
C LEU A 57 2.98 6.76 7.19
N CYS A 58 1.70 7.12 7.18
CA CYS A 58 1.20 8.18 8.06
C CYS A 58 0.98 7.66 9.48
N ASN A 59 0.67 6.36 9.57
CA ASN A 59 0.43 5.74 10.87
C ASN A 59 -0.89 6.22 11.47
N MET A 60 -1.94 6.19 10.66
CA MET A 60 -3.26 6.63 11.12
C MET A 60 -4.25 5.47 11.09
N PRO A 61 -5.24 5.51 12.00
CA PRO A 61 -6.27 4.48 12.11
C PRO A 61 -7.22 4.48 10.91
N VAL A 62 -7.15 3.45 10.09
CA VAL A 62 -8.01 3.34 8.92
C VAL A 62 -8.41 1.89 8.67
N LEU A 63 -9.70 1.67 8.44
CA LEU A 63 -10.21 0.33 8.18
C LEU A 63 -11.13 0.32 6.97
N GLN A 64 -12.19 1.13 7.04
CA GLN A 64 -13.16 1.21 5.94
C GLN A 64 -12.52 1.86 4.71
N LEU A 65 -12.19 1.04 3.72
CA LEU A 65 -11.58 1.52 2.49
C LEU A 65 -12.61 2.22 1.60
N ALA A 66 -12.66 3.54 1.70
CA ALA A 66 -13.60 4.33 0.90
C ALA A 66 -13.20 4.34 -0.57
N GLN A 67 -11.91 4.56 -0.82
CA GLN A 67 -11.40 4.59 -2.19
C GLN A 67 -12.04 5.73 -2.98
N LEU A 68 -12.23 6.87 -2.32
CA LEU A 68 -12.84 8.02 -2.95
C LEU A 68 -11.97 9.27 -2.77
N SER A 69 -10.95 9.40 -3.62
CA SER A 69 -10.04 10.54 -3.54
C SER A 69 -10.80 11.84 -3.77
N GLY A 70 -10.22 12.94 -3.30
CA GLY A 70 -10.85 14.25 -3.47
C GLY A 70 -10.21 15.32 -2.61
N PRO A 71 -9.19 16.01 -3.17
CA PRO A 71 -8.48 17.06 -2.47
C PRO A 71 -9.34 18.32 -2.25
N SER A 72 -8.74 19.35 -1.67
CA SER A 72 -9.46 20.59 -1.41
C SER A 72 -10.24 21.03 -2.64
N SER A 73 -11.24 21.89 -2.41
CA SER A 73 -12.07 22.38 -3.51
C SER A 73 -11.21 22.95 -4.63
N GLY A 74 -10.44 23.99 -4.31
CA GLY A 74 -9.59 24.61 -5.31
C GLY A 74 -8.58 25.57 -4.70
N GLY A 1 -12.92 -13.35 2.49
CA GLY A 1 -14.06 -13.93 1.79
C GLY A 1 -14.43 -13.15 0.54
N SER A 2 -14.83 -13.88 -0.50
CA SER A 2 -15.21 -13.25 -1.76
C SER A 2 -16.61 -12.66 -1.68
N SER A 3 -16.68 -11.36 -1.40
CA SER A 3 -17.96 -10.67 -1.28
C SER A 3 -18.59 -10.48 -2.66
N GLY A 4 -17.76 -10.30 -3.67
CA GLY A 4 -18.25 -10.11 -5.02
C GLY A 4 -18.33 -8.64 -5.41
N SER A 5 -17.29 -7.89 -5.06
CA SER A 5 -17.25 -6.46 -5.37
C SER A 5 -16.49 -6.21 -6.67
N SER A 6 -16.95 -5.22 -7.44
CA SER A 6 -16.32 -4.88 -8.70
C SER A 6 -16.26 -3.38 -8.89
N GLY A 7 -15.49 -2.93 -9.88
CA GLY A 7 -15.35 -1.51 -10.16
C GLY A 7 -13.93 -1.02 -9.99
N LYS A 8 -13.14 -1.13 -11.05
CA LYS A 8 -11.75 -0.68 -11.01
C LYS A 8 -11.47 0.30 -12.14
N VAL A 9 -11.63 1.58 -11.85
CA VAL A 9 -11.39 2.63 -12.83
C VAL A 9 -9.98 3.19 -12.71
N LYS A 10 -9.34 3.43 -13.85
CA LYS A 10 -7.98 3.97 -13.87
C LYS A 10 -7.93 5.34 -13.20
N GLU A 11 -6.91 5.54 -12.37
CA GLU A 11 -6.74 6.81 -11.67
C GLU A 11 -5.28 7.21 -11.61
N LEU A 12 -4.96 8.41 -12.08
CA LEU A 12 -3.60 8.91 -12.07
C LEU A 12 -2.93 8.68 -10.72
N ASN A 13 -1.62 8.81 -10.69
CA ASN A 13 -0.86 8.63 -9.45
C ASN A 13 0.52 9.27 -9.55
N LEU A 14 1.01 9.78 -8.42
CA LEU A 14 2.33 10.42 -8.38
C LEU A 14 3.41 9.42 -8.01
N HIS A 15 4.66 9.81 -8.20
CA HIS A 15 5.80 8.95 -7.88
C HIS A 15 5.72 8.48 -6.43
N GLU A 16 5.24 7.26 -6.23
CA GLU A 16 5.11 6.70 -4.89
C GLU A 16 5.48 5.22 -4.89
N LEU A 17 6.30 4.82 -3.92
CA LEU A 17 6.73 3.43 -3.80
C LEU A 17 6.12 2.77 -2.58
N CYS A 18 5.93 1.46 -2.63
CA CYS A 18 5.36 0.71 -1.52
C CYS A 18 6.35 0.59 -0.38
N ALA A 19 6.09 1.31 0.72
CA ALA A 19 6.95 1.28 1.88
C ALA A 19 7.03 -0.12 2.47
N VAL A 20 5.95 -0.88 2.36
CA VAL A 20 5.91 -2.24 2.88
C VAL A 20 7.01 -3.09 2.28
N CYS A 21 7.06 -3.13 0.95
CA CYS A 21 8.06 -3.91 0.25
C CYS A 21 9.03 -3.00 -0.51
N LEU A 22 9.12 -1.76 -0.07
CA LEU A 22 10.01 -0.78 -0.71
C LEU A 22 10.12 -1.05 -2.20
N GLU A 23 8.98 -1.10 -2.88
CA GLU A 23 8.95 -1.35 -4.32
C GLU A 23 7.78 -0.63 -4.98
N ASP A 24 8.05 0.00 -6.12
CA ASP A 24 7.02 0.73 -6.85
C ASP A 24 5.79 -0.14 -7.08
N PHE A 25 4.70 0.47 -7.52
CA PHE A 25 3.47 -0.26 -7.79
C PHE A 25 3.33 -0.59 -9.27
N LYS A 26 2.70 -1.71 -9.57
CA LYS A 26 2.51 -2.15 -10.95
C LYS A 26 1.03 -2.25 -11.28
N PRO A 27 0.68 -1.98 -12.55
CA PRO A 27 -0.70 -2.03 -13.03
C PRO A 27 -1.24 -3.46 -13.09
N ARG A 28 -0.37 -4.39 -13.47
CA ARG A 28 -0.76 -5.80 -13.57
C ARG A 28 -1.48 -6.25 -12.31
N ASP A 29 -1.00 -5.80 -11.16
CA ASP A 29 -1.60 -6.15 -9.87
C ASP A 29 -2.49 -5.03 -9.36
N GLU A 30 -3.58 -5.41 -8.69
CA GLU A 30 -4.52 -4.44 -8.15
C GLU A 30 -3.90 -3.66 -6.99
N LEU A 31 -4.07 -2.35 -7.00
CA LEU A 31 -3.52 -1.50 -5.94
C LEU A 31 -4.65 -0.82 -5.17
N GLY A 32 -4.61 -0.95 -3.84
CA GLY A 32 -5.62 -0.34 -3.00
C GLY A 32 -5.18 0.99 -2.43
N ILE A 33 -5.77 2.07 -2.93
CA ILE A 33 -5.43 3.41 -2.46
C ILE A 33 -6.21 3.77 -1.19
N CYS A 34 -5.49 3.95 -0.10
CA CYS A 34 -6.11 4.30 1.18
C CYS A 34 -6.61 5.73 1.17
N PRO A 35 -7.57 6.04 2.05
CA PRO A 35 -8.15 7.38 2.16
C PRO A 35 -7.16 8.40 2.74
N CYS A 36 -5.94 7.95 2.97
CA CYS A 36 -4.90 8.81 3.52
C CYS A 36 -3.87 9.17 2.47
N LYS A 37 -4.32 9.30 1.22
CA LYS A 37 -3.43 9.63 0.11
C LYS A 37 -2.22 8.71 0.08
N HIS A 38 -2.46 7.43 0.33
CA HIS A 38 -1.38 6.44 0.33
C HIS A 38 -1.84 5.14 -0.34
N ALA A 39 -1.06 4.67 -1.30
CA ALA A 39 -1.37 3.44 -2.01
C ALA A 39 -0.46 2.30 -1.58
N PHE A 40 -1.00 1.08 -1.59
CA PHE A 40 -0.23 -0.10 -1.19
C PHE A 40 -0.74 -1.34 -1.92
N HIS A 41 0.16 -2.31 -2.10
CA HIS A 41 -0.19 -3.55 -2.79
C HIS A 41 -1.31 -4.28 -2.04
N ARG A 42 -2.37 -4.62 -2.77
CA ARG A 42 -3.50 -5.32 -2.17
C ARG A 42 -3.04 -6.34 -1.15
N LYS A 43 -1.92 -7.00 -1.44
CA LYS A 43 -1.36 -8.00 -0.55
C LYS A 43 -0.62 -7.35 0.61
N CYS A 44 0.36 -6.51 0.29
CA CYS A 44 1.15 -5.83 1.30
C CYS A 44 0.25 -5.18 2.34
N LEU A 45 -0.89 -4.67 1.91
CA LEU A 45 -1.84 -4.03 2.80
C LEU A 45 -2.56 -5.06 3.66
N ILE A 46 -3.30 -5.95 3.02
CA ILE A 46 -4.03 -6.99 3.73
C ILE A 46 -3.13 -7.73 4.71
N LYS A 47 -1.88 -7.92 4.32
CA LYS A 47 -0.91 -8.61 5.17
C LYS A 47 -0.42 -7.68 6.28
N TRP A 48 -0.06 -6.46 5.92
CA TRP A 48 0.42 -5.48 6.89
C TRP A 48 -0.61 -5.24 7.98
N LEU A 49 -1.88 -5.20 7.59
CA LEU A 49 -2.97 -4.97 8.54
C LEU A 49 -2.99 -6.06 9.61
N GLU A 50 -2.46 -7.23 9.27
CA GLU A 50 -2.41 -8.34 10.21
C GLU A 50 -1.61 -7.98 11.46
N VAL A 51 -0.33 -7.66 11.26
CA VAL A 51 0.54 -7.29 12.37
C VAL A 51 0.22 -5.90 12.88
N ARG A 52 -0.21 -5.03 11.98
CA ARG A 52 -0.56 -3.66 12.34
C ARG A 52 -1.62 -3.11 11.40
N LYS A 53 -2.83 -2.91 11.95
CA LYS A 53 -3.94 -2.39 11.17
C LYS A 53 -3.80 -0.89 10.95
N VAL A 54 -2.60 -0.46 10.55
CA VAL A 54 -2.33 0.95 10.30
C VAL A 54 -1.54 1.15 9.01
N CYS A 55 -1.31 2.40 8.66
CA CYS A 55 -0.56 2.73 7.45
C CYS A 55 0.93 2.88 7.75
N PRO A 56 1.75 2.12 7.00
CA PRO A 56 3.21 2.15 7.17
C PRO A 56 3.83 3.47 6.71
N LEU A 57 2.97 4.42 6.37
CA LEU A 57 3.43 5.73 5.92
C LEU A 57 3.05 6.82 6.91
N CYS A 58 1.75 7.09 7.03
CA CYS A 58 1.26 8.10 7.96
C CYS A 58 1.12 7.53 9.36
N ASN A 59 1.02 6.21 9.45
CA ASN A 59 0.88 5.54 10.74
C ASN A 59 -0.42 5.96 11.43
N MET A 60 -1.48 6.09 10.65
CA MET A 60 -2.78 6.48 11.18
C MET A 60 -3.75 5.30 11.17
N PRO A 61 -4.63 5.25 12.19
CA PRO A 61 -5.62 4.18 12.32
C PRO A 61 -6.71 4.27 11.26
N VAL A 62 -6.72 3.30 10.35
CA VAL A 62 -7.71 3.26 9.28
C VAL A 62 -8.06 1.83 8.89
N LEU A 63 -9.34 1.55 8.76
CA LEU A 63 -9.81 0.22 8.39
C LEU A 63 -10.76 0.28 7.20
N GLN A 64 -10.65 -0.70 6.32
CA GLN A 64 -11.49 -0.77 5.13
C GLN A 64 -12.22 -2.10 5.05
N LEU A 65 -13.30 -2.23 5.82
CA LEU A 65 -14.08 -3.46 5.84
C LEU A 65 -14.67 -3.75 4.46
N ALA A 66 -14.56 -5.00 4.01
CA ALA A 66 -15.08 -5.41 2.72
C ALA A 66 -16.59 -5.59 2.77
N GLN A 67 -17.28 -4.64 3.39
CA GLN A 67 -18.73 -4.71 3.51
C GLN A 67 -19.39 -3.54 2.79
N LEU A 68 -20.69 -3.67 2.54
CA LEU A 68 -21.44 -2.62 1.86
C LEU A 68 -21.94 -1.56 2.85
N SER A 69 -21.16 -0.50 3.02
CA SER A 69 -21.52 0.57 3.93
C SER A 69 -21.31 1.94 3.29
N GLY A 70 -22.29 2.82 3.44
CA GLY A 70 -22.20 4.15 2.87
C GLY A 70 -21.59 5.15 3.83
N PRO A 71 -21.37 6.38 3.35
CA PRO A 71 -20.78 7.46 4.14
C PRO A 71 -21.73 7.94 5.24
N SER A 72 -21.33 7.76 6.49
CA SER A 72 -22.15 8.19 7.62
C SER A 72 -21.28 8.40 8.87
N SER A 73 -21.55 9.49 9.58
CA SER A 73 -20.79 9.81 10.79
C SER A 73 -20.62 8.58 11.66
N GLY A 74 -21.74 7.95 12.04
CA GLY A 74 -21.69 6.78 12.87
C GLY A 74 -21.52 7.11 14.35
N GLY A 1 10.83 20.77 11.60
CA GLY A 1 11.50 20.01 12.65
C GLY A 1 12.55 19.06 12.09
N SER A 2 13.64 19.63 11.58
CA SER A 2 14.72 18.82 11.02
C SER A 2 16.06 19.18 11.66
N SER A 3 16.74 18.17 12.18
CA SER A 3 18.03 18.38 12.82
C SER A 3 18.91 17.13 12.69
N GLY A 4 20.18 17.35 12.35
CA GLY A 4 21.11 16.25 12.19
C GLY A 4 20.82 15.42 10.95
N SER A 5 21.09 15.98 9.79
CA SER A 5 20.85 15.29 8.52
C SER A 5 21.75 15.84 7.42
N SER A 6 21.87 15.07 6.34
CA SER A 6 22.70 15.48 5.21
C SER A 6 22.41 16.93 4.81
N GLY A 7 23.47 17.69 4.61
CA GLY A 7 23.30 19.09 4.22
C GLY A 7 23.02 19.25 2.74
N LYS A 8 23.72 18.47 1.92
CA LYS A 8 23.54 18.54 0.47
C LYS A 8 22.40 17.62 0.04
N VAL A 9 21.19 18.17 0.04
CA VAL A 9 20.01 17.39 -0.37
C VAL A 9 19.02 18.27 -1.13
N LYS A 10 18.74 17.89 -2.37
CA LYS A 10 17.80 18.65 -3.20
C LYS A 10 17.08 17.73 -4.17
N GLU A 11 15.81 17.44 -3.90
CA GLU A 11 15.02 16.57 -4.75
C GLU A 11 13.54 16.65 -4.38
N LEU A 12 12.71 17.01 -5.35
CA LEU A 12 11.27 17.12 -5.13
C LEU A 12 10.52 15.99 -5.83
N ASN A 13 10.21 14.95 -5.08
CA ASN A 13 9.49 13.80 -5.61
C ASN A 13 8.86 12.97 -4.50
N LEU A 14 7.53 12.93 -4.48
CA LEU A 14 6.80 12.18 -3.46
C LEU A 14 7.26 10.72 -3.44
N HIS A 15 6.73 9.96 -2.49
CA HIS A 15 7.08 8.55 -2.36
C HIS A 15 6.19 7.68 -3.25
N GLU A 16 6.56 7.61 -4.52
CA GLU A 16 5.79 6.81 -5.49
C GLU A 16 6.23 5.35 -5.46
N LEU A 17 6.47 4.84 -4.25
CA LEU A 17 6.90 3.45 -4.08
C LEU A 17 6.35 2.86 -2.79
N CYS A 18 5.86 1.63 -2.88
CA CYS A 18 5.29 0.95 -1.72
C CYS A 18 6.26 1.01 -0.54
N ALA A 19 5.71 0.94 0.67
CA ALA A 19 6.51 0.98 1.89
C ALA A 19 6.64 -0.41 2.51
N VAL A 20 5.64 -1.24 2.26
CA VAL A 20 5.63 -2.60 2.80
C VAL A 20 6.76 -3.44 2.18
N CYS A 21 6.78 -3.49 0.85
CA CYS A 21 7.79 -4.25 0.14
C CYS A 21 8.85 -3.33 -0.48
N LEU A 22 8.77 -2.05 -0.13
CA LEU A 22 9.70 -1.06 -0.65
C LEU A 22 9.96 -1.26 -2.13
N GLU A 23 8.88 -1.29 -2.92
CA GLU A 23 8.98 -1.49 -4.36
C GLU A 23 8.00 -0.58 -5.10
N ASP A 24 8.26 -0.37 -6.38
CA ASP A 24 7.40 0.47 -7.21
C ASP A 24 6.06 -0.21 -7.47
N PHE A 25 5.02 0.60 -7.66
CA PHE A 25 3.68 0.07 -7.92
C PHE A 25 3.52 -0.33 -9.38
N LYS A 26 2.67 -1.31 -9.63
CA LYS A 26 2.43 -1.78 -10.99
C LYS A 26 0.93 -1.98 -11.23
N PRO A 27 0.51 -1.81 -12.49
CA PRO A 27 -0.89 -1.97 -12.88
C PRO A 27 -1.34 -3.44 -12.83
N ARG A 28 -0.46 -4.34 -13.23
CA ARG A 28 -0.76 -5.77 -13.23
C ARG A 28 -1.35 -6.20 -11.89
N ASP A 29 -0.85 -5.59 -10.81
CA ASP A 29 -1.32 -5.90 -9.47
C ASP A 29 -2.20 -4.78 -8.92
N GLU A 30 -3.47 -5.08 -8.72
CA GLU A 30 -4.41 -4.08 -8.20
C GLU A 30 -3.78 -3.28 -7.05
N LEU A 31 -3.70 -1.97 -7.23
CA LEU A 31 -3.11 -1.10 -6.22
C LEU A 31 -4.20 -0.50 -5.33
N GLY A 32 -4.26 -0.98 -4.08
CA GLY A 32 -5.25 -0.48 -3.15
C GLY A 32 -4.89 0.88 -2.59
N ILE A 33 -5.74 1.86 -2.83
CA ILE A 33 -5.51 3.22 -2.34
C ILE A 33 -6.22 3.46 -1.01
N CYS A 34 -5.44 3.65 0.04
CA CYS A 34 -5.99 3.89 1.37
C CYS A 34 -6.61 5.29 1.47
N PRO A 35 -7.49 5.49 2.46
CA PRO A 35 -8.16 6.77 2.68
C PRO A 35 -7.20 7.84 3.19
N CYS A 36 -5.92 7.49 3.29
CA CYS A 36 -4.91 8.43 3.76
C CYS A 36 -4.04 8.91 2.60
N LYS A 37 -4.62 8.95 1.41
CA LYS A 37 -3.89 9.40 0.22
C LYS A 37 -2.61 8.60 0.03
N HIS A 38 -2.69 7.29 0.26
CA HIS A 38 -1.53 6.41 0.12
C HIS A 38 -1.89 5.17 -0.69
N ALA A 39 -0.95 4.70 -1.50
CA ALA A 39 -1.17 3.52 -2.32
C ALA A 39 -0.36 2.33 -1.80
N PHE A 40 -0.97 1.15 -1.86
CA PHE A 40 -0.31 -0.07 -1.38
C PHE A 40 -0.79 -1.28 -2.16
N HIS A 41 0.02 -2.34 -2.17
CA HIS A 41 -0.32 -3.56 -2.88
C HIS A 41 -1.40 -4.34 -2.12
N ARG A 42 -2.47 -4.70 -2.82
CA ARG A 42 -3.57 -5.43 -2.21
C ARG A 42 -3.04 -6.47 -1.23
N LYS A 43 -1.93 -7.09 -1.57
CA LYS A 43 -1.32 -8.11 -0.71
C LYS A 43 -0.59 -7.46 0.45
N CYS A 44 0.29 -6.52 0.14
CA CYS A 44 1.06 -5.82 1.17
C CYS A 44 0.15 -5.30 2.27
N LEU A 45 -0.80 -4.45 1.88
CA LEU A 45 -1.74 -3.88 2.84
C LEU A 45 -2.35 -4.96 3.73
N ILE A 46 -3.00 -5.94 3.10
CA ILE A 46 -3.61 -7.04 3.83
C ILE A 46 -2.68 -7.58 4.91
N LYS A 47 -1.44 -7.84 4.52
CA LYS A 47 -0.44 -8.37 5.45
C LYS A 47 -0.16 -7.35 6.56
N TRP A 48 0.21 -6.14 6.17
CA TRP A 48 0.53 -5.09 7.13
C TRP A 48 -0.63 -4.90 8.11
N LEU A 49 -1.84 -5.10 7.63
CA LEU A 49 -3.04 -4.95 8.46
C LEU A 49 -3.09 -6.03 9.53
N GLU A 50 -2.68 -7.25 9.17
CA GLU A 50 -2.67 -8.37 10.09
C GLU A 50 -1.88 -8.03 11.35
N VAL A 51 -0.69 -7.48 11.17
CA VAL A 51 0.18 -7.12 12.28
C VAL A 51 -0.20 -5.75 12.84
N ARG A 52 -0.28 -4.76 11.96
CA ARG A 52 -0.63 -3.40 12.36
C ARG A 52 -1.78 -2.86 11.51
N LYS A 53 -2.86 -2.47 12.16
CA LYS A 53 -4.03 -1.94 11.46
C LYS A 53 -3.84 -0.46 11.16
N VAL A 54 -2.66 -0.09 10.68
CA VAL A 54 -2.37 1.30 10.35
C VAL A 54 -1.53 1.40 9.07
N CYS A 55 -1.35 2.62 8.58
CA CYS A 55 -0.57 2.85 7.37
C CYS A 55 0.93 2.88 7.68
N PRO A 56 1.70 2.06 6.94
CA PRO A 56 3.15 1.98 7.12
C PRO A 56 3.87 3.24 6.65
N LEU A 57 3.09 4.29 6.37
CA LEU A 57 3.65 5.55 5.91
C LEU A 57 3.28 6.69 6.86
N CYS A 58 2.00 7.02 6.91
CA CYS A 58 1.52 8.09 7.78
C CYS A 58 1.22 7.56 9.17
N ASN A 59 1.24 6.23 9.32
CA ASN A 59 0.97 5.59 10.60
C ASN A 59 -0.38 6.06 11.16
N MET A 60 -1.37 6.14 10.29
CA MET A 60 -2.71 6.57 10.70
C MET A 60 -3.64 5.37 10.86
N PRO A 61 -4.45 5.39 11.93
CA PRO A 61 -5.40 4.31 12.22
C PRO A 61 -6.55 4.27 11.21
N VAL A 62 -6.57 3.21 10.39
CA VAL A 62 -7.60 3.05 9.39
C VAL A 62 -8.61 1.99 9.81
N LEU A 63 -9.78 2.44 10.26
CA LEU A 63 -10.84 1.54 10.69
C LEU A 63 -12.06 1.65 9.80
N GLN A 64 -12.28 0.64 8.97
CA GLN A 64 -13.43 0.63 8.07
C GLN A 64 -14.14 -0.71 8.10
N LEU A 65 -15.47 -0.68 8.09
CA LEU A 65 -16.28 -1.89 8.11
C LEU A 65 -16.40 -2.50 6.72
N ALA A 66 -15.29 -2.52 5.99
CA ALA A 66 -15.28 -3.08 4.64
C ALA A 66 -15.32 -4.60 4.67
N GLN A 67 -14.55 -5.19 5.58
CA GLN A 67 -14.51 -6.64 5.72
C GLN A 67 -15.55 -7.13 6.71
N LEU A 68 -16.39 -8.07 6.28
CA LEU A 68 -17.42 -8.62 7.13
C LEU A 68 -17.30 -10.14 7.23
N SER A 69 -17.05 -10.77 6.09
CA SER A 69 -16.92 -12.22 6.04
C SER A 69 -15.78 -12.64 5.10
N GLY A 70 -14.79 -13.32 5.65
CA GLY A 70 -13.66 -13.76 4.85
C GLY A 70 -13.81 -15.19 4.36
N PRO A 71 -13.11 -15.52 3.27
CA PRO A 71 -13.16 -16.86 2.66
C PRO A 71 -12.48 -17.91 3.54
N SER A 72 -11.29 -17.59 4.02
CA SER A 72 -10.54 -18.50 4.87
C SER A 72 -10.79 -18.22 6.35
N SER A 73 -11.29 -19.21 7.07
CA SER A 73 -11.58 -19.06 8.48
C SER A 73 -10.86 -20.14 9.30
N GLY A 74 -10.27 -19.73 10.42
CA GLY A 74 -9.56 -20.66 11.27
C GLY A 74 -8.63 -19.96 12.23
N GLY A 1 17.29 -27.27 -8.37
CA GLY A 1 18.09 -26.59 -7.37
C GLY A 1 18.67 -25.29 -7.88
N SER A 2 17.81 -24.38 -8.31
CA SER A 2 18.25 -23.09 -8.84
C SER A 2 18.10 -21.99 -7.79
N SER A 3 19.09 -21.11 -7.71
CA SER A 3 19.08 -20.01 -6.75
C SER A 3 19.56 -18.73 -7.38
N GLY A 4 19.24 -17.60 -6.75
CA GLY A 4 19.66 -16.31 -7.26
C GLY A 4 19.32 -15.17 -6.33
N SER A 5 19.87 -13.99 -6.60
CA SER A 5 19.61 -12.82 -5.77
C SER A 5 19.55 -11.56 -6.62
N SER A 6 18.84 -10.56 -6.12
CA SER A 6 18.68 -9.29 -6.84
C SER A 6 18.24 -8.18 -5.89
N GLY A 7 18.51 -6.94 -6.29
CA GLY A 7 18.13 -5.80 -5.46
C GLY A 7 18.21 -4.49 -6.21
N LYS A 8 18.22 -3.39 -5.48
CA LYS A 8 18.29 -2.06 -6.08
C LYS A 8 19.69 -1.46 -5.90
N VAL A 9 20.16 -0.74 -6.91
CA VAL A 9 21.47 -0.11 -6.87
C VAL A 9 21.39 1.35 -7.31
N LYS A 10 21.71 2.26 -6.39
CA LYS A 10 21.68 3.69 -6.68
C LYS A 10 20.51 4.03 -7.61
N GLU A 11 19.34 3.48 -7.30
CA GLU A 11 18.15 3.74 -8.09
C GLU A 11 17.36 4.91 -7.53
N LEU A 12 17.10 5.91 -8.38
CA LEU A 12 16.35 7.08 -7.96
C LEU A 12 14.95 6.70 -7.51
N ASN A 13 14.49 7.34 -6.43
CA ASN A 13 13.16 7.06 -5.89
C ASN A 13 12.21 8.22 -6.18
N LEU A 14 11.64 8.23 -7.38
CA LEU A 14 10.71 9.27 -7.78
C LEU A 14 9.27 8.78 -7.69
N HIS A 15 8.93 7.78 -8.50
CA HIS A 15 7.59 7.22 -8.50
C HIS A 15 7.27 6.56 -7.16
N GLU A 16 6.43 7.23 -6.37
CA GLU A 16 6.04 6.70 -5.07
C GLU A 16 6.02 5.18 -5.08
N LEU A 17 6.98 4.57 -4.40
CA LEU A 17 7.07 3.12 -4.33
C LEU A 17 6.46 2.59 -3.03
N CYS A 18 6.16 1.30 -3.00
CA CYS A 18 5.57 0.68 -1.82
C CYS A 18 6.44 0.92 -0.59
N ALA A 19 5.86 0.70 0.58
CA ALA A 19 6.58 0.90 1.83
C ALA A 19 6.90 -0.44 2.50
N VAL A 20 5.94 -1.36 2.44
CA VAL A 20 6.11 -2.68 3.03
C VAL A 20 7.20 -3.47 2.32
N CYS A 21 6.98 -3.74 1.04
CA CYS A 21 7.95 -4.49 0.24
C CYS A 21 8.98 -3.55 -0.38
N LEU A 22 8.60 -2.29 -0.57
CA LEU A 22 9.49 -1.30 -1.15
C LEU A 22 9.85 -1.68 -2.59
N GLU A 23 8.82 -1.88 -3.41
CA GLU A 23 9.03 -2.24 -4.81
C GLU A 23 8.16 -1.40 -5.73
N ASP A 24 8.75 -0.88 -6.79
CA ASP A 24 8.02 -0.05 -7.74
C ASP A 24 6.60 -0.58 -7.94
N PHE A 25 5.63 0.33 -7.84
CA PHE A 25 4.23 -0.04 -8.02
C PHE A 25 3.88 -0.20 -9.49
N LYS A 26 2.95 -1.10 -9.78
CA LYS A 26 2.53 -1.35 -11.15
C LYS A 26 1.01 -1.50 -11.23
N PRO A 27 0.42 -0.98 -12.31
CA PRO A 27 -1.03 -1.05 -12.53
C PRO A 27 -1.51 -2.47 -12.83
N ARG A 28 -0.71 -3.21 -13.59
CA ARG A 28 -1.05 -4.59 -13.94
C ARG A 28 -1.51 -5.37 -12.71
N ASP A 29 -0.85 -5.13 -11.58
CA ASP A 29 -1.19 -5.81 -10.34
C ASP A 29 -2.23 -5.01 -9.55
N GLU A 30 -3.17 -5.73 -8.94
CA GLU A 30 -4.21 -5.08 -8.16
C GLU A 30 -3.61 -4.24 -7.03
N LEU A 31 -4.16 -3.03 -6.84
CA LEU A 31 -3.67 -2.13 -5.80
C LEU A 31 -4.83 -1.57 -5.00
N GLY A 32 -4.56 -1.22 -3.74
CA GLY A 32 -5.59 -0.67 -2.88
C GLY A 32 -5.22 0.69 -2.33
N ILE A 33 -6.00 1.71 -2.67
CA ILE A 33 -5.74 3.06 -2.19
C ILE A 33 -6.36 3.29 -0.81
N CYS A 34 -5.63 4.00 0.04
CA CYS A 34 -6.10 4.30 1.39
C CYS A 34 -6.74 5.68 1.46
N PRO A 35 -7.62 5.89 2.45
CA PRO A 35 -8.31 7.16 2.65
C PRO A 35 -7.36 8.27 3.12
N CYS A 36 -6.07 7.96 3.18
CA CYS A 36 -5.07 8.91 3.61
C CYS A 36 -4.13 9.27 2.46
N LYS A 37 -4.65 9.25 1.25
CA LYS A 37 -3.86 9.57 0.07
C LYS A 37 -2.60 8.70 0.00
N HIS A 38 -2.76 7.43 0.33
CA HIS A 38 -1.63 6.50 0.31
C HIS A 38 -2.04 5.17 -0.33
N ALA A 39 -1.33 4.79 -1.39
CA ALA A 39 -1.62 3.54 -2.08
C ALA A 39 -0.63 2.44 -1.68
N PHE A 40 -1.11 1.20 -1.67
CA PHE A 40 -0.26 0.07 -1.29
C PHE A 40 -0.66 -1.18 -2.08
N HIS A 41 0.18 -2.20 -2.02
CA HIS A 41 -0.07 -3.45 -2.72
C HIS A 41 -1.17 -4.26 -2.01
N ARG A 42 -2.19 -4.62 -2.76
CA ARG A 42 -3.31 -5.39 -2.21
C ARG A 42 -2.81 -6.41 -1.20
N LYS A 43 -1.70 -7.08 -1.53
CA LYS A 43 -1.12 -8.08 -0.64
C LYS A 43 -0.42 -7.42 0.54
N CYS A 44 0.65 -6.69 0.24
CA CYS A 44 1.41 -6.00 1.28
C CYS A 44 0.49 -5.46 2.37
N LEU A 45 -0.50 -4.67 1.96
CA LEU A 45 -1.46 -4.10 2.90
C LEU A 45 -2.04 -5.17 3.82
N ILE A 46 -2.86 -6.04 3.24
CA ILE A 46 -3.49 -7.12 3.99
C ILE A 46 -2.53 -7.70 5.02
N LYS A 47 -1.36 -8.14 4.55
CA LYS A 47 -0.35 -8.71 5.43
C LYS A 47 -0.02 -7.76 6.58
N TRP A 48 0.24 -6.50 6.24
CA TRP A 48 0.58 -5.50 7.24
C TRP A 48 -0.59 -5.28 8.20
N LEU A 49 -1.70 -4.78 7.66
CA LEU A 49 -2.88 -4.53 8.47
C LEU A 49 -2.98 -5.51 9.63
N GLU A 50 -2.72 -6.78 9.35
CA GLU A 50 -2.77 -7.82 10.37
C GLU A 50 -1.95 -7.43 11.58
N VAL A 51 -0.64 -7.32 11.40
CA VAL A 51 0.26 -6.95 12.48
C VAL A 51 -0.09 -5.58 13.06
N ARG A 52 -0.60 -4.70 12.20
CA ARG A 52 -1.00 -3.36 12.62
C ARG A 52 -2.02 -2.77 11.66
N LYS A 53 -3.22 -2.53 12.17
CA LYS A 53 -4.30 -1.96 11.36
C LYS A 53 -4.08 -0.47 11.14
N VAL A 54 -2.87 -0.11 10.74
CA VAL A 54 -2.53 1.29 10.48
C VAL A 54 -1.70 1.44 9.22
N CYS A 55 -1.65 2.65 8.69
CA CYS A 55 -0.89 2.94 7.47
C CYS A 55 0.61 2.96 7.76
N PRO A 56 1.37 2.15 7.02
CA PRO A 56 2.83 2.05 7.17
C PRO A 56 3.54 3.31 6.71
N LEU A 57 2.77 4.33 6.35
CA LEU A 57 3.33 5.60 5.89
C LEU A 57 3.07 6.71 6.90
N CYS A 58 1.82 7.13 7.02
CA CYS A 58 1.43 8.18 7.95
C CYS A 58 1.31 7.64 9.36
N ASN A 59 1.17 6.32 9.47
CA ASN A 59 1.04 5.67 10.78
C ASN A 59 -0.29 6.01 11.43
N MET A 60 -1.37 5.85 10.68
CA MET A 60 -2.70 6.15 11.19
C MET A 60 -3.68 5.02 10.86
N PRO A 61 -4.53 4.66 11.84
CA PRO A 61 -5.52 3.59 11.67
C PRO A 61 -6.63 3.98 10.71
N VAL A 62 -6.68 3.30 9.57
CA VAL A 62 -7.70 3.57 8.56
C VAL A 62 -9.00 2.85 8.89
N LEU A 63 -9.15 2.45 10.14
CA LEU A 63 -10.35 1.75 10.60
C LEU A 63 -10.93 0.89 9.47
N GLN A 64 -10.10 0.02 8.91
CA GLN A 64 -10.53 -0.86 7.83
C GLN A 64 -11.33 -2.04 8.37
N LEU A 65 -12.25 -1.76 9.28
CA LEU A 65 -13.07 -2.80 9.88
C LEU A 65 -14.55 -2.59 9.54
N ALA A 66 -14.96 -1.33 9.48
CA ALA A 66 -16.34 -0.99 9.17
C ALA A 66 -16.44 -0.23 7.85
N GLN A 67 -15.61 -0.63 6.88
CA GLN A 67 -15.60 0.04 5.58
C GLN A 67 -15.86 -0.97 4.46
N LEU A 68 -16.45 -0.50 3.37
CA LEU A 68 -16.75 -1.35 2.22
C LEU A 68 -16.10 -0.82 0.96
N SER A 69 -15.36 -1.69 0.27
CA SER A 69 -14.68 -1.31 -0.96
C SER A 69 -15.68 -1.09 -2.09
N GLY A 70 -16.54 -2.08 -2.31
CA GLY A 70 -17.53 -1.98 -3.36
C GLY A 70 -16.98 -2.32 -4.73
N PRO A 71 -17.81 -2.92 -5.59
CA PRO A 71 -17.41 -3.31 -6.94
C PRO A 71 -17.20 -2.10 -7.85
N SER A 72 -17.32 -0.91 -7.28
CA SER A 72 -17.15 0.32 -8.04
C SER A 72 -15.83 0.30 -8.82
N SER A 73 -15.88 0.77 -10.06
CA SER A 73 -14.70 0.80 -10.91
C SER A 73 -14.91 1.73 -12.11
N GLY A 74 -13.82 2.24 -12.66
CA GLY A 74 -13.91 3.14 -13.80
C GLY A 74 -13.89 2.39 -15.12
N GLY A 1 12.39 34.97 -33.00
CA GLY A 1 11.74 33.84 -32.35
C GLY A 1 10.23 33.94 -32.40
N SER A 2 9.56 32.80 -32.32
CA SER A 2 8.10 32.76 -32.36
C SER A 2 7.51 32.88 -30.96
N SER A 3 6.84 34.00 -30.70
CA SER A 3 6.25 34.25 -29.40
C SER A 3 5.10 33.28 -29.14
N GLY A 4 5.36 32.28 -28.30
CA GLY A 4 4.35 31.29 -27.98
C GLY A 4 4.92 30.08 -27.26
N SER A 5 5.12 30.20 -25.96
CA SER A 5 5.67 29.11 -25.17
C SER A 5 5.54 29.41 -23.67
N SER A 6 4.74 28.60 -22.99
CA SER A 6 4.52 28.77 -21.55
C SER A 6 5.57 28.01 -20.75
N GLY A 7 5.52 28.15 -19.43
CA GLY A 7 6.47 27.47 -18.57
C GLY A 7 5.84 27.03 -17.26
N LYS A 8 5.62 25.72 -17.13
CA LYS A 8 5.03 25.16 -15.92
C LYS A 8 5.33 23.67 -15.80
N VAL A 9 4.92 23.08 -14.68
CA VAL A 9 5.14 21.65 -14.45
C VAL A 9 3.95 20.83 -14.93
N LYS A 10 4.10 19.51 -14.88
CA LYS A 10 3.04 18.60 -15.31
C LYS A 10 2.78 17.53 -14.27
N GLU A 11 1.79 17.77 -13.41
CA GLU A 11 1.45 16.82 -12.36
C GLU A 11 0.17 16.06 -12.71
N LEU A 12 0.08 15.62 -13.96
CA LEU A 12 -1.09 14.89 -14.44
C LEU A 12 -0.90 13.38 -14.27
N ASN A 13 0.32 12.99 -13.90
CA ASN A 13 0.65 11.59 -13.70
C ASN A 13 1.06 11.32 -12.26
N LEU A 14 1.07 10.05 -11.87
CA LEU A 14 1.45 9.66 -10.52
C LEU A 14 2.60 8.65 -10.54
N HIS A 15 3.60 8.89 -9.70
CA HIS A 15 4.76 8.01 -9.63
C HIS A 15 5.23 7.86 -8.18
N GLU A 16 5.03 6.67 -7.61
CA GLU A 16 5.44 6.40 -6.24
C GLU A 16 5.96 4.98 -6.09
N LEU A 17 6.26 4.59 -4.86
CA LEU A 17 6.77 3.25 -4.59
C LEU A 17 6.18 2.70 -3.30
N CYS A 18 6.02 1.38 -3.23
CA CYS A 18 5.46 0.73 -2.05
C CYS A 18 6.27 1.09 -0.81
N ALA A 19 5.69 0.83 0.35
CA ALA A 19 6.34 1.12 1.62
C ALA A 19 6.57 -0.15 2.43
N VAL A 20 5.84 -1.21 2.10
CA VAL A 20 5.96 -2.48 2.79
C VAL A 20 7.07 -3.33 2.18
N CYS A 21 6.93 -3.64 0.90
CA CYS A 21 7.92 -4.45 0.20
C CYS A 21 9.00 -3.56 -0.44
N LEU A 22 8.69 -2.28 -0.57
CA LEU A 22 9.63 -1.33 -1.16
C LEU A 22 9.99 -1.73 -2.59
N GLU A 23 8.96 -1.97 -3.41
CA GLU A 23 9.17 -2.36 -4.80
C GLU A 23 8.29 -1.55 -5.73
N ASP A 24 8.87 -1.04 -6.81
CA ASP A 24 8.13 -0.25 -7.79
C ASP A 24 6.70 -0.78 -7.94
N PHE A 25 5.75 0.14 -8.09
CA PHE A 25 4.36 -0.23 -8.25
C PHE A 25 4.09 -0.76 -9.65
N LYS A 26 3.06 -1.60 -9.77
CA LYS A 26 2.71 -2.17 -11.07
C LYS A 26 1.20 -2.04 -11.32
N PRO A 27 0.83 -1.75 -12.57
CA PRO A 27 -0.56 -1.60 -12.98
C PRO A 27 -1.32 -2.91 -12.96
N ARG A 28 -0.67 -3.98 -13.42
CA ARG A 28 -1.28 -5.29 -13.45
C ARG A 28 -1.90 -5.66 -12.10
N ASP A 29 -1.22 -5.24 -11.03
CA ASP A 29 -1.70 -5.51 -9.67
C ASP A 29 -2.53 -4.35 -9.15
N GLU A 30 -3.51 -4.65 -8.30
CA GLU A 30 -4.37 -3.64 -7.73
C GLU A 30 -3.78 -3.07 -6.44
N LEU A 31 -3.61 -1.75 -6.39
CA LEU A 31 -3.06 -1.09 -5.23
C LEU A 31 -4.15 -0.47 -4.37
N GLY A 32 -4.30 -0.98 -3.16
CA GLY A 32 -5.32 -0.46 -2.25
C GLY A 32 -5.07 0.98 -1.86
N ILE A 33 -5.83 1.89 -2.44
CA ILE A 33 -5.68 3.32 -2.15
C ILE A 33 -6.46 3.70 -0.89
N CYS A 34 -5.74 3.79 0.23
CA CYS A 34 -6.37 4.15 1.50
C CYS A 34 -6.92 5.57 1.45
N PRO A 35 -7.88 5.87 2.33
CA PRO A 35 -8.50 7.19 2.42
C PRO A 35 -7.54 8.25 2.96
N CYS A 36 -6.30 7.85 3.19
CA CYS A 36 -5.29 8.76 3.71
C CYS A 36 -4.32 9.19 2.61
N LYS A 37 -4.76 9.07 1.36
CA LYS A 37 -3.93 9.44 0.22
C LYS A 37 -2.67 8.57 0.16
N HIS A 38 -2.86 7.25 0.28
CA HIS A 38 -1.74 6.32 0.23
C HIS A 38 -2.17 4.99 -0.37
N ALA A 39 -1.45 4.56 -1.41
CA ALA A 39 -1.75 3.30 -2.08
C ALA A 39 -0.72 2.24 -1.73
N PHE A 40 -1.16 0.98 -1.67
CA PHE A 40 -0.28 -0.13 -1.35
C PHE A 40 -0.72 -1.40 -2.06
N HIS A 41 0.22 -2.32 -2.28
CA HIS A 41 -0.08 -3.58 -2.95
C HIS A 41 -1.16 -4.35 -2.19
N ARG A 42 -2.25 -4.66 -2.88
CA ARG A 42 -3.35 -5.38 -2.27
C ARG A 42 -2.83 -6.48 -1.34
N LYS A 43 -1.70 -7.06 -1.70
CA LYS A 43 -1.10 -8.11 -0.88
C LYS A 43 -0.36 -7.53 0.31
N CYS A 44 0.63 -6.68 0.04
CA CYS A 44 1.41 -6.05 1.10
C CYS A 44 0.51 -5.54 2.21
N LEU A 45 -0.37 -4.61 1.88
CA LEU A 45 -1.29 -4.04 2.85
C LEU A 45 -1.84 -5.12 3.78
N ILE A 46 -2.57 -6.07 3.20
CA ILE A 46 -3.16 -7.17 3.98
C ILE A 46 -2.20 -7.62 5.08
N LYS A 47 -0.97 -7.93 4.70
CA LYS A 47 0.03 -8.39 5.65
C LYS A 47 0.24 -7.34 6.75
N TRP A 48 0.49 -6.10 6.35
CA TRP A 48 0.71 -5.02 7.30
C TRP A 48 -0.50 -4.86 8.23
N LEU A 49 -1.69 -5.12 7.69
CA LEU A 49 -2.92 -5.02 8.46
C LEU A 49 -3.06 -6.18 9.43
N GLU A 50 -2.69 -7.37 8.98
CA GLU A 50 -2.78 -8.57 9.81
C GLU A 50 -2.13 -8.34 11.17
N VAL A 51 -1.08 -7.52 11.20
CA VAL A 51 -0.39 -7.21 12.43
C VAL A 51 -0.76 -5.82 12.94
N ARG A 52 -0.69 -4.84 12.05
CA ARG A 52 -1.02 -3.47 12.41
C ARG A 52 -2.03 -2.87 11.44
N LYS A 53 -3.24 -2.61 11.93
CA LYS A 53 -4.30 -2.05 11.11
C LYS A 53 -4.10 -0.56 10.91
N VAL A 54 -2.87 -0.16 10.59
CA VAL A 54 -2.54 1.25 10.37
C VAL A 54 -1.75 1.44 9.08
N CYS A 55 -1.47 2.69 8.75
CA CYS A 55 -0.71 3.01 7.54
C CYS A 55 0.78 3.14 7.85
N PRO A 56 1.60 2.36 7.12
CA PRO A 56 3.04 2.37 7.29
C PRO A 56 3.68 3.66 6.81
N LEU A 57 2.84 4.62 6.43
CA LEU A 57 3.33 5.91 5.94
C LEU A 57 2.96 7.03 6.91
N CYS A 58 1.67 7.34 6.98
CA CYS A 58 1.18 8.39 7.87
C CYS A 58 1.05 7.87 9.30
N ASN A 59 0.95 6.55 9.44
CA ASN A 59 0.81 5.92 10.76
C ASN A 59 -0.46 6.40 11.45
N MET A 60 -1.59 6.29 10.75
CA MET A 60 -2.87 6.71 11.30
C MET A 60 -3.86 5.53 11.34
N PRO A 61 -4.69 5.49 12.40
CA PRO A 61 -5.68 4.43 12.58
C PRO A 61 -6.81 4.52 11.55
N VAL A 62 -6.84 3.58 10.62
CA VAL A 62 -7.87 3.55 9.58
C VAL A 62 -8.43 2.14 9.42
N LEU A 63 -9.69 1.97 9.79
CA LEU A 63 -10.35 0.67 9.67
C LEU A 63 -11.26 0.63 8.45
N GLN A 64 -11.12 -0.42 7.65
CA GLN A 64 -11.93 -0.58 6.44
C GLN A 64 -13.39 -0.20 6.72
N LEU A 65 -14.09 0.21 5.66
CA LEU A 65 -15.49 0.60 5.79
C LEU A 65 -16.21 -0.27 6.83
N ALA A 66 -16.88 0.40 7.76
CA ALA A 66 -17.60 -0.31 8.81
C ALA A 66 -19.11 -0.05 8.70
N GLN A 67 -19.47 1.21 8.47
CA GLN A 67 -20.87 1.58 8.34
C GLN A 67 -21.67 0.48 7.63
N LEU A 68 -22.93 0.31 8.04
CA LEU A 68 -23.79 -0.70 7.45
C LEU A 68 -25.13 -0.10 7.03
N SER A 69 -25.85 -0.80 6.17
CA SER A 69 -27.14 -0.33 5.69
C SER A 69 -28.17 -0.37 6.81
N GLY A 70 -28.19 -1.46 7.57
CA GLY A 70 -29.13 -1.59 8.67
C GLY A 70 -29.83 -2.93 8.66
N PRO A 71 -30.79 -3.10 9.59
CA PRO A 71 -31.56 -4.35 9.70
C PRO A 71 -32.52 -4.54 8.54
N SER A 72 -33.04 -5.76 8.40
CA SER A 72 -33.97 -6.09 7.32
C SER A 72 -34.90 -7.23 7.72
N SER A 73 -36.15 -6.90 8.02
CA SER A 73 -37.12 -7.89 8.42
C SER A 73 -36.90 -9.21 7.69
N GLY A 74 -36.71 -9.13 6.38
CA GLY A 74 -36.47 -10.32 5.58
C GLY A 74 -37.58 -11.35 5.75
N GLY A 1 -0.32 -19.53 -29.83
CA GLY A 1 0.58 -18.77 -28.96
C GLY A 1 -0.16 -17.97 -27.91
N SER A 2 0.54 -17.02 -27.31
CA SER A 2 -0.06 -16.17 -26.27
C SER A 2 0.39 -14.73 -26.43
N SER A 3 -0.55 -13.87 -26.85
CA SER A 3 -0.25 -12.46 -27.04
C SER A 3 -1.33 -11.59 -26.40
N GLY A 4 -0.92 -10.70 -25.51
CA GLY A 4 -1.86 -9.81 -24.84
C GLY A 4 -1.17 -8.75 -24.00
N SER A 5 -0.29 -7.98 -24.62
CA SER A 5 0.43 -6.94 -23.92
C SER A 5 0.02 -5.55 -24.42
N SER A 6 -0.67 -4.80 -23.57
CA SER A 6 -1.13 -3.47 -23.92
C SER A 6 -0.57 -2.42 -22.96
N GLY A 7 -0.24 -1.25 -23.50
CA GLY A 7 0.32 -0.19 -22.67
C GLY A 7 1.81 -0.01 -22.88
N LYS A 8 2.23 1.23 -23.05
CA LYS A 8 3.65 1.54 -23.25
C LYS A 8 4.29 2.02 -21.96
N VAL A 9 5.01 1.13 -21.28
CA VAL A 9 5.68 1.47 -20.04
C VAL A 9 7.19 1.55 -20.23
N LYS A 10 7.80 2.59 -19.68
CA LYS A 10 9.24 2.78 -19.79
C LYS A 10 9.87 2.95 -18.40
N GLU A 11 9.58 2.01 -17.50
CA GLU A 11 10.11 2.05 -16.15
C GLU A 11 10.27 3.49 -15.67
N LEU A 12 9.21 4.28 -15.83
CA LEU A 12 9.22 5.68 -15.42
C LEU A 12 8.33 5.90 -14.20
N ASN A 13 8.39 4.97 -13.26
CA ASN A 13 7.59 5.06 -12.04
C ASN A 13 8.44 5.49 -10.85
N LEU A 14 8.68 6.78 -10.73
CA LEU A 14 9.48 7.31 -9.62
C LEU A 14 8.73 8.41 -8.87
N HIS A 15 7.44 8.17 -8.64
CA HIS A 15 6.61 9.14 -7.92
C HIS A 15 6.08 8.54 -6.62
N GLU A 16 5.42 7.39 -6.73
CA GLU A 16 4.85 6.71 -5.57
C GLU A 16 5.29 5.25 -5.52
N LEU A 17 5.99 4.87 -4.47
CA LEU A 17 6.46 3.51 -4.31
C LEU A 17 5.95 2.90 -3.01
N CYS A 18 5.89 1.57 -2.95
CA CYS A 18 5.42 0.87 -1.77
C CYS A 18 6.40 1.02 -0.62
N ALA A 19 5.95 0.69 0.59
CA ALA A 19 6.79 0.78 1.77
C ALA A 19 7.01 -0.59 2.41
N VAL A 20 5.96 -1.39 2.45
CA VAL A 20 6.03 -2.73 3.02
C VAL A 20 7.02 -3.60 2.27
N CYS A 21 6.94 -3.57 0.94
CA CYS A 21 7.84 -4.35 0.10
C CYS A 21 8.87 -3.46 -0.59
N LEU A 22 8.55 -2.18 -0.69
CA LEU A 22 9.44 -1.21 -1.33
C LEU A 22 9.68 -1.58 -2.79
N GLU A 23 8.60 -1.75 -3.55
CA GLU A 23 8.69 -2.09 -4.95
C GLU A 23 7.70 -1.27 -5.78
N ASP A 24 8.16 -0.78 -6.93
CA ASP A 24 7.33 0.03 -7.81
C ASP A 24 5.93 -0.58 -7.92
N PHE A 25 4.94 0.29 -8.08
CA PHE A 25 3.55 -0.15 -8.20
C PHE A 25 3.20 -0.46 -9.65
N LYS A 26 3.32 -1.73 -10.02
CA LYS A 26 3.01 -2.15 -11.39
C LYS A 26 1.50 -2.23 -11.61
N PRO A 27 1.08 -2.13 -12.88
CA PRO A 27 -0.33 -2.19 -13.26
C PRO A 27 -0.93 -3.58 -13.06
N ARG A 28 -0.19 -4.61 -13.46
CA ARG A 28 -0.65 -5.98 -13.33
C ARG A 28 -1.18 -6.25 -11.93
N ASP A 29 -0.51 -5.67 -10.93
CA ASP A 29 -0.91 -5.85 -9.54
C ASP A 29 -1.89 -4.75 -9.12
N GLU A 30 -2.96 -5.14 -8.45
CA GLU A 30 -3.96 -4.19 -7.99
C GLU A 30 -3.38 -3.25 -6.93
N LEU A 31 -3.79 -1.98 -6.99
CA LEU A 31 -3.30 -0.99 -6.04
C LEU A 31 -4.44 -0.43 -5.20
N GLY A 32 -4.39 -0.70 -3.90
CA GLY A 32 -5.43 -0.22 -3.01
C GLY A 32 -5.08 1.12 -2.37
N ILE A 33 -5.76 2.17 -2.80
CA ILE A 33 -5.52 3.51 -2.28
C ILE A 33 -6.30 3.75 -0.99
N CYS A 34 -5.58 3.81 0.13
CA CYS A 34 -6.21 4.02 1.43
C CYS A 34 -6.79 5.44 1.51
N PRO A 35 -7.73 5.63 2.46
CA PRO A 35 -8.38 6.93 2.67
C PRO A 35 -7.43 7.97 3.26
N CYS A 36 -6.16 7.59 3.40
CA CYS A 36 -5.15 8.49 3.94
C CYS A 36 -4.21 8.98 2.85
N LYS A 37 -4.75 9.18 1.65
CA LYS A 37 -3.96 9.65 0.52
C LYS A 37 -2.69 8.84 0.37
N HIS A 38 -2.82 7.51 0.49
CA HIS A 38 -1.67 6.61 0.36
C HIS A 38 -2.06 5.36 -0.41
N ALA A 39 -1.12 4.86 -1.22
CA ALA A 39 -1.36 3.67 -2.02
C ALA A 39 -0.49 2.51 -1.53
N PHE A 40 -1.05 1.30 -1.55
CA PHE A 40 -0.33 0.12 -1.11
C PHE A 40 -0.80 -1.12 -1.87
N HIS A 41 0.10 -2.07 -2.06
CA HIS A 41 -0.21 -3.30 -2.77
C HIS A 41 -1.32 -4.08 -2.05
N ARG A 42 -2.30 -4.56 -2.81
CA ARG A 42 -3.41 -5.31 -2.24
C ARG A 42 -2.92 -6.26 -1.15
N LYS A 43 -1.86 -7.00 -1.46
CA LYS A 43 -1.29 -7.95 -0.51
C LYS A 43 -0.58 -7.22 0.64
N CYS A 44 0.48 -6.49 0.29
CA CYS A 44 1.25 -5.76 1.29
C CYS A 44 0.32 -5.16 2.35
N LEU A 45 -0.78 -4.57 1.90
CA LEU A 45 -1.75 -3.96 2.81
C LEU A 45 -2.44 -5.02 3.66
N ILE A 46 -3.19 -5.90 3.00
CA ILE A 46 -3.91 -6.97 3.69
C ILE A 46 -3.02 -7.62 4.75
N LYS A 47 -1.79 -7.95 4.36
CA LYS A 47 -0.85 -8.58 5.28
C LYS A 47 -0.45 -7.62 6.40
N TRP A 48 0.08 -6.45 6.01
CA TRP A 48 0.50 -5.45 6.98
C TRP A 48 -0.60 -5.19 8.01
N LEU A 49 -1.85 -5.22 7.56
CA LEU A 49 -2.98 -4.99 8.43
C LEU A 49 -3.00 -5.99 9.59
N GLU A 50 -2.62 -7.23 9.29
CA GLU A 50 -2.58 -8.28 10.31
C GLU A 50 -1.77 -7.85 11.52
N VAL A 51 -0.49 -7.55 11.29
CA VAL A 51 0.40 -7.11 12.36
C VAL A 51 0.06 -5.70 12.82
N ARG A 52 -0.07 -4.79 11.86
CA ARG A 52 -0.39 -3.40 12.17
C ARG A 52 -1.60 -2.93 11.36
N LYS A 53 -2.69 -2.62 12.06
CA LYS A 53 -3.91 -2.17 11.40
C LYS A 53 -3.86 -0.66 11.15
N VAL A 54 -2.73 -0.20 10.63
CA VAL A 54 -2.55 1.22 10.33
C VAL A 54 -1.62 1.42 9.14
N CYS A 55 -1.58 2.66 8.64
CA CYS A 55 -0.74 2.98 7.49
C CYS A 55 0.72 3.10 7.92
N PRO A 56 1.59 2.35 7.23
CA PRO A 56 3.03 2.35 7.52
C PRO A 56 3.71 3.66 7.10
N LEU A 57 2.90 4.62 6.68
CA LEU A 57 3.41 5.92 6.26
C LEU A 57 2.97 7.02 7.22
N CYS A 58 1.67 7.32 7.22
CA CYS A 58 1.13 8.35 8.09
C CYS A 58 0.86 7.79 9.49
N ASN A 59 0.58 6.49 9.56
CA ASN A 59 0.31 5.82 10.83
C ASN A 59 -1.09 6.18 11.32
N MET A 60 -2.04 6.25 10.40
CA MET A 60 -3.42 6.59 10.74
C MET A 60 -4.30 5.34 10.72
N PRO A 61 -5.17 5.20 11.74
CA PRO A 61 -6.07 4.06 11.85
C PRO A 61 -7.16 4.07 10.79
N VAL A 62 -7.06 3.16 9.83
CA VAL A 62 -8.04 3.07 8.76
C VAL A 62 -9.20 2.16 9.15
N LEU A 63 -10.35 2.76 9.42
CA LEU A 63 -11.54 1.99 9.81
C LEU A 63 -12.50 1.86 8.63
N GLN A 64 -11.95 1.62 7.45
CA GLN A 64 -12.77 1.46 6.24
C GLN A 64 -13.43 0.09 6.21
N LEU A 65 -14.63 0.00 6.76
CA LEU A 65 -15.36 -1.26 6.78
C LEU A 65 -16.56 -1.20 5.84
N ALA A 66 -16.31 -1.44 4.56
CA ALA A 66 -17.37 -1.42 3.55
C ALA A 66 -17.89 -2.83 3.28
N GLN A 67 -16.96 -3.78 3.14
CA GLN A 67 -17.33 -5.16 2.87
C GLN A 67 -18.52 -5.59 3.73
N LEU A 68 -19.59 -6.03 3.09
CA LEU A 68 -20.79 -6.46 3.80
C LEU A 68 -20.90 -7.98 3.80
N SER A 69 -20.65 -8.58 2.64
CA SER A 69 -20.73 -10.03 2.50
C SER A 69 -19.70 -10.54 1.48
N GLY A 70 -19.46 -11.84 1.49
CA GLY A 70 -18.51 -12.43 0.57
C GLY A 70 -17.10 -12.44 1.12
N PRO A 71 -16.77 -13.48 1.91
CA PRO A 71 -15.44 -13.62 2.51
C PRO A 71 -14.37 -13.93 1.47
N SER A 72 -14.70 -14.77 0.51
CA SER A 72 -13.76 -15.15 -0.55
C SER A 72 -13.57 -14.00 -1.53
N SER A 73 -12.47 -14.07 -2.29
CA SER A 73 -12.16 -13.04 -3.28
C SER A 73 -12.15 -13.62 -4.68
N GLY A 74 -13.31 -13.61 -5.34
CA GLY A 74 -13.41 -14.14 -6.69
C GLY A 74 -12.19 -13.81 -7.53
N GLY A 1 21.39 6.25 12.61
CA GLY A 1 20.84 5.49 11.51
C GLY A 1 21.88 4.59 10.85
N SER A 2 21.76 3.29 11.07
CA SER A 2 22.69 2.32 10.51
C SER A 2 22.25 1.90 9.11
N SER A 3 23.21 1.45 8.30
CA SER A 3 22.92 1.01 6.94
C SER A 3 23.72 -0.24 6.59
N GLY A 4 23.32 -0.90 5.51
CA GLY A 4 24.01 -2.11 5.08
C GLY A 4 23.23 -2.88 4.04
N SER A 5 22.70 -2.17 3.05
CA SER A 5 21.93 -2.80 1.98
C SER A 5 22.34 -2.28 0.62
N SER A 6 21.83 -2.90 -0.44
CA SER A 6 22.14 -2.49 -1.80
C SER A 6 22.04 -0.97 -1.95
N GLY A 7 22.82 -0.44 -2.89
CA GLY A 7 22.81 1.00 -3.12
C GLY A 7 21.74 1.41 -4.12
N LYS A 8 20.56 1.71 -3.63
CA LYS A 8 19.45 2.13 -4.49
C LYS A 8 18.87 3.45 -4.03
N VAL A 9 18.56 4.33 -4.98
CA VAL A 9 17.99 5.63 -4.68
C VAL A 9 17.47 6.31 -5.93
N LYS A 10 16.31 6.94 -5.82
CA LYS A 10 15.70 7.64 -6.95
C LYS A 10 15.46 9.11 -6.61
N GLU A 11 15.48 9.96 -7.63
CA GLU A 11 15.28 11.39 -7.45
C GLU A 11 13.79 11.74 -7.55
N LEU A 12 13.44 12.95 -7.13
CA LEU A 12 12.06 13.41 -7.17
C LEU A 12 11.11 12.30 -6.77
N ASN A 13 11.48 11.54 -5.74
CA ASN A 13 10.66 10.44 -5.24
C ASN A 13 9.96 10.82 -3.95
N LEU A 14 8.73 11.30 -4.06
CA LEU A 14 7.95 11.70 -2.89
C LEU A 14 7.24 10.50 -2.28
N HIS A 15 8.02 9.49 -1.88
CA HIS A 15 7.46 8.29 -1.26
C HIS A 15 6.38 7.68 -2.16
N GLU A 16 6.69 7.53 -3.45
CA GLU A 16 5.76 6.96 -4.40
C GLU A 16 6.04 5.48 -4.62
N LEU A 17 6.33 4.77 -3.54
CA LEU A 17 6.62 3.35 -3.60
C LEU A 17 6.08 2.62 -2.38
N CYS A 18 5.66 1.38 -2.57
CA CYS A 18 5.12 0.57 -1.47
C CYS A 18 6.16 0.39 -0.37
N ALA A 19 5.92 1.02 0.78
CA ALA A 19 6.83 0.93 1.91
C ALA A 19 6.80 -0.48 2.52
N VAL A 20 5.72 -1.20 2.29
CA VAL A 20 5.57 -2.54 2.81
C VAL A 20 6.65 -3.48 2.26
N CYS A 21 6.86 -3.40 0.95
CA CYS A 21 7.87 -4.23 0.30
C CYS A 21 8.99 -3.37 -0.30
N LEU A 22 8.84 -2.06 -0.17
CA LEU A 22 9.83 -1.12 -0.69
C LEU A 22 10.03 -1.34 -2.19
N GLU A 23 8.94 -1.29 -2.95
CA GLU A 23 9.00 -1.47 -4.39
C GLU A 23 8.09 -0.48 -5.10
N ASP A 24 8.27 -0.36 -6.41
CA ASP A 24 7.45 0.55 -7.21
C ASP A 24 6.04 0.02 -7.38
N PHE A 25 5.12 0.90 -7.76
CA PHE A 25 3.72 0.51 -7.95
C PHE A 25 3.44 0.21 -9.42
N LYS A 26 2.91 -0.98 -9.68
CA LYS A 26 2.59 -1.38 -11.05
C LYS A 26 1.08 -1.61 -11.21
N PRO A 27 0.57 -1.30 -12.41
CA PRO A 27 -0.85 -1.46 -12.72
C PRO A 27 -1.26 -2.93 -12.80
N ARG A 28 -0.40 -3.74 -13.39
CA ARG A 28 -0.68 -5.17 -13.54
C ARG A 28 -1.14 -5.77 -12.22
N ASP A 29 -0.56 -5.31 -11.12
CA ASP A 29 -0.93 -5.80 -9.79
C ASP A 29 -1.88 -4.84 -9.10
N GLU A 30 -3.09 -5.30 -8.82
CA GLU A 30 -4.10 -4.47 -8.16
C GLU A 30 -3.51 -3.77 -6.94
N LEU A 31 -3.92 -2.53 -6.73
CA LEU A 31 -3.44 -1.76 -5.60
C LEU A 31 -4.59 -1.09 -4.85
N GLY A 32 -4.59 -1.22 -3.53
CA GLY A 32 -5.64 -0.63 -2.72
C GLY A 32 -5.29 0.76 -2.24
N ILE A 33 -6.09 1.74 -2.64
CA ILE A 33 -5.85 3.12 -2.24
C ILE A 33 -6.55 3.44 -0.92
N CYS A 34 -5.85 4.15 -0.05
CA CYS A 34 -6.40 4.52 1.26
C CYS A 34 -6.86 5.97 1.25
N PRO A 35 -7.74 6.33 2.19
CA PRO A 35 -8.27 7.68 2.32
C PRO A 35 -7.22 8.68 2.81
N CYS A 36 -5.99 8.19 2.96
CA CYS A 36 -4.89 9.05 3.41
C CYS A 36 -3.88 9.27 2.30
N LYS A 37 -4.35 9.17 1.05
CA LYS A 37 -3.49 9.36 -0.11
C LYS A 37 -2.30 8.40 -0.07
N HIS A 38 -2.59 7.12 0.15
CA HIS A 38 -1.54 6.11 0.21
C HIS A 38 -2.06 4.76 -0.29
N ALA A 39 -1.40 4.22 -1.31
CA ALA A 39 -1.79 2.93 -1.87
C ALA A 39 -0.75 1.86 -1.58
N PHE A 40 -1.20 0.62 -1.43
CA PHE A 40 -0.30 -0.50 -1.15
C PHE A 40 -0.82 -1.79 -1.79
N HIS A 41 0.11 -2.58 -2.33
CA HIS A 41 -0.26 -3.84 -2.97
C HIS A 41 -1.34 -4.56 -2.18
N ARG A 42 -2.44 -4.90 -2.85
CA ARG A 42 -3.55 -5.59 -2.21
C ARG A 42 -3.04 -6.64 -1.22
N LYS A 43 -1.97 -7.33 -1.60
CA LYS A 43 -1.37 -8.36 -0.75
C LYS A 43 -0.61 -7.73 0.40
N CYS A 44 0.26 -6.78 0.08
CA CYS A 44 1.06 -6.10 1.11
C CYS A 44 0.17 -5.55 2.21
N LEU A 45 -0.82 -4.75 1.82
CA LEU A 45 -1.75 -4.15 2.77
C LEU A 45 -2.36 -5.22 3.67
N ILE A 46 -3.15 -6.11 3.08
CA ILE A 46 -3.80 -7.18 3.82
C ILE A 46 -2.88 -7.72 4.92
N LYS A 47 -1.66 -8.08 4.53
CA LYS A 47 -0.69 -8.61 5.48
C LYS A 47 -0.37 -7.59 6.57
N TRP A 48 0.16 -6.44 6.15
CA TRP A 48 0.51 -5.37 7.09
C TRP A 48 -0.63 -5.12 8.06
N LEU A 49 -1.86 -5.32 7.59
CA LEU A 49 -3.04 -5.11 8.44
C LEU A 49 -3.12 -6.15 9.54
N GLU A 50 -2.76 -7.39 9.21
CA GLU A 50 -2.79 -8.48 10.18
C GLU A 50 -2.19 -8.03 11.52
N VAL A 51 -0.99 -7.46 11.45
CA VAL A 51 -0.31 -6.99 12.66
C VAL A 51 -0.36 -5.47 12.76
N ARG A 52 0.04 -4.79 11.69
CA ARG A 52 0.04 -3.33 11.66
C ARG A 52 -1.29 -2.80 11.14
N LYS A 53 -2.20 -2.49 12.06
CA LYS A 53 -3.52 -1.98 11.68
C LYS A 53 -3.45 -0.47 11.39
N VAL A 54 -2.38 -0.05 10.72
CA VAL A 54 -2.19 1.35 10.38
C VAL A 54 -1.41 1.51 9.09
N CYS A 55 -1.26 2.75 8.63
CA CYS A 55 -0.54 3.03 7.39
C CYS A 55 0.97 3.08 7.65
N PRO A 56 1.72 2.25 6.90
CA PRO A 56 3.18 2.18 7.02
C PRO A 56 3.86 3.44 6.50
N LEU A 57 3.07 4.46 6.20
CA LEU A 57 3.60 5.71 5.70
C LEU A 57 3.28 6.87 6.65
N CYS A 58 1.99 7.19 6.76
CA CYS A 58 1.55 8.26 7.64
C CYS A 58 1.36 7.76 9.06
N ASN A 59 1.34 6.44 9.22
CA ASN A 59 1.16 5.83 10.53
C ASN A 59 -0.17 6.25 11.15
N MET A 60 -1.24 6.15 10.37
CA MET A 60 -2.57 6.52 10.83
C MET A 60 -3.47 5.30 10.91
N PRO A 61 -4.49 5.36 11.77
CA PRO A 61 -5.44 4.27 11.96
C PRO A 61 -6.37 4.09 10.76
N VAL A 62 -6.16 3.01 10.01
CA VAL A 62 -6.98 2.73 8.83
C VAL A 62 -7.67 1.38 8.96
N LEU A 63 -8.99 1.42 9.12
CA LEU A 63 -9.78 0.20 9.25
C LEU A 63 -11.02 0.25 8.36
N GLN A 64 -10.89 -0.30 7.16
CA GLN A 64 -11.99 -0.31 6.21
C GLN A 64 -12.39 -1.74 5.85
N LEU A 65 -13.17 -2.37 6.71
CA LEU A 65 -13.62 -3.75 6.49
C LEU A 65 -14.96 -4.00 7.16
N ALA A 66 -15.95 -4.41 6.37
CA ALA A 66 -17.28 -4.70 6.89
C ALA A 66 -17.69 -6.13 6.58
N GLN A 67 -16.75 -7.06 6.69
CA GLN A 67 -17.02 -8.46 6.43
C GLN A 67 -17.88 -8.62 5.18
N LEU A 68 -17.57 -7.86 4.15
CA LEU A 68 -18.32 -7.91 2.90
C LEU A 68 -18.33 -9.33 2.33
N SER A 69 -17.14 -9.89 2.14
CA SER A 69 -17.01 -11.24 1.61
C SER A 69 -15.59 -11.76 1.78
N GLY A 70 -15.44 -13.08 1.81
CA GLY A 70 -14.14 -13.68 1.97
C GLY A 70 -13.91 -14.83 1.01
N PRO A 71 -13.54 -16.00 1.55
CA PRO A 71 -13.29 -17.21 0.75
C PRO A 71 -14.56 -17.77 0.13
N SER A 72 -15.68 -17.09 0.37
CA SER A 72 -16.96 -17.53 -0.16
C SER A 72 -16.80 -18.19 -1.54
N SER A 73 -16.78 -19.52 -1.56
CA SER A 73 -16.61 -20.25 -2.81
C SER A 73 -17.90 -20.22 -3.63
N GLY A 74 -17.83 -20.76 -4.84
CA GLY A 74 -18.99 -20.77 -5.71
C GLY A 74 -20.05 -21.76 -5.25
N GLY A 1 1.43 -23.85 2.74
CA GLY A 1 0.69 -24.06 1.50
C GLY A 1 0.81 -22.88 0.56
N SER A 2 1.88 -22.86 -0.22
CA SER A 2 2.11 -21.78 -1.18
C SER A 2 2.69 -22.31 -2.48
N SER A 3 2.41 -21.62 -3.58
CA SER A 3 2.90 -22.03 -4.89
C SER A 3 4.00 -21.09 -5.38
N GLY A 4 5.23 -21.36 -4.97
CA GLY A 4 6.35 -20.52 -5.37
C GLY A 4 6.01 -19.04 -5.31
N SER A 5 6.78 -18.24 -6.05
CA SER A 5 6.56 -16.80 -6.08
C SER A 5 6.08 -16.35 -7.45
N SER A 6 5.58 -15.13 -7.52
CA SER A 6 5.08 -14.58 -8.78
C SER A 6 5.41 -13.08 -8.89
N GLY A 7 5.92 -12.68 -10.05
CA GLY A 7 6.28 -11.29 -10.26
C GLY A 7 7.23 -11.10 -11.43
N LYS A 8 6.79 -10.36 -12.43
CA LYS A 8 7.61 -10.11 -13.62
C LYS A 8 7.72 -8.61 -13.88
N VAL A 9 8.93 -8.07 -13.76
CA VAL A 9 9.17 -6.65 -14.00
C VAL A 9 8.73 -6.25 -15.40
N LYS A 10 8.05 -5.11 -15.50
CA LYS A 10 7.58 -4.62 -16.79
C LYS A 10 8.26 -3.30 -17.15
N GLU A 11 8.33 -3.00 -18.44
CA GLU A 11 8.95 -1.78 -18.92
C GLU A 11 8.12 -0.55 -18.54
N LEU A 12 8.29 -0.07 -17.32
CA LEU A 12 7.56 1.09 -16.84
C LEU A 12 8.38 1.87 -15.82
N ASN A 13 7.90 3.07 -15.46
CA ASN A 13 8.59 3.91 -14.50
C ASN A 13 7.65 4.33 -13.38
N LEU A 14 8.22 4.77 -12.26
CA LEU A 14 7.44 5.20 -11.11
C LEU A 14 8.28 6.03 -10.15
N HIS A 15 7.64 6.93 -9.43
CA HIS A 15 8.32 7.79 -8.48
C HIS A 15 8.06 7.33 -7.04
N GLU A 16 6.82 6.94 -6.78
CA GLU A 16 6.43 6.48 -5.44
C GLU A 16 6.42 4.96 -5.37
N LEU A 17 7.40 4.41 -4.66
CA LEU A 17 7.51 2.96 -4.51
C LEU A 17 6.85 2.50 -3.21
N CYS A 18 6.35 1.27 -3.21
CA CYS A 18 5.70 0.70 -2.03
C CYS A 18 6.51 1.00 -0.77
N ALA A 19 5.87 0.82 0.38
CA ALA A 19 6.53 1.07 1.66
C ALA A 19 6.85 -0.24 2.38
N VAL A 20 5.97 -1.23 2.22
CA VAL A 20 6.15 -2.52 2.85
C VAL A 20 7.29 -3.30 2.20
N CYS A 21 7.12 -3.60 0.92
CA CYS A 21 8.13 -4.34 0.17
C CYS A 21 9.17 -3.39 -0.43
N LEU A 22 8.79 -2.14 -0.61
CA LEU A 22 9.68 -1.13 -1.17
C LEU A 22 10.03 -1.46 -2.61
N GLU A 23 9.02 -1.67 -3.44
CA GLU A 23 9.23 -2.00 -4.84
C GLU A 23 8.30 -1.18 -5.74
N ASP A 24 8.80 -0.79 -6.90
CA ASP A 24 8.01 0.00 -7.85
C ASP A 24 6.65 -0.65 -8.09
N PHE A 25 5.59 0.05 -7.69
CA PHE A 25 4.23 -0.46 -7.86
C PHE A 25 3.99 -0.90 -9.30
N LYS A 26 2.92 -1.66 -9.50
CA LYS A 26 2.58 -2.16 -10.83
C LYS A 26 1.08 -2.05 -11.08
N PRO A 27 0.71 -1.70 -12.33
CA PRO A 27 -0.70 -1.56 -12.73
C PRO A 27 -1.42 -2.91 -12.78
N ARG A 28 -0.72 -3.94 -13.21
CA ARG A 28 -1.30 -5.27 -13.31
C ARG A 28 -2.05 -5.63 -12.04
N ASP A 29 -1.50 -5.24 -10.89
CA ASP A 29 -2.12 -5.51 -9.60
C ASP A 29 -3.21 -4.48 -9.30
N GLU A 30 -4.11 -4.83 -8.38
CA GLU A 30 -5.20 -3.94 -8.00
C GLU A 30 -4.77 -3.00 -6.89
N LEU A 31 -3.77 -2.17 -7.17
CA LEU A 31 -3.25 -1.22 -6.19
C LEU A 31 -4.40 -0.65 -5.34
N GLY A 32 -4.43 -1.04 -4.07
CA GLY A 32 -5.46 -0.56 -3.18
C GLY A 32 -5.14 0.81 -2.60
N ILE A 33 -5.95 1.80 -2.94
CA ILE A 33 -5.74 3.16 -2.45
C ILE A 33 -6.39 3.36 -1.09
N CYS A 34 -5.68 4.01 -0.18
CA CYS A 34 -6.18 4.27 1.16
C CYS A 34 -6.78 5.68 1.26
N PRO A 35 -7.70 5.86 2.22
CA PRO A 35 -8.36 7.15 2.43
C PRO A 35 -7.41 8.20 3.00
N CYS A 36 -6.13 7.85 3.11
CA CYS A 36 -5.13 8.76 3.64
C CYS A 36 -4.15 9.16 2.53
N LYS A 37 -4.60 9.11 1.29
CA LYS A 37 -3.76 9.47 0.15
C LYS A 37 -2.52 8.59 0.09
N HIS A 38 -2.68 7.32 0.41
CA HIS A 38 -1.57 6.37 0.39
C HIS A 38 -1.97 5.07 -0.29
N ALA A 39 -1.18 4.65 -1.26
CA ALA A 39 -1.45 3.41 -1.99
C ALA A 39 -0.47 2.31 -1.60
N PHE A 40 -0.93 1.07 -1.68
CA PHE A 40 -0.08 -0.08 -1.33
C PHE A 40 -0.48 -1.31 -2.13
N HIS A 41 0.40 -2.30 -2.15
CA HIS A 41 0.13 -3.54 -2.89
C HIS A 41 -0.98 -4.33 -2.23
N ARG A 42 -1.94 -4.79 -3.04
CA ARG A 42 -3.07 -5.55 -2.53
C ARG A 42 -2.62 -6.50 -1.42
N LYS A 43 -1.47 -7.15 -1.62
CA LYS A 43 -0.94 -8.08 -0.63
C LYS A 43 -0.27 -7.33 0.52
N CYS A 44 0.83 -6.64 0.22
CA CYS A 44 1.55 -5.88 1.23
C CYS A 44 0.60 -5.31 2.26
N LEU A 45 -0.35 -4.50 1.81
CA LEU A 45 -1.32 -3.88 2.71
C LEU A 45 -1.91 -4.91 3.66
N ILE A 46 -2.67 -5.87 3.12
CA ILE A 46 -3.29 -6.91 3.93
C ILE A 46 -2.32 -7.42 4.99
N LYS A 47 -1.16 -7.88 4.55
CA LYS A 47 -0.14 -8.40 5.46
C LYS A 47 0.12 -7.41 6.60
N TRP A 48 0.30 -6.14 6.25
CA TRP A 48 0.55 -5.11 7.25
C TRP A 48 -0.64 -4.96 8.20
N LEU A 49 -1.83 -4.91 7.63
CA LEU A 49 -3.05 -4.77 8.42
C LEU A 49 -3.11 -5.83 9.52
N GLU A 50 -2.64 -7.03 9.20
CA GLU A 50 -2.63 -8.13 10.16
C GLU A 50 -1.86 -7.74 11.42
N VAL A 51 -0.57 -7.46 11.25
CA VAL A 51 0.29 -7.09 12.37
C VAL A 51 -0.19 -5.78 13.01
N ARG A 52 -0.54 -4.81 12.18
CA ARG A 52 -1.02 -3.52 12.66
C ARG A 52 -2.10 -2.97 11.76
N LYS A 53 -3.26 -2.67 12.35
CA LYS A 53 -4.40 -2.13 11.60
C LYS A 53 -4.21 -0.64 11.34
N VAL A 54 -3.01 -0.27 10.90
CA VAL A 54 -2.71 1.13 10.62
C VAL A 54 -1.87 1.27 9.36
N CYS A 55 -1.74 2.50 8.86
CA CYS A 55 -0.97 2.76 7.66
C CYS A 55 0.53 2.86 7.98
N PRO A 56 1.34 2.06 7.28
CA PRO A 56 2.79 2.04 7.47
C PRO A 56 3.45 3.32 6.96
N LEU A 57 2.64 4.30 6.58
CA LEU A 57 3.16 5.57 6.09
C LEU A 57 2.82 6.70 7.05
N CYS A 58 1.54 7.01 7.18
CA CYS A 58 1.08 8.07 8.08
C CYS A 58 0.92 7.55 9.50
N ASN A 59 0.88 6.23 9.64
CA ASN A 59 0.72 5.60 10.95
C ASN A 59 -0.59 6.02 11.59
N MET A 60 -1.66 6.05 10.80
CA MET A 60 -2.97 6.43 11.29
C MET A 60 -3.92 5.24 11.29
N PRO A 61 -4.64 5.05 12.41
CA PRO A 61 -5.59 3.95 12.56
C PRO A 61 -6.82 4.12 11.67
N VAL A 62 -6.92 3.29 10.63
CA VAL A 62 -8.05 3.36 9.71
C VAL A 62 -9.17 2.41 10.15
N LEU A 63 -10.40 2.88 10.03
CA LEU A 63 -11.57 2.08 10.41
C LEU A 63 -12.60 2.06 9.29
N GLN A 64 -12.38 1.20 8.30
CA GLN A 64 -13.30 1.08 7.17
C GLN A 64 -12.90 -0.07 6.26
N LEU A 65 -13.79 -1.03 6.09
CA LEU A 65 -13.53 -2.19 5.24
C LEU A 65 -14.39 -2.14 3.98
N ALA A 66 -13.79 -1.76 2.86
CA ALA A 66 -14.49 -1.69 1.59
C ALA A 66 -15.94 -1.22 1.79
N GLN A 67 -16.11 -0.22 2.66
CA GLN A 67 -17.43 0.32 2.95
C GLN A 67 -17.41 1.83 2.94
N LEU A 68 -17.73 2.43 1.80
CA LEU A 68 -17.74 3.88 1.66
C LEU A 68 -19.04 4.46 2.22
N SER A 69 -19.09 4.63 3.53
CA SER A 69 -20.28 5.18 4.18
C SER A 69 -20.61 6.57 3.64
N GLY A 70 -19.62 7.46 3.67
CA GLY A 70 -19.83 8.81 3.18
C GLY A 70 -19.18 9.86 4.06
N PRO A 71 -18.46 10.81 3.43
CA PRO A 71 -17.77 11.89 4.15
C PRO A 71 -18.75 12.88 4.77
N SER A 72 -20.04 12.62 4.61
CA SER A 72 -21.07 13.50 5.15
C SER A 72 -22.14 12.70 5.88
N SER A 73 -22.59 13.21 7.01
CA SER A 73 -23.62 12.54 7.80
C SER A 73 -25.00 13.09 7.48
N GLY A 74 -25.26 13.31 6.19
CA GLY A 74 -26.55 13.83 5.77
C GLY A 74 -27.03 14.98 6.65
N GLY A 1 16.23 -13.55 -1.44
CA GLY A 1 15.66 -14.12 -2.65
C GLY A 1 16.43 -13.70 -3.89
N SER A 2 15.91 -14.07 -5.06
CA SER A 2 16.56 -13.74 -6.32
C SER A 2 16.79 -12.24 -6.44
N SER A 3 18.07 -11.86 -6.47
CA SER A 3 18.44 -10.44 -6.57
C SER A 3 19.19 -10.18 -7.88
N GLY A 4 18.51 -9.51 -8.82
CA GLY A 4 19.12 -9.20 -10.09
C GLY A 4 18.73 -7.82 -10.59
N SER A 5 19.06 -6.79 -9.82
CA SER A 5 18.74 -5.42 -10.20
C SER A 5 20.01 -4.63 -10.51
N SER A 6 20.91 -5.26 -11.27
CA SER A 6 22.17 -4.62 -11.65
C SER A 6 21.91 -3.39 -12.51
N GLY A 7 22.82 -2.43 -12.43
CA GLY A 7 22.69 -1.20 -13.21
C GLY A 7 21.48 -0.38 -12.78
N LYS A 8 21.30 -0.25 -11.47
CA LYS A 8 20.19 0.52 -10.93
C LYS A 8 20.67 1.54 -9.91
N VAL A 9 20.97 2.74 -10.38
CA VAL A 9 21.44 3.81 -9.50
C VAL A 9 20.64 5.09 -9.70
N LYS A 10 19.49 5.17 -9.05
CA LYS A 10 18.63 6.34 -9.16
C LYS A 10 18.42 7.00 -7.79
N GLU A 11 18.85 8.25 -7.68
CA GLU A 11 18.72 8.99 -6.43
C GLU A 11 17.75 10.15 -6.59
N LEU A 12 16.65 9.92 -7.30
CA LEU A 12 15.65 10.95 -7.52
C LEU A 12 14.34 10.61 -6.82
N ASN A 13 13.53 11.62 -6.57
CA ASN A 13 12.24 11.42 -5.91
C ASN A 13 11.09 11.80 -6.82
N LEU A 14 10.59 10.83 -7.58
CA LEU A 14 9.48 11.07 -8.50
C LEU A 14 8.43 9.98 -8.36
N HIS A 15 8.82 8.74 -8.61
CA HIS A 15 7.91 7.60 -8.52
C HIS A 15 7.67 7.22 -7.06
N GLU A 16 6.46 6.76 -6.76
CA GLU A 16 6.11 6.36 -5.40
C GLU A 16 6.22 4.85 -5.23
N LEU A 17 7.22 4.41 -4.48
CA LEU A 17 7.43 2.99 -4.24
C LEU A 17 6.71 2.54 -2.98
N CYS A 18 6.22 1.30 -3.01
CA CYS A 18 5.51 0.74 -1.86
C CYS A 18 6.23 1.04 -0.56
N ALA A 19 5.53 0.86 0.56
CA ALA A 19 6.10 1.12 1.87
C ALA A 19 6.42 -0.19 2.61
N VAL A 20 5.69 -1.24 2.26
CA VAL A 20 5.89 -2.54 2.89
C VAL A 20 7.01 -3.32 2.20
N CYS A 21 6.84 -3.56 0.90
CA CYS A 21 7.83 -4.29 0.12
C CYS A 21 8.87 -3.34 -0.47
N LEU A 22 8.48 -2.08 -0.64
CA LEU A 22 9.37 -1.07 -1.19
C LEU A 22 9.75 -1.41 -2.63
N GLU A 23 8.74 -1.66 -3.47
CA GLU A 23 8.99 -1.99 -4.87
C GLU A 23 8.08 -1.19 -5.78
N ASP A 24 8.65 -0.66 -6.86
CA ASP A 24 7.89 0.14 -7.82
C ASP A 24 6.50 -0.43 -8.02
N PHE A 25 5.49 0.41 -7.87
CA PHE A 25 4.10 -0.01 -8.03
C PHE A 25 3.77 -0.27 -9.50
N LYS A 26 2.91 -1.24 -9.75
CA LYS A 26 2.52 -1.59 -11.10
C LYS A 26 1.00 -1.75 -11.20
N PRO A 27 0.43 -1.36 -12.35
CA PRO A 27 -1.01 -1.45 -12.60
C PRO A 27 -1.47 -2.90 -12.77
N ARG A 28 -0.64 -3.71 -13.41
CA ARG A 28 -0.96 -5.11 -13.62
C ARG A 28 -1.45 -5.77 -12.34
N ASP A 29 -0.83 -5.41 -11.23
CA ASP A 29 -1.19 -5.96 -9.93
C ASP A 29 -2.23 -5.07 -9.24
N GLU A 30 -3.30 -5.68 -8.74
CA GLU A 30 -4.35 -4.94 -8.06
C GLU A 30 -3.79 -4.19 -6.86
N LEU A 31 -4.02 -2.88 -6.84
CA LEU A 31 -3.54 -2.03 -5.75
C LEU A 31 -4.70 -1.48 -4.93
N GLY A 32 -4.41 -1.06 -3.70
CA GLY A 32 -5.44 -0.51 -2.85
C GLY A 32 -5.07 0.85 -2.29
N ILE A 33 -5.72 1.89 -2.79
CA ILE A 33 -5.45 3.25 -2.33
C ILE A 33 -6.26 3.58 -1.09
N CYS A 34 -5.58 3.93 -0.02
CA CYS A 34 -6.23 4.27 1.24
C CYS A 34 -6.67 5.73 1.25
N PRO A 35 -7.59 6.07 2.15
CA PRO A 35 -8.11 7.44 2.28
C PRO A 35 -7.07 8.41 2.85
N CYS A 36 -5.87 7.90 3.08
CA CYS A 36 -4.79 8.70 3.63
C CYS A 36 -3.79 9.08 2.54
N LYS A 37 -4.27 9.14 1.29
CA LYS A 37 -3.42 9.48 0.16
C LYS A 37 -2.19 8.58 0.10
N HIS A 38 -2.41 7.29 0.33
CA HIS A 38 -1.33 6.32 0.30
C HIS A 38 -1.78 5.02 -0.36
N ALA A 39 -1.01 4.56 -1.35
CA ALA A 39 -1.33 3.34 -2.05
C ALA A 39 -0.43 2.19 -1.61
N PHE A 40 -0.98 0.98 -1.56
CA PHE A 40 -0.22 -0.19 -1.15
C PHE A 40 -0.72 -1.44 -1.87
N HIS A 41 0.20 -2.31 -2.25
CA HIS A 41 -0.14 -3.55 -2.95
C HIS A 41 -1.25 -4.30 -2.22
N ARG A 42 -2.34 -4.56 -2.93
CA ARG A 42 -3.47 -5.26 -2.34
C ARG A 42 -3.00 -6.35 -1.37
N LYS A 43 -1.84 -6.93 -1.67
CA LYS A 43 -1.28 -7.98 -0.83
C LYS A 43 -0.53 -7.38 0.35
N CYS A 44 0.43 -6.50 0.06
CA CYS A 44 1.22 -5.87 1.11
C CYS A 44 0.33 -5.32 2.21
N LEU A 45 -0.69 -4.56 1.82
CA LEU A 45 -1.62 -3.97 2.78
C LEU A 45 -2.24 -5.05 3.66
N ILE A 46 -2.94 -5.99 3.03
CA ILE A 46 -3.58 -7.08 3.74
C ILE A 46 -2.63 -7.73 4.74
N LYS A 47 -1.42 -8.04 4.27
CA LYS A 47 -0.41 -8.66 5.11
C LYS A 47 -0.06 -7.76 6.30
N TRP A 48 0.33 -6.53 6.00
CA TRP A 48 0.68 -5.57 7.04
C TRP A 48 -0.42 -5.45 8.07
N LEU A 49 -1.65 -5.26 7.60
CA LEU A 49 -2.80 -5.13 8.48
C LEU A 49 -2.72 -6.12 9.63
N GLU A 50 -2.58 -7.39 9.30
CA GLU A 50 -2.49 -8.45 10.31
C GLU A 50 -1.67 -7.99 11.50
N VAL A 51 -0.55 -7.33 11.23
CA VAL A 51 0.33 -6.83 12.28
C VAL A 51 -0.23 -5.56 12.90
N ARG A 52 -0.27 -4.48 12.11
CA ARG A 52 -0.78 -3.21 12.59
C ARG A 52 -2.00 -2.77 11.78
N LYS A 53 -3.00 -2.23 12.47
CA LYS A 53 -4.22 -1.77 11.82
C LYS A 53 -4.11 -0.29 11.44
N VAL A 54 -2.94 0.12 10.99
CA VAL A 54 -2.70 1.51 10.60
C VAL A 54 -1.79 1.58 9.38
N CYS A 55 -1.72 2.77 8.78
CA CYS A 55 -0.88 2.98 7.60
C CYS A 55 0.59 3.04 7.99
N PRO A 56 1.41 2.24 7.29
CA PRO A 56 2.85 2.17 7.55
C PRO A 56 3.57 3.44 7.11
N LEU A 57 2.80 4.48 6.81
CA LEU A 57 3.37 5.75 6.37
C LEU A 57 2.93 6.88 7.30
N CYS A 58 1.62 7.12 7.34
CA CYS A 58 1.06 8.19 8.18
C CYS A 58 0.65 7.63 9.54
N ASN A 59 0.56 6.31 9.63
CA ASN A 59 0.18 5.65 10.87
C ASN A 59 -1.22 6.08 11.30
N MET A 60 -2.13 6.17 10.33
CA MET A 60 -3.50 6.56 10.60
C MET A 60 -4.42 5.34 10.70
N PRO A 61 -5.30 5.34 11.71
CA PRO A 61 -6.24 4.24 11.93
C PRO A 61 -7.31 4.16 10.86
N VAL A 62 -7.21 3.16 10.00
CA VAL A 62 -8.18 2.97 8.93
C VAL A 62 -8.46 1.49 8.68
N LEU A 63 -9.73 1.10 8.80
CA LEU A 63 -10.12 -0.28 8.59
C LEU A 63 -11.14 -0.40 7.46
N GLN A 64 -10.83 -1.23 6.47
CA GLN A 64 -11.71 -1.43 5.33
C GLN A 64 -12.80 -2.45 5.65
N LEU A 65 -14.05 -2.04 5.53
CA LEU A 65 -15.18 -2.91 5.81
C LEU A 65 -15.42 -3.89 4.66
N ALA A 66 -15.16 -5.17 4.92
CA ALA A 66 -15.35 -6.20 3.91
C ALA A 66 -16.82 -6.52 3.71
N GLN A 67 -17.52 -6.78 4.81
CA GLN A 67 -18.94 -7.10 4.76
C GLN A 67 -19.71 -6.03 4.00
N LEU A 68 -20.75 -6.44 3.27
CA LEU A 68 -21.57 -5.50 2.51
C LEU A 68 -23.04 -5.88 2.58
N SER A 69 -23.91 -4.89 2.45
CA SER A 69 -25.35 -5.12 2.49
C SER A 69 -26.06 -4.42 1.35
N GLY A 70 -26.22 -5.13 0.24
CA GLY A 70 -26.88 -4.54 -0.93
C GLY A 70 -25.96 -3.64 -1.72
N PRO A 71 -25.78 -3.95 -3.01
CA PRO A 71 -24.92 -3.17 -3.90
C PRO A 71 -25.51 -1.80 -4.22
N SER A 72 -24.83 -0.74 -3.78
CA SER A 72 -25.30 0.62 -4.01
C SER A 72 -26.81 0.72 -3.81
N SER A 73 -27.30 0.09 -2.75
CA SER A 73 -28.72 0.10 -2.44
C SER A 73 -29.04 1.17 -1.40
N GLY A 74 -29.62 2.27 -1.85
CA GLY A 74 -29.97 3.36 -0.95
C GLY A 74 -31.30 3.13 -0.26
N GLY A 1 25.61 5.04 31.81
CA GLY A 1 26.03 6.14 30.96
C GLY A 1 25.09 6.37 29.79
N SER A 2 25.46 7.29 28.91
CA SER A 2 24.64 7.61 27.74
C SER A 2 25.13 6.86 26.51
N SER A 3 24.26 6.05 25.93
CA SER A 3 24.61 5.26 24.74
C SER A 3 23.74 5.67 23.55
N GLY A 4 24.10 5.18 22.37
CA GLY A 4 23.35 5.50 21.17
C GLY A 4 24.00 4.94 19.92
N SER A 5 23.40 5.24 18.76
CA SER A 5 23.93 4.77 17.49
C SER A 5 23.70 5.79 16.39
N SER A 6 24.45 5.65 15.30
CA SER A 6 24.34 6.57 14.17
C SER A 6 23.54 5.94 13.03
N GLY A 7 22.35 6.49 12.79
CA GLY A 7 21.52 5.97 11.72
C GLY A 7 21.99 6.40 10.34
N LYS A 8 21.13 6.23 9.34
CA LYS A 8 21.47 6.60 7.98
C LYS A 8 20.65 7.80 7.52
N VAL A 9 21.33 8.80 6.97
CA VAL A 9 20.66 10.00 6.49
C VAL A 9 19.38 9.66 5.73
N LYS A 10 18.53 10.66 5.54
CA LYS A 10 17.27 10.46 4.82
C LYS A 10 17.25 11.26 3.52
N GLU A 11 16.57 10.73 2.51
CA GLU A 11 16.48 11.38 1.21
C GLU A 11 15.02 11.59 0.81
N LEU A 12 14.73 12.75 0.25
CA LEU A 12 13.37 13.07 -0.18
C LEU A 12 12.96 12.21 -1.38
N ASN A 13 11.73 11.73 -1.36
CA ASN A 13 11.21 10.89 -2.43
C ASN A 13 10.15 11.63 -3.24
N LEU A 14 10.34 11.69 -4.55
CA LEU A 14 9.40 12.37 -5.44
C LEU A 14 8.35 11.39 -5.97
N HIS A 15 8.82 10.25 -6.46
CA HIS A 15 7.92 9.23 -7.00
C HIS A 15 7.17 8.52 -5.88
N GLU A 16 6.35 7.55 -6.26
CA GLU A 16 5.57 6.79 -5.28
C GLU A 16 5.97 5.32 -5.30
N LEU A 17 6.49 4.84 -4.17
CA LEU A 17 6.91 3.45 -4.05
C LEU A 17 6.38 2.83 -2.77
N CYS A 18 5.84 1.61 -2.89
CA CYS A 18 5.29 0.90 -1.73
C CYS A 18 6.22 1.02 -0.53
N ALA A 19 5.70 0.68 0.64
CA ALA A 19 6.47 0.74 1.87
C ALA A 19 6.68 -0.64 2.47
N VAL A 20 5.68 -1.49 2.33
CA VAL A 20 5.75 -2.86 2.85
C VAL A 20 6.77 -3.68 2.09
N CYS A 21 6.73 -3.59 0.76
CA CYS A 21 7.65 -4.33 -0.09
C CYS A 21 8.69 -3.40 -0.71
N LEU A 22 8.39 -2.10 -0.71
CA LEU A 22 9.30 -1.11 -1.27
C LEU A 22 9.64 -1.44 -2.71
N GLU A 23 8.62 -1.65 -3.54
CA GLU A 23 8.81 -1.97 -4.94
C GLU A 23 7.93 -1.10 -5.82
N ASP A 24 8.55 -0.45 -6.81
CA ASP A 24 7.82 0.42 -7.73
C ASP A 24 6.44 -0.15 -8.03
N PHE A 25 5.41 0.64 -7.77
CA PHE A 25 4.03 0.22 -8.01
C PHE A 25 3.86 -0.25 -9.45
N LYS A 26 3.13 -1.35 -9.63
CA LYS A 26 2.89 -1.91 -10.95
C LYS A 26 1.39 -2.02 -11.23
N PRO A 27 1.00 -1.80 -12.49
CA PRO A 27 -0.40 -1.88 -12.91
C PRO A 27 -0.93 -3.31 -12.89
N ARG A 28 -0.04 -4.27 -13.13
CA ARG A 28 -0.42 -5.68 -13.14
C ARG A 28 -1.16 -6.05 -11.87
N ASP A 29 -0.70 -5.52 -10.74
CA ASP A 29 -1.32 -5.80 -9.45
C ASP A 29 -2.38 -4.75 -9.11
N GLU A 30 -3.29 -5.10 -8.22
CA GLU A 30 -4.35 -4.19 -7.81
C GLU A 30 -3.88 -3.26 -6.68
N LEU A 31 -3.41 -2.08 -7.06
CA LEU A 31 -2.93 -1.10 -6.09
C LEU A 31 -4.08 -0.55 -5.25
N GLY A 32 -4.17 -1.03 -4.01
CA GLY A 32 -5.23 -0.56 -3.13
C GLY A 32 -4.93 0.79 -2.52
N ILE A 33 -5.72 1.79 -2.88
CA ILE A 33 -5.54 3.14 -2.36
C ILE A 33 -6.24 3.32 -1.02
N CYS A 34 -5.54 3.94 -0.07
CA CYS A 34 -6.11 4.17 1.25
C CYS A 34 -6.75 5.55 1.33
N PRO A 35 -7.61 5.74 2.35
CA PRO A 35 -8.31 7.01 2.56
C PRO A 35 -7.38 8.12 3.01
N CYS A 36 -6.09 7.82 3.07
CA CYS A 36 -5.09 8.79 3.48
C CYS A 36 -4.24 9.24 2.29
N LYS A 37 -4.82 9.18 1.10
CA LYS A 37 -4.13 9.58 -0.12
C LYS A 37 -2.86 8.76 -0.31
N HIS A 38 -2.87 7.53 0.18
CA HIS A 38 -1.72 6.64 0.05
C HIS A 38 -2.04 5.45 -0.84
N ALA A 39 -1.01 4.80 -1.36
CA ALA A 39 -1.18 3.65 -2.24
C ALA A 39 -0.42 2.44 -1.70
N PHE A 40 -1.08 1.28 -1.74
CA PHE A 40 -0.47 0.05 -1.25
C PHE A 40 -0.99 -1.16 -2.03
N HIS A 41 -0.14 -2.18 -2.16
CA HIS A 41 -0.52 -3.39 -2.87
C HIS A 41 -1.53 -4.20 -2.08
N ARG A 42 -2.57 -4.68 -2.76
CA ARG A 42 -3.61 -5.48 -2.12
C ARG A 42 -3.02 -6.37 -1.03
N LYS A 43 -2.04 -7.18 -1.42
CA LYS A 43 -1.38 -8.09 -0.49
C LYS A 43 -0.64 -7.32 0.60
N CYS A 44 0.37 -6.55 0.20
CA CYS A 44 1.15 -5.77 1.13
C CYS A 44 0.28 -5.20 2.24
N LEU A 45 -0.85 -4.63 1.86
CA LEU A 45 -1.79 -4.06 2.83
C LEU A 45 -2.44 -5.15 3.66
N ILE A 46 -3.31 -5.93 3.04
CA ILE A 46 -3.99 -7.02 3.73
C ILE A 46 -3.08 -7.69 4.75
N LYS A 47 -1.87 -8.04 4.32
CA LYS A 47 -0.91 -8.68 5.21
C LYS A 47 -0.48 -7.73 6.33
N TRP A 48 0.05 -6.58 5.95
CA TRP A 48 0.51 -5.59 6.92
C TRP A 48 -0.55 -5.37 8.00
N LEU A 49 -1.76 -5.03 7.57
CA LEU A 49 -2.87 -4.78 8.50
C LEU A 49 -2.85 -5.80 9.63
N GLU A 50 -2.68 -7.07 9.28
CA GLU A 50 -2.65 -8.14 10.27
C GLU A 50 -1.71 -7.79 11.42
N VAL A 51 -0.46 -7.51 11.08
CA VAL A 51 0.55 -7.16 12.08
C VAL A 51 0.19 -5.86 12.78
N ARG A 52 0.06 -4.79 12.01
CA ARG A 52 -0.28 -3.48 12.55
C ARG A 52 -1.51 -2.89 11.84
N LYS A 53 -2.54 -2.59 12.62
CA LYS A 53 -3.77 -2.03 12.06
C LYS A 53 -3.61 -0.53 11.81
N VAL A 54 -2.49 -0.16 11.20
CA VAL A 54 -2.22 1.25 10.90
C VAL A 54 -1.49 1.39 9.56
N CYS A 55 -1.30 2.63 9.13
CA CYS A 55 -0.61 2.90 7.86
C CYS A 55 0.89 2.99 8.07
N PRO A 56 1.63 2.17 7.31
CA PRO A 56 3.10 2.13 7.38
C PRO A 56 3.74 3.40 6.83
N LEU A 57 2.92 4.40 6.55
CA LEU A 57 3.40 5.67 6.01
C LEU A 57 2.98 6.84 6.90
N CYS A 58 1.68 6.90 7.19
CA CYS A 58 1.14 7.96 8.03
C CYS A 58 0.67 7.42 9.37
N ASN A 59 1.08 6.20 9.68
CA ASN A 59 0.69 5.55 10.94
C ASN A 59 -0.76 5.87 11.28
N MET A 60 -1.63 5.85 10.28
CA MET A 60 -3.04 6.13 10.47
C MET A 60 -3.82 4.85 10.74
N PRO A 61 -4.78 4.91 11.68
CA PRO A 61 -5.60 3.76 12.05
C PRO A 61 -6.58 3.38 10.94
N VAL A 62 -6.32 2.25 10.29
CA VAL A 62 -7.17 1.77 9.21
C VAL A 62 -7.89 0.48 9.61
N LEU A 63 -9.21 0.52 9.62
CA LEU A 63 -10.01 -0.64 9.98
C LEU A 63 -10.53 -1.36 8.74
N GLN A 64 -10.28 -2.67 8.67
CA GLN A 64 -10.72 -3.46 7.53
C GLN A 64 -12.24 -3.40 7.38
N LEU A 65 -12.70 -2.81 6.28
CA LEU A 65 -14.12 -2.68 6.01
C LEU A 65 -14.50 -3.41 4.73
N ALA A 66 -14.01 -4.64 4.58
CA ALA A 66 -14.30 -5.44 3.40
C ALA A 66 -15.55 -6.29 3.61
N GLN A 67 -15.61 -6.99 4.74
CA GLN A 67 -16.74 -7.83 5.05
C GLN A 67 -16.98 -7.90 6.56
N LEU A 68 -18.23 -7.73 6.96
CA LEU A 68 -18.59 -7.76 8.37
C LEU A 68 -19.92 -8.48 8.59
N SER A 69 -20.17 -8.92 9.82
CA SER A 69 -21.40 -9.63 10.15
C SER A 69 -21.68 -10.73 9.13
N GLY A 70 -20.65 -11.50 8.79
CA GLY A 70 -20.81 -12.57 7.83
C GLY A 70 -19.92 -13.76 8.14
N PRO A 71 -19.95 -14.77 7.26
CA PRO A 71 -19.15 -15.99 7.42
C PRO A 71 -17.66 -15.74 7.22
N SER A 72 -16.91 -15.74 8.32
CA SER A 72 -15.47 -15.51 8.27
C SER A 72 -14.73 -16.78 7.89
N SER A 73 -13.47 -16.63 7.50
CA SER A 73 -12.64 -17.76 7.11
C SER A 73 -11.66 -18.14 8.21
N GLY A 74 -11.89 -19.29 8.84
CA GLY A 74 -11.02 -19.74 9.91
C GLY A 74 -10.18 -20.94 9.50
N GLY A 1 30.52 -11.83 -2.04
CA GLY A 1 30.17 -11.14 -3.26
C GLY A 1 28.72 -10.70 -3.29
N SER A 2 28.39 -9.78 -4.18
CA SER A 2 27.03 -9.27 -4.29
C SER A 2 26.29 -9.97 -5.44
N SER A 3 24.97 -9.83 -5.45
CA SER A 3 24.14 -10.44 -6.49
C SER A 3 24.39 -9.78 -7.84
N GLY A 4 23.73 -10.30 -8.88
CA GLY A 4 23.89 -9.75 -10.20
C GLY A 4 22.66 -9.95 -11.07
N SER A 5 21.77 -8.97 -11.07
CA SER A 5 20.55 -9.06 -11.86
C SER A 5 20.59 -8.09 -13.04
N SER A 6 21.05 -8.59 -14.18
CA SER A 6 21.15 -7.77 -15.38
C SER A 6 19.94 -6.85 -15.51
N GLY A 7 20.18 -5.55 -15.52
CA GLY A 7 19.10 -4.59 -15.65
C GLY A 7 18.85 -4.18 -17.08
N LYS A 8 17.67 -3.62 -17.35
CA LYS A 8 17.30 -3.20 -18.69
C LYS A 8 16.82 -1.75 -18.68
N VAL A 9 16.92 -1.09 -19.82
CA VAL A 9 16.48 0.30 -19.95
C VAL A 9 15.22 0.55 -19.14
N LYS A 10 15.31 1.50 -18.21
CA LYS A 10 14.17 1.84 -17.36
C LYS A 10 14.29 3.28 -16.84
N GLU A 11 13.15 3.91 -16.60
CA GLU A 11 13.13 5.28 -16.11
C GLU A 11 11.81 5.59 -15.42
N LEU A 12 11.87 5.78 -14.11
CA LEU A 12 10.66 6.09 -13.33
C LEU A 12 10.84 7.38 -12.53
N ASN A 13 9.93 8.32 -12.71
CA ASN A 13 9.99 9.60 -12.01
C ASN A 13 8.78 9.78 -11.11
N LEU A 14 8.41 8.71 -10.41
CA LEU A 14 7.26 8.75 -9.50
C LEU A 14 7.68 8.39 -8.08
N HIS A 15 7.45 9.32 -7.16
CA HIS A 15 7.80 9.09 -5.76
C HIS A 15 6.73 8.26 -5.06
N GLU A 16 6.27 7.21 -5.73
CA GLU A 16 5.25 6.33 -5.18
C GLU A 16 5.73 4.88 -5.16
N LEU A 17 6.42 4.51 -4.08
CA LEU A 17 6.94 3.15 -3.94
C LEU A 17 6.37 2.48 -2.69
N CYS A 18 5.89 1.24 -2.85
CA CYS A 18 5.33 0.50 -1.74
C CYS A 18 6.34 0.34 -0.62
N ALA A 19 6.08 0.99 0.51
CA ALA A 19 6.96 0.91 1.67
C ALA A 19 7.03 -0.51 2.23
N VAL A 20 5.92 -1.23 2.13
CA VAL A 20 5.85 -2.59 2.62
C VAL A 20 6.95 -3.46 2.02
N CYS A 21 7.05 -3.44 0.69
CA CYS A 21 8.06 -4.22 -0.01
C CYS A 21 9.03 -3.30 -0.75
N LEU A 22 9.07 -2.04 -0.34
CA LEU A 22 9.95 -1.06 -0.98
C LEU A 22 10.05 -1.30 -2.48
N GLU A 23 8.89 -1.33 -3.14
CA GLU A 23 8.85 -1.54 -4.59
C GLU A 23 7.80 -0.66 -5.23
N ASP A 24 8.13 -0.09 -6.39
CA ASP A 24 7.21 0.78 -7.11
C ASP A 24 5.86 0.09 -7.31
N PHE A 25 4.89 0.85 -7.80
CA PHE A 25 3.55 0.32 -8.03
C PHE A 25 3.33 0.03 -9.52
N LYS A 26 2.77 -1.14 -9.81
CA LYS A 26 2.50 -1.55 -11.18
C LYS A 26 1.03 -1.92 -11.36
N PRO A 27 0.54 -1.77 -12.60
CA PRO A 27 -0.86 -2.09 -12.93
C PRO A 27 -1.14 -3.58 -12.89
N ARG A 28 -0.09 -4.39 -13.13
CA ARG A 28 -0.23 -5.83 -13.13
C ARG A 28 -0.79 -6.33 -11.79
N ASP A 29 -0.47 -5.60 -10.72
CA ASP A 29 -0.95 -5.96 -9.39
C ASP A 29 -1.86 -4.88 -8.83
N GLU A 30 -3.15 -5.19 -8.72
CA GLU A 30 -4.12 -4.24 -8.19
C GLU A 30 -3.51 -3.38 -7.08
N LEU A 31 -3.86 -2.10 -7.07
CA LEU A 31 -3.34 -1.18 -6.07
C LEU A 31 -4.49 -0.59 -5.24
N GLY A 32 -4.43 -0.81 -3.93
CA GLY A 32 -5.46 -0.28 -3.06
C GLY A 32 -5.09 1.05 -2.44
N ILE A 33 -5.76 2.11 -2.87
CA ILE A 33 -5.49 3.45 -2.37
C ILE A 33 -6.31 3.75 -1.12
N CYS A 34 -5.63 4.02 -0.02
CA CYS A 34 -6.30 4.33 1.25
C CYS A 34 -6.80 5.77 1.26
N PRO A 35 -7.72 6.07 2.19
CA PRO A 35 -8.29 7.42 2.33
C PRO A 35 -7.29 8.41 2.89
N CYS A 36 -6.05 7.95 3.09
CA CYS A 36 -5.01 8.80 3.63
C CYS A 36 -4.03 9.22 2.53
N LYS A 37 -4.55 9.38 1.31
CA LYS A 37 -3.73 9.78 0.18
C LYS A 37 -2.53 8.84 0.02
N HIS A 38 -2.75 7.56 0.25
CA HIS A 38 -1.69 6.57 0.14
C HIS A 38 -2.14 5.36 -0.66
N ALA A 39 -1.19 4.61 -1.20
CA ALA A 39 -1.50 3.43 -1.99
C ALA A 39 -0.55 2.28 -1.67
N PHE A 40 -1.08 1.07 -1.67
CA PHE A 40 -0.27 -0.11 -1.36
C PHE A 40 -0.81 -1.34 -2.10
N HIS A 41 0.01 -2.38 -2.20
CA HIS A 41 -0.38 -3.61 -2.86
C HIS A 41 -1.48 -4.33 -2.08
N ARG A 42 -2.52 -4.76 -2.79
CA ARG A 42 -3.64 -5.45 -2.17
C ARG A 42 -3.14 -6.41 -1.08
N LYS A 43 -2.12 -7.19 -1.40
CA LYS A 43 -1.55 -8.14 -0.46
C LYS A 43 -0.78 -7.42 0.65
N CYS A 44 0.33 -6.80 0.28
CA CYS A 44 1.15 -6.06 1.24
C CYS A 44 0.29 -5.43 2.32
N LEU A 45 -0.77 -4.75 1.90
CA LEU A 45 -1.68 -4.08 2.84
C LEU A 45 -2.31 -5.10 3.78
N ILE A 46 -3.11 -5.99 3.24
CA ILE A 46 -3.79 -7.02 4.03
C ILE A 46 -2.85 -7.57 5.10
N LYS A 47 -1.72 -8.12 4.67
CA LYS A 47 -0.75 -8.69 5.59
C LYS A 47 -0.34 -7.67 6.65
N TRP A 48 0.05 -6.48 6.20
CA TRP A 48 0.47 -5.41 7.10
C TRP A 48 -0.59 -5.17 8.18
N LEU A 49 -1.85 -5.24 7.79
CA LEU A 49 -2.95 -5.04 8.73
C LEU A 49 -3.00 -6.15 9.77
N GLU A 50 -2.74 -7.38 9.32
CA GLU A 50 -2.75 -8.53 10.22
C GLU A 50 -2.03 -8.21 11.52
N VAL A 51 -0.83 -7.63 11.39
CA VAL A 51 -0.03 -7.28 12.57
C VAL A 51 -0.26 -5.82 12.97
N ARG A 52 -0.11 -4.92 12.00
CA ARG A 52 -0.30 -3.49 12.25
C ARG A 52 -1.49 -2.96 11.46
N LYS A 53 -2.60 -2.74 12.16
CA LYS A 53 -3.81 -2.22 11.52
C LYS A 53 -3.69 -0.72 11.26
N VAL A 54 -2.54 -0.31 10.73
CA VAL A 54 -2.30 1.09 10.43
C VAL A 54 -1.54 1.25 9.12
N CYS A 55 -1.35 2.50 8.70
CA CYS A 55 -0.63 2.78 7.46
C CYS A 55 0.88 2.87 7.71
N PRO A 56 1.64 2.08 6.93
CA PRO A 56 3.10 2.05 7.05
C PRO A 56 3.75 3.34 6.56
N LEU A 57 2.93 4.34 6.26
CA LEU A 57 3.43 5.62 5.78
C LEU A 57 3.07 6.74 6.75
N CYS A 58 1.77 7.06 6.83
CA CYS A 58 1.29 8.11 7.72
C CYS A 58 1.14 7.58 9.14
N ASN A 59 1.00 6.27 9.26
CA ASN A 59 0.83 5.64 10.58
C ASN A 59 -0.45 6.12 11.25
N MET A 60 -1.55 6.11 10.50
CA MET A 60 -2.83 6.55 11.04
C MET A 60 -3.84 5.40 11.04
N PRO A 61 -4.73 5.39 12.05
CA PRO A 61 -5.75 4.35 12.20
C PRO A 61 -6.83 4.45 11.11
N VAL A 62 -6.81 3.48 10.19
CA VAL A 62 -7.79 3.45 9.11
C VAL A 62 -8.44 2.08 8.98
N LEU A 63 -9.47 1.85 9.80
CA LEU A 63 -10.18 0.58 9.78
C LEU A 63 -11.49 0.69 9.00
N GLN A 64 -11.63 -0.11 7.96
CA GLN A 64 -12.83 -0.10 7.13
C GLN A 64 -13.37 -1.51 6.95
N LEU A 65 -13.33 -2.30 8.01
CA LEU A 65 -13.83 -3.68 7.95
C LEU A 65 -15.35 -3.71 7.90
N ALA A 66 -15.89 -4.36 6.88
CA ALA A 66 -17.33 -4.47 6.72
C ALA A 66 -17.74 -5.90 6.38
N GLN A 67 -17.12 -6.87 7.05
CA GLN A 67 -17.41 -8.27 6.83
C GLN A 67 -18.18 -8.87 8.00
N LEU A 68 -19.17 -9.71 7.70
CA LEU A 68 -19.98 -10.34 8.73
C LEU A 68 -20.84 -11.46 8.13
N SER A 69 -21.25 -12.40 8.98
CA SER A 69 -22.08 -13.51 8.54
C SER A 69 -23.56 -13.15 8.64
N GLY A 70 -23.97 -12.69 9.82
CA GLY A 70 -25.36 -12.32 10.02
C GLY A 70 -25.74 -12.29 11.49
N PRO A 71 -26.94 -11.76 11.78
CA PRO A 71 -27.45 -11.65 13.16
C PRO A 71 -27.77 -13.02 13.76
N SER A 72 -26.75 -13.66 14.33
CA SER A 72 -26.92 -14.97 14.95
C SER A 72 -26.98 -14.85 16.46
N SER A 73 -28.14 -15.18 17.04
CA SER A 73 -28.33 -15.10 18.48
C SER A 73 -28.82 -16.44 19.03
N GLY A 74 -28.34 -16.80 20.22
CA GLY A 74 -28.75 -18.05 20.83
C GLY A 74 -29.40 -17.84 22.19
N GLY A 1 18.55 -4.23 16.62
CA GLY A 1 17.86 -4.49 15.37
C GLY A 1 18.38 -5.73 14.67
N SER A 2 17.50 -6.40 13.95
CA SER A 2 17.87 -7.62 13.22
C SER A 2 17.18 -7.68 11.87
N SER A 3 17.94 -8.07 10.85
CA SER A 3 17.40 -8.17 9.49
C SER A 3 18.34 -8.98 8.59
N GLY A 4 17.84 -9.37 7.43
CA GLY A 4 18.65 -10.14 6.50
C GLY A 4 19.45 -9.26 5.55
N SER A 5 19.69 -9.76 4.35
CA SER A 5 20.46 -9.02 3.36
C SER A 5 19.58 -8.00 2.64
N SER A 6 20.01 -6.73 2.67
CA SER A 6 19.26 -5.66 2.03
C SER A 6 19.42 -5.71 0.51
N GLY A 7 20.53 -6.30 0.07
CA GLY A 7 20.79 -6.40 -1.35
C GLY A 7 21.03 -5.05 -2.00
N LYS A 8 22.27 -4.77 -2.35
CA LYS A 8 22.63 -3.50 -2.99
C LYS A 8 22.07 -3.42 -4.40
N VAL A 9 21.14 -2.49 -4.60
CA VAL A 9 20.52 -2.30 -5.91
C VAL A 9 20.91 -0.96 -6.52
N LYS A 10 21.26 -0.98 -7.80
CA LYS A 10 21.66 0.22 -8.51
C LYS A 10 20.63 0.61 -9.56
N GLU A 11 19.68 1.45 -9.18
CA GLU A 11 18.64 1.89 -10.10
C GLU A 11 18.24 3.33 -9.82
N LEU A 12 17.55 3.95 -10.78
CA LEU A 12 17.12 5.33 -10.64
C LEU A 12 15.61 5.45 -10.87
N ASN A 13 15.06 6.63 -10.57
CA ASN A 13 13.63 6.88 -10.75
C ASN A 13 12.81 6.00 -9.81
N LEU A 14 13.20 5.97 -8.54
CA LEU A 14 12.50 5.18 -7.53
C LEU A 14 11.68 6.07 -6.60
N HIS A 15 10.47 6.39 -7.02
CA HIS A 15 9.58 7.23 -6.23
C HIS A 15 8.16 6.65 -6.17
N GLU A 16 7.48 6.85 -5.06
CA GLU A 16 6.12 6.35 -4.90
C GLU A 16 6.10 4.83 -4.94
N LEU A 17 7.02 4.21 -4.22
CA LEU A 17 7.11 2.75 -4.18
C LEU A 17 6.43 2.20 -2.93
N CYS A 18 6.04 0.94 -2.98
CA CYS A 18 5.38 0.29 -1.85
C CYS A 18 6.28 0.31 -0.62
N ALA A 19 5.87 1.08 0.39
CA ALA A 19 6.63 1.18 1.63
C ALA A 19 6.72 -0.16 2.34
N VAL A 20 5.90 -1.11 1.90
CA VAL A 20 5.88 -2.44 2.50
C VAL A 20 6.98 -3.31 1.91
N CYS A 21 6.92 -3.53 0.60
CA CYS A 21 7.91 -4.35 -0.09
C CYS A 21 8.94 -3.48 -0.80
N LEU A 22 8.96 -2.19 -0.45
CA LEU A 22 9.90 -1.25 -1.07
C LEU A 22 10.09 -1.57 -2.54
N GLU A 23 8.98 -1.63 -3.28
CA GLU A 23 9.03 -1.91 -4.71
C GLU A 23 8.02 -1.06 -5.47
N ASP A 24 8.42 -0.59 -6.64
CA ASP A 24 7.55 0.24 -7.47
C ASP A 24 6.15 -0.37 -7.58
N PHE A 25 5.21 0.40 -8.11
CA PHE A 25 3.84 -0.06 -8.27
C PHE A 25 3.56 -0.48 -9.72
N LYS A 26 3.47 -1.78 -9.95
CA LYS A 26 3.20 -2.30 -11.29
C LYS A 26 1.71 -2.39 -11.55
N PRO A 27 1.32 -2.22 -12.82
CA PRO A 27 -0.09 -2.28 -13.25
C PRO A 27 -0.66 -3.69 -13.14
N ARG A 28 0.20 -4.68 -13.35
CA ARG A 28 -0.23 -6.08 -13.29
C ARG A 28 -0.91 -6.38 -11.96
N ASP A 29 -0.41 -5.77 -10.89
CA ASP A 29 -0.97 -5.98 -9.56
C ASP A 29 -1.91 -4.83 -9.18
N GLU A 30 -3.03 -5.17 -8.55
CA GLU A 30 -4.01 -4.18 -8.14
C GLU A 30 -3.36 -3.08 -7.31
N LEU A 31 -4.17 -2.14 -6.83
CA LEU A 31 -3.67 -1.04 -6.01
C LEU A 31 -4.73 -0.58 -5.02
N GLY A 32 -4.44 -0.74 -3.72
CA GLY A 32 -5.37 -0.34 -2.70
C GLY A 32 -5.08 1.06 -2.16
N ILE A 33 -5.92 2.02 -2.52
CA ILE A 33 -5.74 3.39 -2.06
C ILE A 33 -6.42 3.62 -0.71
N CYS A 34 -5.61 3.77 0.33
CA CYS A 34 -6.14 3.99 1.68
C CYS A 34 -6.79 5.37 1.78
N PRO A 35 -7.66 5.54 2.79
CA PRO A 35 -8.37 6.80 3.02
C PRO A 35 -7.43 7.91 3.50
N CYS A 36 -6.15 7.60 3.59
CA CYS A 36 -5.15 8.57 4.02
C CYS A 36 -4.35 9.11 2.84
N LYS A 37 -4.96 9.07 1.66
CA LYS A 37 -4.31 9.55 0.45
C LYS A 37 -3.06 8.73 0.14
N HIS A 38 -3.04 7.49 0.61
CA HIS A 38 -1.91 6.60 0.39
C HIS A 38 -2.32 5.39 -0.45
N ALA A 39 -1.36 4.80 -1.15
CA ALA A 39 -1.63 3.64 -1.98
C ALA A 39 -0.67 2.50 -1.65
N PHE A 40 -1.19 1.28 -1.65
CA PHE A 40 -0.38 0.10 -1.35
C PHE A 40 -0.93 -1.13 -2.07
N HIS A 41 -0.07 -2.15 -2.23
CA HIS A 41 -0.47 -3.38 -2.89
C HIS A 41 -1.57 -4.08 -2.12
N ARG A 42 -2.66 -4.38 -2.81
CA ARG A 42 -3.80 -5.06 -2.19
C ARG A 42 -3.35 -6.29 -1.41
N LYS A 43 -2.17 -6.79 -1.74
CA LYS A 43 -1.61 -7.96 -1.08
C LYS A 43 -0.75 -7.56 0.11
N CYS A 44 0.03 -6.48 -0.07
CA CYS A 44 0.90 -5.99 0.99
C CYS A 44 0.10 -5.37 2.11
N LEU A 45 -0.83 -4.48 1.75
CA LEU A 45 -1.68 -3.80 2.72
C LEU A 45 -2.37 -4.81 3.63
N ILE A 46 -3.07 -5.77 3.02
CA ILE A 46 -3.78 -6.79 3.77
C ILE A 46 -2.88 -7.41 4.84
N LYS A 47 -1.67 -7.77 4.44
CA LYS A 47 -0.71 -8.37 5.37
C LYS A 47 -0.30 -7.38 6.45
N TRP A 48 0.20 -6.23 6.03
CA TRP A 48 0.64 -5.19 6.96
C TRP A 48 -0.49 -4.82 7.91
N LEU A 49 -1.72 -4.94 7.44
CA LEU A 49 -2.89 -4.63 8.26
C LEU A 49 -3.01 -5.59 9.44
N GLU A 50 -2.72 -6.85 9.20
CA GLU A 50 -2.79 -7.86 10.24
C GLU A 50 -1.86 -7.54 11.40
N VAL A 51 -0.57 -7.44 11.09
CA VAL A 51 0.43 -7.12 12.09
C VAL A 51 0.15 -5.78 12.76
N ARG A 52 -0.24 -4.80 11.95
CA ARG A 52 -0.55 -3.47 12.46
C ARG A 52 -1.77 -2.89 11.75
N LYS A 53 -2.74 -2.45 12.53
CA LYS A 53 -3.96 -1.87 11.98
C LYS A 53 -3.77 -0.38 11.68
N VAL A 54 -2.67 -0.06 11.02
CA VAL A 54 -2.37 1.32 10.66
C VAL A 54 -1.58 1.40 9.36
N CYS A 55 -1.42 2.61 8.84
CA CYS A 55 -0.68 2.82 7.60
C CYS A 55 0.83 2.76 7.84
N PRO A 56 1.53 2.02 6.97
CA PRO A 56 2.99 1.86 7.06
C PRO A 56 3.73 3.15 6.72
N LEU A 57 2.98 4.23 6.54
CA LEU A 57 3.57 5.52 6.21
C LEU A 57 3.14 6.59 7.22
N CYS A 58 1.90 7.06 7.08
CA CYS A 58 1.36 8.07 7.96
C CYS A 58 1.11 7.50 9.36
N ASN A 59 1.36 6.20 9.51
CA ASN A 59 1.15 5.54 10.78
C ASN A 59 -0.19 5.92 11.41
N MET A 60 -1.24 5.84 10.60
CA MET A 60 -2.59 6.19 11.06
C MET A 60 -3.54 5.02 10.86
N PRO A 61 -4.39 4.76 11.85
CA PRO A 61 -5.37 3.67 11.81
C PRO A 61 -6.49 3.95 10.82
N VAL A 62 -6.47 3.23 9.70
CA VAL A 62 -7.50 3.40 8.67
C VAL A 62 -8.79 2.71 9.07
N LEU A 63 -9.62 3.42 9.84
CA LEU A 63 -10.90 2.88 10.29
C LEU A 63 -11.98 3.10 9.24
N GLN A 64 -12.15 2.14 8.35
CA GLN A 64 -13.15 2.23 7.29
C GLN A 64 -14.36 1.37 7.62
N LEU A 65 -15.55 1.87 7.29
CA LEU A 65 -16.79 1.13 7.54
C LEU A 65 -16.96 -0.01 6.55
N ALA A 66 -16.34 -1.15 6.86
CA ALA A 66 -16.44 -2.32 6.00
C ALA A 66 -17.45 -3.32 6.54
N GLN A 67 -18.64 -2.84 6.84
CA GLN A 67 -19.71 -3.69 7.37
C GLN A 67 -20.69 -4.07 6.26
N LEU A 68 -20.89 -5.37 6.08
CA LEU A 68 -21.81 -5.87 5.06
C LEU A 68 -22.48 -7.16 5.51
N SER A 69 -23.81 -7.14 5.59
CA SER A 69 -24.57 -8.31 6.01
C SER A 69 -24.99 -9.14 4.81
N GLY A 70 -24.43 -10.34 4.70
CA GLY A 70 -24.75 -11.22 3.59
C GLY A 70 -26.15 -11.81 3.72
N PRO A 71 -26.80 -12.04 2.56
CA PRO A 71 -28.14 -12.62 2.53
C PRO A 71 -28.18 -14.08 2.96
N SER A 72 -27.27 -14.87 2.40
CA SER A 72 -27.19 -16.29 2.72
C SER A 72 -26.15 -16.55 3.81
N SER A 73 -26.61 -16.62 5.06
CA SER A 73 -25.72 -16.86 6.18
C SER A 73 -26.45 -17.58 7.31
N GLY A 74 -26.13 -18.85 7.51
CA GLY A 74 -26.77 -19.64 8.55
C GLY A 74 -28.14 -20.14 8.15
N GLY A 1 24.78 34.76 6.02
CA GLY A 1 25.49 33.72 5.29
C GLY A 1 24.59 32.89 4.42
N SER A 2 24.94 32.77 3.15
CA SER A 2 24.14 32.00 2.19
C SER A 2 24.96 30.86 1.60
N SER A 3 24.99 29.73 2.31
CA SER A 3 25.73 28.56 1.84
C SER A 3 24.79 27.51 1.29
N GLY A 4 24.70 27.43 -0.04
CA GLY A 4 23.84 26.45 -0.67
C GLY A 4 24.60 25.27 -1.24
N SER A 5 24.06 24.66 -2.28
CA SER A 5 24.70 23.51 -2.92
C SER A 5 24.39 23.48 -4.40
N SER A 6 25.14 22.65 -5.13
CA SER A 6 24.95 22.53 -6.58
C SER A 6 24.27 21.21 -6.92
N GLY A 7 23.53 21.20 -8.02
CA GLY A 7 22.83 19.99 -8.44
C GLY A 7 23.10 19.64 -9.89
N LYS A 8 23.96 18.66 -10.10
CA LYS A 8 24.31 18.22 -11.45
C LYS A 8 23.27 17.26 -12.00
N VAL A 9 23.18 17.18 -13.32
CA VAL A 9 22.21 16.29 -13.97
C VAL A 9 22.05 15.00 -13.19
N LYS A 10 20.82 14.72 -12.76
CA LYS A 10 20.52 13.52 -12.00
C LYS A 10 19.02 13.39 -11.76
N GLU A 11 18.57 12.18 -11.45
CA GLU A 11 17.16 11.92 -11.19
C GLU A 11 16.98 11.17 -9.87
N LEU A 12 16.63 11.89 -8.82
CA LEU A 12 16.42 11.29 -7.51
C LEU A 12 14.98 11.45 -7.06
N ASN A 13 14.05 11.30 -8.00
CA ASN A 13 12.63 11.42 -7.70
C ASN A 13 12.08 10.13 -7.09
N LEU A 14 12.08 10.07 -5.77
CA LEU A 14 11.58 8.90 -5.05
C LEU A 14 10.14 9.10 -4.60
N HIS A 15 9.20 8.63 -5.41
CA HIS A 15 7.79 8.75 -5.10
C HIS A 15 6.98 7.65 -5.79
N GLU A 16 5.74 7.46 -5.33
CA GLU A 16 4.87 6.44 -5.91
C GLU A 16 5.47 5.05 -5.73
N LEU A 17 6.06 4.81 -4.56
CA LEU A 17 6.66 3.52 -4.26
C LEU A 17 6.10 2.95 -2.96
N CYS A 18 5.96 1.63 -2.92
CA CYS A 18 5.44 0.95 -1.73
C CYS A 18 6.36 1.16 -0.54
N ALA A 19 5.85 0.84 0.65
CA ALA A 19 6.63 0.99 1.87
C ALA A 19 6.89 -0.36 2.54
N VAL A 20 5.91 -1.25 2.45
CA VAL A 20 6.02 -2.58 3.03
C VAL A 20 7.08 -3.40 2.32
N CYS A 21 6.96 -3.49 1.00
CA CYS A 21 7.92 -4.26 0.19
C CYS A 21 8.95 -3.33 -0.43
N LEU A 22 8.60 -2.07 -0.59
CA LEU A 22 9.49 -1.08 -1.18
C LEU A 22 9.86 -1.46 -2.61
N GLU A 23 8.83 -1.70 -3.42
CA GLU A 23 9.02 -2.07 -4.82
C GLU A 23 8.09 -1.27 -5.73
N ASP A 24 8.65 -0.70 -6.78
CA ASP A 24 7.87 0.07 -7.74
C ASP A 24 6.48 -0.52 -7.92
N PHE A 25 5.49 0.35 -8.12
CA PHE A 25 4.11 -0.09 -8.30
C PHE A 25 3.84 -0.43 -9.76
N LYS A 26 2.94 -1.39 -9.99
CA LYS A 26 2.58 -1.80 -11.34
C LYS A 26 1.07 -1.92 -11.49
N PRO A 27 0.58 -1.63 -12.71
CA PRO A 27 -0.86 -1.70 -13.01
C PRO A 27 -1.37 -3.13 -13.04
N ARG A 28 -0.57 -4.04 -13.58
CA ARG A 28 -0.94 -5.44 -13.67
C ARG A 28 -1.50 -5.94 -12.34
N ASP A 29 -0.90 -5.49 -11.24
CA ASP A 29 -1.32 -5.88 -9.90
C ASP A 29 -2.21 -4.82 -9.28
N GLU A 30 -3.40 -5.22 -8.87
CA GLU A 30 -4.34 -4.29 -8.24
C GLU A 30 -3.64 -3.39 -7.24
N LEU A 31 -4.22 -2.23 -6.98
CA LEU A 31 -3.65 -1.28 -6.04
C LEU A 31 -4.74 -0.69 -5.12
N GLY A 32 -4.61 -0.94 -3.82
CA GLY A 32 -5.58 -0.43 -2.87
C GLY A 32 -5.19 0.93 -2.32
N ILE A 33 -5.96 1.95 -2.70
CA ILE A 33 -5.69 3.31 -2.23
C ILE A 33 -6.38 3.59 -0.91
N CYS A 34 -5.60 3.94 0.10
CA CYS A 34 -6.13 4.22 1.43
C CYS A 34 -6.72 5.64 1.47
N PRO A 35 -7.63 5.86 2.43
CA PRO A 35 -8.29 7.16 2.60
C PRO A 35 -7.33 8.22 3.13
N CYS A 36 -6.06 7.86 3.28
CA CYS A 36 -5.05 8.78 3.78
C CYS A 36 -4.07 9.15 2.67
N LYS A 37 -4.57 9.20 1.44
CA LYS A 37 -3.73 9.54 0.29
C LYS A 37 -2.49 8.67 0.24
N HIS A 38 -2.68 7.37 0.41
CA HIS A 38 -1.57 6.42 0.38
C HIS A 38 -2.00 5.09 -0.24
N ALA A 39 -1.34 4.71 -1.33
CA ALA A 39 -1.65 3.46 -2.01
C ALA A 39 -0.66 2.37 -1.64
N PHE A 40 -1.13 1.12 -1.66
CA PHE A 40 -0.27 -0.02 -1.33
C PHE A 40 -0.71 -1.27 -2.08
N HIS A 41 0.15 -2.28 -2.09
CA HIS A 41 -0.15 -3.53 -2.78
C HIS A 41 -1.21 -4.33 -2.02
N ARG A 42 -2.28 -4.70 -2.72
CA ARG A 42 -3.36 -5.47 -2.10
C ARG A 42 -2.81 -6.47 -1.09
N LYS A 43 -1.67 -7.08 -1.42
CA LYS A 43 -1.05 -8.06 -0.54
C LYS A 43 -0.32 -7.37 0.60
N CYS A 44 0.64 -6.51 0.26
CA CYS A 44 1.42 -5.79 1.26
C CYS A 44 0.51 -5.27 2.38
N LEU A 45 -0.48 -4.48 2.00
CA LEU A 45 -1.42 -3.92 2.97
C LEU A 45 -1.95 -4.99 3.91
N ILE A 46 -2.71 -5.93 3.35
CA ILE A 46 -3.27 -7.01 4.14
C ILE A 46 -2.27 -7.53 5.17
N LYS A 47 -1.09 -7.91 4.70
CA LYS A 47 -0.04 -8.42 5.57
C LYS A 47 0.22 -7.45 6.73
N TRP A 48 0.38 -6.17 6.38
CA TRP A 48 0.63 -5.15 7.38
C TRP A 48 -0.56 -4.98 8.32
N LEU A 49 -1.75 -5.21 7.78
CA LEU A 49 -2.98 -5.09 8.56
C LEU A 49 -3.07 -6.17 9.62
N GLU A 50 -2.64 -7.38 9.26
CA GLU A 50 -2.67 -8.51 10.18
C GLU A 50 -2.02 -8.15 11.51
N VAL A 51 -0.81 -7.59 11.43
CA VAL A 51 -0.07 -7.19 12.63
C VAL A 51 -0.65 -5.91 13.22
N ARG A 52 -0.86 -4.91 12.38
CA ARG A 52 -1.41 -3.63 12.82
C ARG A 52 -2.26 -2.99 11.73
N LYS A 53 -3.46 -2.57 12.10
CA LYS A 53 -4.37 -1.94 11.14
C LYS A 53 -4.07 -0.46 11.00
N VAL A 54 -2.92 -0.14 10.42
CA VAL A 54 -2.51 1.25 10.23
C VAL A 54 -1.70 1.41 8.95
N CYS A 55 -1.52 2.65 8.52
CA CYS A 55 -0.77 2.94 7.30
C CYS A 55 0.74 2.95 7.59
N PRO A 56 1.49 2.16 6.79
CA PRO A 56 2.94 2.05 6.95
C PRO A 56 3.66 3.33 6.53
N LEU A 57 2.89 4.37 6.26
CA LEU A 57 3.46 5.66 5.85
C LEU A 57 3.17 6.74 6.89
N CYS A 58 1.89 7.08 7.03
CA CYS A 58 1.48 8.10 8.00
C CYS A 58 1.27 7.48 9.38
N ASN A 59 1.23 6.16 9.43
CA ASN A 59 1.03 5.45 10.69
C ASN A 59 -0.35 5.76 11.28
N MET A 60 -1.32 5.98 10.40
CA MET A 60 -2.68 6.28 10.83
C MET A 60 -3.60 5.08 10.61
N PRO A 61 -4.42 4.77 11.63
CA PRO A 61 -5.35 3.64 11.57
C PRO A 61 -6.51 3.90 10.61
N VAL A 62 -6.53 3.15 9.51
CA VAL A 62 -7.57 3.30 8.51
C VAL A 62 -8.76 2.39 8.81
N LEU A 63 -8.81 1.89 10.05
CA LEU A 63 -9.89 1.00 10.47
C LEU A 63 -10.39 0.15 9.31
N GLN A 64 -9.46 -0.53 8.64
CA GLN A 64 -9.80 -1.39 7.51
C GLN A 64 -10.61 -2.60 7.97
N LEU A 65 -10.79 -2.72 9.28
CA LEU A 65 -11.54 -3.83 9.84
C LEU A 65 -12.94 -3.38 10.27
N ALA A 66 -13.87 -3.39 9.32
CA ALA A 66 -15.25 -2.99 9.60
C ALA A 66 -16.01 -4.11 10.28
N GLN A 67 -15.82 -5.33 9.80
CA GLN A 67 -16.51 -6.49 10.36
C GLN A 67 -15.68 -7.76 10.16
N LEU A 68 -15.90 -8.73 11.04
CA LEU A 68 -15.17 -10.00 10.96
C LEU A 68 -15.43 -10.70 9.64
N SER A 69 -14.40 -10.76 8.79
CA SER A 69 -14.52 -11.40 7.48
C SER A 69 -13.78 -12.73 7.47
N GLY A 70 -12.55 -12.73 7.98
CA GLY A 70 -11.76 -13.94 8.00
C GLY A 70 -10.44 -13.80 7.26
N PRO A 71 -9.41 -14.50 7.75
CA PRO A 71 -8.08 -14.46 7.14
C PRO A 71 -8.04 -15.16 5.78
N SER A 72 -8.07 -14.36 4.71
CA SER A 72 -8.04 -14.91 3.36
C SER A 72 -6.75 -15.70 3.12
N SER A 73 -6.90 -16.90 2.55
CA SER A 73 -5.75 -17.75 2.26
C SER A 73 -6.05 -18.70 1.12
N GLY A 74 -5.00 -19.10 0.40
CA GLY A 74 -5.17 -20.01 -0.72
C GLY A 74 -4.48 -21.35 -0.51
N GLY A 1 33.03 14.35 -26.34
CA GLY A 1 32.48 13.01 -26.36
C GLY A 1 33.00 12.16 -25.21
N SER A 2 32.09 11.74 -24.33
CA SER A 2 32.46 10.92 -23.18
C SER A 2 31.25 10.19 -22.62
N SER A 3 31.29 8.86 -22.69
CA SER A 3 30.19 8.03 -22.21
C SER A 3 29.83 8.40 -20.77
N GLY A 4 28.57 8.21 -20.42
CA GLY A 4 28.11 8.53 -19.07
C GLY A 4 27.93 7.29 -18.22
N SER A 5 27.53 7.49 -16.97
CA SER A 5 27.33 6.39 -16.04
C SER A 5 26.02 6.57 -15.26
N SER A 6 25.02 5.77 -15.63
CA SER A 6 23.72 5.84 -14.97
C SER A 6 23.36 4.51 -14.34
N GLY A 7 22.36 4.53 -13.45
CA GLY A 7 21.94 3.31 -12.78
C GLY A 7 21.13 2.40 -13.70
N LYS A 8 20.52 1.37 -13.11
CA LYS A 8 19.72 0.43 -13.87
C LYS A 8 18.33 1.00 -14.16
N VAL A 9 18.04 1.22 -15.44
CA VAL A 9 16.75 1.77 -15.85
C VAL A 9 15.80 0.66 -16.29
N LYS A 10 15.04 0.11 -15.34
CA LYS A 10 14.09 -0.95 -15.63
C LYS A 10 12.73 -0.64 -15.03
N GLU A 11 12.31 0.62 -15.16
CA GLU A 11 11.02 1.05 -14.64
C GLU A 11 10.38 2.11 -15.54
N LEU A 12 9.14 1.87 -15.93
CA LEU A 12 8.42 2.81 -16.80
C LEU A 12 7.66 3.84 -15.98
N ASN A 13 7.63 3.63 -14.66
CA ASN A 13 6.95 4.56 -13.77
C ASN A 13 7.72 4.72 -12.46
N LEU A 14 8.05 5.97 -12.12
CA LEU A 14 8.78 6.26 -10.89
C LEU A 14 8.07 7.33 -10.07
N HIS A 15 6.74 7.24 -10.03
CA HIS A 15 5.93 8.20 -9.28
C HIS A 15 6.05 7.94 -7.77
N GLU A 16 5.72 6.72 -7.37
CA GLU A 16 5.79 6.35 -5.96
C GLU A 16 6.04 4.86 -5.80
N LEU A 17 6.72 4.47 -4.73
CA LEU A 17 7.02 3.07 -4.45
C LEU A 17 6.40 2.63 -3.14
N CYS A 18 6.04 1.35 -3.07
CA CYS A 18 5.44 0.79 -1.87
C CYS A 18 6.30 1.07 -0.63
N ALA A 19 5.74 0.86 0.55
CA ALA A 19 6.46 1.10 1.79
C ALA A 19 6.66 -0.21 2.56
N VAL A 20 5.69 -1.12 2.43
CA VAL A 20 5.75 -2.41 3.11
C VAL A 20 6.83 -3.30 2.49
N CYS A 21 6.76 -3.50 1.18
CA CYS A 21 7.72 -4.33 0.48
C CYS A 21 8.83 -3.48 -0.13
N LEU A 22 8.53 -2.19 -0.35
CA LEU A 22 9.51 -1.28 -0.93
C LEU A 22 9.85 -1.66 -2.36
N GLU A 23 8.84 -1.95 -3.16
CA GLU A 23 9.03 -2.34 -4.55
C GLU A 23 8.15 -1.51 -5.47
N ASP A 24 8.73 -1.08 -6.60
CA ASP A 24 8.00 -0.27 -7.56
C ASP A 24 6.58 -0.80 -7.76
N PHE A 25 5.64 0.10 -8.03
CA PHE A 25 4.25 -0.28 -8.23
C PHE A 25 3.96 -0.46 -9.72
N LYS A 26 3.26 -1.54 -10.05
CA LYS A 26 2.91 -1.84 -11.43
C LYS A 26 1.39 -1.90 -11.61
N PRO A 27 0.92 -1.59 -12.82
CA PRO A 27 -0.51 -1.62 -13.15
C PRO A 27 -1.07 -3.04 -13.17
N ARG A 28 -0.25 -3.99 -13.59
CA ARG A 28 -0.68 -5.39 -13.67
C ARG A 28 -1.33 -5.82 -12.36
N ASP A 29 -0.77 -5.38 -11.24
CA ASP A 29 -1.31 -5.72 -9.93
C ASP A 29 -2.25 -4.63 -9.42
N GLU A 30 -3.41 -5.04 -8.92
CA GLU A 30 -4.40 -4.10 -8.40
C GLU A 30 -3.82 -3.29 -7.25
N LEU A 31 -4.03 -1.98 -7.29
CA LEU A 31 -3.53 -1.08 -6.25
C LEU A 31 -4.67 -0.61 -5.36
N GLY A 32 -4.52 -0.80 -4.05
CA GLY A 32 -5.54 -0.39 -3.11
C GLY A 32 -5.27 0.99 -2.52
N ILE A 33 -6.18 1.92 -2.74
CA ILE A 33 -6.03 3.27 -2.22
C ILE A 33 -6.63 3.41 -0.83
N CYS A 34 -5.93 4.14 0.03
CA CYS A 34 -6.40 4.34 1.40
C CYS A 34 -6.98 5.74 1.58
N PRO A 35 -7.76 5.93 2.65
CA PRO A 35 -8.39 7.23 2.95
C PRO A 35 -7.37 8.27 3.39
N CYS A 36 -6.10 7.88 3.41
CA CYS A 36 -5.04 8.79 3.81
C CYS A 36 -4.15 9.16 2.62
N LYS A 37 -4.75 9.17 1.44
CA LYS A 37 -4.02 9.52 0.22
C LYS A 37 -2.77 8.66 0.08
N HIS A 38 -2.92 7.36 0.31
CA HIS A 38 -1.78 6.43 0.21
C HIS A 38 -2.21 5.12 -0.45
N ALA A 39 -1.38 4.63 -1.37
CA ALA A 39 -1.68 3.39 -2.07
C ALA A 39 -0.67 2.30 -1.70
N PHE A 40 -1.16 1.06 -1.61
CA PHE A 40 -0.30 -0.07 -1.27
C PHE A 40 -0.76 -1.33 -1.99
N HIS A 41 0.17 -2.27 -2.17
CA HIS A 41 -0.14 -3.53 -2.85
C HIS A 41 -1.26 -4.26 -2.13
N ARG A 42 -2.30 -4.62 -2.87
CA ARG A 42 -3.45 -5.33 -2.30
C ARG A 42 -2.99 -6.33 -1.24
N LYS A 43 -1.87 -6.99 -1.51
CA LYS A 43 -1.33 -7.98 -0.58
C LYS A 43 -0.63 -7.29 0.58
N CYS A 44 0.40 -6.51 0.28
CA CYS A 44 1.16 -5.81 1.30
C CYS A 44 0.23 -5.27 2.39
N LEU A 45 -0.78 -4.52 1.97
CA LEU A 45 -1.74 -3.94 2.90
C LEU A 45 -2.37 -5.02 3.78
N ILE A 46 -2.96 -6.02 3.15
CA ILE A 46 -3.59 -7.11 3.87
C ILE A 46 -2.66 -7.67 4.96
N LYS A 47 -1.41 -7.92 4.57
CA LYS A 47 -0.42 -8.45 5.51
C LYS A 47 -0.16 -7.45 6.64
N TRP A 48 0.26 -6.24 6.27
CA TRP A 48 0.55 -5.20 7.24
C TRP A 48 -0.57 -5.09 8.26
N LEU A 49 -1.82 -5.03 7.78
CA LEU A 49 -2.97 -4.92 8.66
C LEU A 49 -2.93 -5.98 9.76
N GLU A 50 -2.36 -7.13 9.42
CA GLU A 50 -2.26 -8.23 10.39
C GLU A 50 -1.56 -7.77 11.66
N VAL A 51 -0.31 -7.36 11.53
CA VAL A 51 0.47 -6.89 12.67
C VAL A 51 0.13 -5.44 13.02
N ARG A 52 0.16 -4.58 12.00
CA ARG A 52 -0.15 -3.17 12.21
C ARG A 52 -1.42 -2.79 11.46
N LYS A 53 -2.48 -2.53 12.21
CA LYS A 53 -3.77 -2.15 11.62
C LYS A 53 -3.78 -0.66 11.28
N VAL A 54 -2.69 -0.18 10.69
CA VAL A 54 -2.58 1.22 10.31
C VAL A 54 -1.73 1.38 9.06
N CYS A 55 -1.64 2.61 8.57
CA CYS A 55 -0.86 2.90 7.36
C CYS A 55 0.64 2.83 7.66
N PRO A 56 1.36 2.01 6.87
CA PRO A 56 2.80 1.83 7.03
C PRO A 56 3.58 3.08 6.61
N LEU A 57 2.88 4.18 6.43
CA LEU A 57 3.51 5.44 6.03
C LEU A 57 3.16 6.56 7.00
N CYS A 58 1.86 6.81 7.18
CA CYS A 58 1.39 7.85 8.08
C CYS A 58 0.83 7.25 9.36
N ASN A 59 0.95 5.93 9.49
CA ASN A 59 0.45 5.22 10.67
C ASN A 59 -0.96 5.68 11.01
N MET A 60 -1.71 6.12 10.00
CA MET A 60 -3.08 6.58 10.18
C MET A 60 -4.01 5.40 10.43
N PRO A 61 -4.90 5.55 11.43
CA PRO A 61 -5.88 4.51 11.79
C PRO A 61 -6.95 4.33 10.73
N VAL A 62 -6.88 3.21 10.01
CA VAL A 62 -7.85 2.92 8.96
C VAL A 62 -8.94 1.98 9.48
N LEU A 63 -9.90 2.55 10.21
CA LEU A 63 -11.00 1.77 10.75
C LEU A 63 -12.32 2.12 10.06
N GLN A 64 -12.81 1.21 9.23
CA GLN A 64 -14.06 1.43 8.51
C GLN A 64 -15.25 0.88 9.29
N LEU A 65 -15.23 1.11 10.61
CA LEU A 65 -16.31 0.62 11.47
C LEU A 65 -16.79 1.73 12.40
N ALA A 66 -17.71 2.56 11.91
CA ALA A 66 -18.25 3.66 12.69
C ALA A 66 -19.77 3.65 12.66
N GLN A 67 -20.34 3.47 11.48
CA GLN A 67 -21.79 3.45 11.32
C GLN A 67 -22.23 2.17 10.60
N LEU A 68 -21.62 1.06 10.97
CA LEU A 68 -21.95 -0.24 10.36
C LEU A 68 -22.34 -1.25 11.43
N SER A 69 -22.87 -2.39 10.99
CA SER A 69 -23.30 -3.44 11.90
C SER A 69 -23.18 -4.81 11.25
N GLY A 70 -22.22 -5.60 11.70
CA GLY A 70 -22.02 -6.93 11.15
C GLY A 70 -21.03 -6.94 10.00
N PRO A 71 -21.12 -7.96 9.14
CA PRO A 71 -20.24 -8.10 7.98
C PRO A 71 -20.50 -7.05 6.91
N SER A 72 -21.42 -6.14 7.20
CA SER A 72 -21.77 -5.08 6.26
C SER A 72 -22.50 -5.65 5.05
N SER A 73 -23.42 -6.57 5.30
CA SER A 73 -24.19 -7.20 4.24
C SER A 73 -25.17 -6.20 3.61
N GLY A 74 -25.14 -6.12 2.28
CA GLY A 74 -26.02 -5.21 1.58
C GLY A 74 -25.67 -3.76 1.84
N GLY A 1 26.50 8.78 -0.94
CA GLY A 1 27.31 9.47 -1.93
C GLY A 1 27.54 8.63 -3.17
N SER A 2 28.15 9.24 -4.18
CA SER A 2 28.43 8.54 -5.43
C SER A 2 29.46 9.31 -6.27
N SER A 3 30.36 8.56 -6.90
CA SER A 3 31.40 9.18 -7.72
C SER A 3 30.82 10.29 -8.59
N GLY A 4 29.84 9.93 -9.42
CA GLY A 4 29.22 10.90 -10.30
C GLY A 4 28.35 10.27 -11.36
N SER A 5 27.05 10.27 -11.14
CA SER A 5 26.11 9.68 -12.09
C SER A 5 24.93 10.62 -12.36
N SER A 6 24.97 11.30 -13.50
CA SER A 6 23.92 12.22 -13.87
C SER A 6 23.46 11.99 -15.31
N GLY A 7 22.33 12.59 -15.68
CA GLY A 7 21.81 12.44 -17.02
C GLY A 7 20.44 11.79 -17.04
N LYS A 8 19.41 12.60 -16.87
CA LYS A 8 18.03 12.10 -16.86
C LYS A 8 17.04 13.24 -17.06
N VAL A 9 15.91 12.95 -17.68
CA VAL A 9 14.88 13.94 -17.93
C VAL A 9 13.56 13.54 -17.27
N LYS A 10 13.34 14.05 -16.06
CA LYS A 10 12.11 13.75 -15.32
C LYS A 10 11.38 15.04 -14.95
N GLU A 11 10.11 14.89 -14.58
CA GLU A 11 9.29 16.05 -14.21
C GLU A 11 8.49 15.75 -12.94
N LEU A 12 9.12 15.05 -12.00
CA LEU A 12 8.46 14.70 -10.74
C LEU A 12 9.43 14.02 -9.80
N ASN A 13 9.60 14.59 -8.62
CA ASN A 13 10.52 14.03 -7.62
C ASN A 13 9.73 13.54 -6.40
N LEU A 14 8.63 12.87 -6.64
CA LEU A 14 7.80 12.34 -5.56
C LEU A 14 7.88 10.82 -5.49
N HIS A 15 8.39 10.30 -4.37
CA HIS A 15 8.52 8.87 -4.18
C HIS A 15 7.16 8.18 -4.27
N GLU A 16 6.90 7.54 -5.41
CA GLU A 16 5.64 6.84 -5.62
C GLU A 16 5.83 5.33 -5.57
N LEU A 17 6.54 4.86 -4.55
CA LEU A 17 6.80 3.42 -4.40
C LEU A 17 6.20 2.90 -3.10
N CYS A 18 5.93 1.59 -3.06
CA CYS A 18 5.36 0.96 -1.89
C CYS A 18 6.27 1.13 -0.67
N ALA A 19 5.72 0.89 0.51
CA ALA A 19 6.49 1.01 1.74
C ALA A 19 6.74 -0.35 2.37
N VAL A 20 5.74 -1.23 2.28
CA VAL A 20 5.85 -2.57 2.83
C VAL A 20 6.90 -3.39 2.10
N CYS A 21 6.70 -3.58 0.80
CA CYS A 21 7.63 -4.35 -0.01
C CYS A 21 8.67 -3.43 -0.64
N LEU A 22 8.31 -2.17 -0.84
CA LEU A 22 9.21 -1.19 -1.44
C LEU A 22 9.54 -1.57 -2.88
N GLU A 23 8.51 -1.82 -3.67
CA GLU A 23 8.70 -2.19 -5.08
C GLU A 23 7.86 -1.29 -5.99
N ASP A 24 8.53 -0.67 -6.96
CA ASP A 24 7.86 0.22 -7.90
C ASP A 24 6.47 -0.30 -8.24
N PHE A 25 5.44 0.42 -7.79
CA PHE A 25 4.06 0.04 -8.05
C PHE A 25 3.86 -0.36 -9.51
N LYS A 26 3.08 -1.41 -9.73
CA LYS A 26 2.82 -1.89 -11.07
C LYS A 26 1.31 -2.02 -11.32
N PRO A 27 0.89 -1.74 -12.57
CA PRO A 27 -0.52 -1.82 -12.96
C PRO A 27 -1.03 -3.27 -12.99
N ARG A 28 -0.21 -4.17 -13.50
CA ARG A 28 -0.58 -5.57 -13.59
C ARG A 28 -1.16 -6.07 -12.27
N ASP A 29 -0.61 -5.58 -11.17
CA ASP A 29 -1.08 -5.97 -9.84
C ASP A 29 -2.05 -4.93 -9.28
N GLU A 30 -3.13 -5.41 -8.66
CA GLU A 30 -4.13 -4.51 -8.09
C GLU A 30 -3.54 -3.68 -6.95
N LEU A 31 -3.91 -2.41 -6.91
CA LEU A 31 -3.41 -1.50 -5.87
C LEU A 31 -4.57 -0.90 -5.09
N GLY A 32 -4.47 -0.94 -3.77
CA GLY A 32 -5.51 -0.38 -2.92
C GLY A 32 -5.11 0.95 -2.31
N ILE A 33 -5.80 2.02 -2.72
CA ILE A 33 -5.51 3.35 -2.21
C ILE A 33 -6.24 3.61 -0.90
N CYS A 34 -5.49 3.70 0.19
CA CYS A 34 -6.08 3.94 1.51
C CYS A 34 -6.68 5.34 1.57
N PRO A 35 -7.57 5.55 2.56
CA PRO A 35 -8.23 6.85 2.76
C PRO A 35 -7.27 7.93 3.25
N CYS A 36 -5.99 7.58 3.33
CA CYS A 36 -4.97 8.52 3.79
C CYS A 36 -4.11 8.99 2.62
N LYS A 37 -4.70 9.03 1.44
CA LYS A 37 -4.00 9.47 0.24
C LYS A 37 -2.68 8.71 0.08
N HIS A 38 -2.73 7.40 0.31
CA HIS A 38 -1.54 6.56 0.20
C HIS A 38 -1.83 5.34 -0.69
N ALA A 39 -0.80 4.89 -1.41
CA ALA A 39 -0.94 3.74 -2.29
C ALA A 39 -0.24 2.51 -1.71
N PHE A 40 -0.88 1.36 -1.82
CA PHE A 40 -0.33 0.11 -1.31
C PHE A 40 -0.81 -1.08 -2.13
N HIS A 41 -0.04 -2.17 -2.09
CA HIS A 41 -0.38 -3.37 -2.83
C HIS A 41 -1.48 -4.15 -2.12
N ARG A 42 -2.48 -4.59 -2.89
CA ARG A 42 -3.59 -5.35 -2.33
C ARG A 42 -3.10 -6.40 -1.33
N LYS A 43 -1.91 -6.93 -1.59
CA LYS A 43 -1.32 -7.95 -0.73
C LYS A 43 -0.59 -7.30 0.45
N CYS A 44 0.36 -6.42 0.13
CA CYS A 44 1.13 -5.72 1.15
C CYS A 44 0.22 -5.18 2.25
N LEU A 45 -0.78 -4.41 1.86
CA LEU A 45 -1.72 -3.83 2.81
C LEU A 45 -2.32 -4.91 3.71
N ILE A 46 -2.89 -5.93 3.09
CA ILE A 46 -3.49 -7.04 3.84
C ILE A 46 -2.49 -7.64 4.83
N LYS A 47 -1.31 -7.97 4.34
CA LYS A 47 -0.27 -8.55 5.18
C LYS A 47 0.07 -7.63 6.35
N TRP A 48 0.21 -6.34 6.05
CA TRP A 48 0.53 -5.36 7.08
C TRP A 48 -0.58 -5.27 8.11
N LEU A 49 -1.80 -4.98 7.66
CA LEU A 49 -2.94 -4.87 8.55
C LEU A 49 -2.86 -5.91 9.68
N GLU A 50 -2.60 -7.15 9.29
CA GLU A 50 -2.50 -8.24 10.26
C GLU A 50 -1.75 -7.78 11.51
N VAL A 51 -0.51 -7.34 11.33
CA VAL A 51 0.31 -6.89 12.44
C VAL A 51 -0.31 -5.66 13.10
N ARG A 52 -0.44 -4.58 12.34
CA ARG A 52 -1.01 -3.34 12.85
C ARG A 52 -2.11 -2.83 11.93
N LYS A 53 -3.19 -2.34 12.52
CA LYS A 53 -4.32 -1.82 11.76
C LYS A 53 -4.10 -0.34 11.42
N VAL A 54 -2.86 0.02 11.13
CA VAL A 54 -2.52 1.40 10.79
C VAL A 54 -1.66 1.45 9.54
N CYS A 55 -1.60 2.63 8.92
CA CYS A 55 -0.80 2.81 7.72
C CYS A 55 0.68 2.87 8.05
N PRO A 56 1.47 2.05 7.35
CA PRO A 56 2.92 1.97 7.55
C PRO A 56 3.64 3.23 7.06
N LEU A 57 2.86 4.23 6.65
CA LEU A 57 3.42 5.48 6.15
C LEU A 57 3.08 6.63 7.09
N CYS A 58 1.81 7.01 7.12
CA CYS A 58 1.34 8.10 7.97
C CYS A 58 1.13 7.62 9.41
N ASN A 59 1.15 6.30 9.58
CA ASN A 59 0.95 5.71 10.91
C ASN A 59 -0.41 6.10 11.49
N MET A 60 -1.44 6.02 10.65
CA MET A 60 -2.80 6.36 11.08
C MET A 60 -3.76 5.22 10.79
N PRO A 61 -4.63 4.92 11.77
CA PRO A 61 -5.62 3.85 11.65
C PRO A 61 -6.71 4.17 10.63
N VAL A 62 -6.67 3.49 9.50
CA VAL A 62 -7.66 3.71 8.44
C VAL A 62 -9.04 3.21 8.86
N LEU A 63 -9.82 4.10 9.47
CA LEU A 63 -11.16 3.76 9.92
C LEU A 63 -12.19 4.07 8.85
N GLN A 64 -12.35 3.14 7.91
CA GLN A 64 -13.31 3.31 6.82
C GLN A 64 -13.86 1.96 6.36
N LEU A 65 -15.15 1.74 6.58
CA LEU A 65 -15.79 0.49 6.18
C LEU A 65 -15.93 0.42 4.66
N ALA A 66 -14.90 -0.10 4.01
CA ALA A 66 -14.90 -0.24 2.56
C ALA A 66 -15.02 -1.69 2.14
N GLN A 67 -14.17 -2.54 2.71
CA GLN A 67 -14.18 -3.96 2.41
C GLN A 67 -14.60 -4.78 3.62
N LEU A 68 -15.83 -5.30 3.59
CA LEU A 68 -16.34 -6.10 4.69
C LEU A 68 -16.72 -7.50 4.22
N SER A 69 -16.81 -8.44 5.16
CA SER A 69 -17.16 -9.81 4.83
C SER A 69 -18.65 -9.95 4.55
N GLY A 70 -19.03 -9.77 3.28
CA GLY A 70 -20.43 -9.88 2.91
C GLY A 70 -20.77 -9.03 1.70
N PRO A 71 -20.85 -9.66 0.53
CA PRO A 71 -21.17 -8.98 -0.73
C PRO A 71 -22.62 -8.50 -0.77
N SER A 72 -22.83 -7.24 -0.40
CA SER A 72 -24.17 -6.66 -0.39
C SER A 72 -24.81 -6.77 -1.76
N SER A 73 -26.14 -6.73 -1.80
CA SER A 73 -26.88 -6.82 -3.05
C SER A 73 -27.54 -5.49 -3.40
N GLY A 74 -27.75 -5.25 -4.70
CA GLY A 74 -28.36 -4.02 -5.14
C GLY A 74 -29.88 -4.05 -5.02
N GLY A 1 25.70 9.67 5.75
CA GLY A 1 25.45 10.85 4.95
C GLY A 1 26.07 10.77 3.57
N SER A 2 25.35 11.26 2.57
CA SER A 2 25.83 11.22 1.19
C SER A 2 26.40 12.58 0.78
N SER A 3 27.45 12.55 -0.02
CA SER A 3 28.09 13.77 -0.49
C SER A 3 27.43 14.29 -1.76
N GLY A 4 26.10 14.25 -1.78
CA GLY A 4 25.36 14.72 -2.93
C GLY A 4 26.05 14.37 -4.24
N SER A 5 26.33 13.08 -4.44
CA SER A 5 26.99 12.63 -5.65
C SER A 5 25.99 11.99 -6.62
N SER A 6 24.83 12.64 -6.75
CA SER A 6 23.79 12.14 -7.64
C SER A 6 23.50 13.14 -8.75
N GLY A 7 24.56 13.72 -9.31
CA GLY A 7 24.40 14.68 -10.37
C GLY A 7 24.39 16.12 -9.87
N LYS A 8 23.39 16.89 -10.29
CA LYS A 8 23.27 18.27 -9.88
C LYS A 8 21.89 18.54 -9.29
N VAL A 9 21.40 17.61 -8.48
CA VAL A 9 20.09 17.75 -7.86
C VAL A 9 19.10 18.42 -8.81
N LYS A 10 19.15 18.03 -10.08
CA LYS A 10 18.26 18.60 -11.09
C LYS A 10 17.13 17.62 -11.41
N GLU A 11 16.58 16.99 -10.38
CA GLU A 11 15.49 16.03 -10.56
C GLU A 11 14.68 15.90 -9.29
N LEU A 12 13.47 16.45 -9.30
CA LEU A 12 12.58 16.39 -8.14
C LEU A 12 11.27 15.70 -8.49
N ASN A 13 10.80 14.83 -7.60
CA ASN A 13 9.56 14.10 -7.81
C ASN A 13 9.16 13.34 -6.56
N LEU A 14 7.86 13.06 -6.43
CA LEU A 14 7.34 12.34 -5.28
C LEU A 14 7.71 10.85 -5.35
N HIS A 15 8.33 10.35 -4.29
CA HIS A 15 8.73 8.95 -4.24
C HIS A 15 7.57 8.07 -3.77
N GLU A 16 6.68 7.74 -4.69
CA GLU A 16 5.52 6.91 -4.37
C GLU A 16 5.85 5.43 -4.57
N LEU A 17 6.32 4.79 -3.50
CA LEU A 17 6.67 3.37 -3.55
C LEU A 17 6.14 2.63 -2.33
N CYS A 18 5.65 1.42 -2.56
CA CYS A 18 5.10 0.60 -1.48
C CYS A 18 6.07 0.52 -0.31
N ALA A 19 5.64 0.97 0.86
CA ALA A 19 6.46 0.95 2.05
C ALA A 19 6.30 -0.36 2.80
N VAL A 20 5.79 -1.39 2.12
CA VAL A 20 5.59 -2.70 2.73
C VAL A 20 6.59 -3.72 2.18
N CYS A 21 6.80 -3.68 0.87
CA CYS A 21 7.73 -4.60 0.22
C CYS A 21 8.87 -3.84 -0.45
N LEU A 22 8.85 -2.52 -0.31
CA LEU A 22 9.88 -1.67 -0.91
C LEU A 22 10.02 -1.95 -2.41
N GLU A 23 8.90 -1.85 -3.13
CA GLU A 23 8.90 -2.09 -4.56
C GLU A 23 7.97 -1.10 -5.28
N ASP A 24 8.42 -0.63 -6.44
CA ASP A 24 7.63 0.32 -7.22
C ASP A 24 6.22 -0.22 -7.49
N PHE A 25 5.29 0.68 -7.76
CA PHE A 25 3.90 0.29 -8.03
C PHE A 25 3.67 0.12 -9.53
N LYS A 26 2.80 -0.80 -9.89
CA LYS A 26 2.48 -1.05 -11.29
C LYS A 26 0.99 -1.34 -11.47
N PRO A 27 0.44 -0.90 -12.61
CA PRO A 27 -0.98 -1.10 -12.93
C PRO A 27 -1.32 -2.56 -13.21
N ARG A 28 -0.39 -3.26 -13.85
CA ARG A 28 -0.59 -4.66 -14.19
C ARG A 28 -1.08 -5.45 -12.97
N ASP A 29 -0.55 -5.10 -11.79
CA ASP A 29 -0.94 -5.76 -10.56
C ASP A 29 -2.02 -4.98 -9.83
N GLU A 30 -2.52 -5.54 -8.74
CA GLU A 30 -3.56 -4.89 -7.95
C GLU A 30 -2.97 -3.88 -6.98
N LEU A 31 -3.78 -2.92 -6.56
CA LEU A 31 -3.33 -1.89 -5.62
C LEU A 31 -4.51 -1.34 -4.82
N GLY A 32 -4.30 -1.17 -3.52
CA GLY A 32 -5.34 -0.65 -2.66
C GLY A 32 -5.05 0.76 -2.16
N ILE A 33 -5.75 1.73 -2.71
CA ILE A 33 -5.56 3.12 -2.32
C ILE A 33 -6.37 3.46 -1.08
N CYS A 34 -5.67 3.84 -0.01
CA CYS A 34 -6.32 4.19 1.25
C CYS A 34 -6.84 5.62 1.20
N PRO A 35 -7.75 5.96 2.13
CA PRO A 35 -8.34 7.30 2.22
C PRO A 35 -7.34 8.34 2.72
N CYS A 36 -6.09 7.91 2.88
CA CYS A 36 -5.03 8.80 3.34
C CYS A 36 -4.07 9.15 2.20
N LYS A 37 -4.61 9.21 0.99
CA LYS A 37 -3.80 9.54 -0.19
C LYS A 37 -2.58 8.63 -0.27
N HIS A 38 -2.78 7.35 0.01
CA HIS A 38 -1.69 6.38 -0.05
C HIS A 38 -2.12 5.13 -0.79
N ALA A 39 -1.17 4.47 -1.44
CA ALA A 39 -1.44 3.25 -2.19
C ALA A 39 -0.53 2.11 -1.74
N PHE A 40 -1.09 0.92 -1.63
CA PHE A 40 -0.32 -0.25 -1.21
C PHE A 40 -0.91 -1.53 -1.82
N HIS A 41 -0.03 -2.43 -2.23
CA HIS A 41 -0.44 -3.70 -2.83
C HIS A 41 -1.51 -4.38 -1.98
N ARG A 42 -2.68 -4.62 -2.58
CA ARG A 42 -3.78 -5.27 -1.88
C ARG A 42 -3.26 -6.36 -0.95
N LYS A 43 -2.27 -7.12 -1.41
CA LYS A 43 -1.68 -8.19 -0.62
C LYS A 43 -0.84 -7.63 0.52
N CYS A 44 -0.02 -6.64 0.21
CA CYS A 44 0.84 -6.02 1.21
C CYS A 44 0.00 -5.41 2.34
N LEU A 45 -0.92 -4.52 1.98
CA LEU A 45 -1.78 -3.87 2.96
C LEU A 45 -2.36 -4.88 3.94
N ILE A 46 -3.01 -5.90 3.40
CA ILE A 46 -3.60 -6.95 4.23
C ILE A 46 -2.60 -7.48 5.25
N LYS A 47 -1.51 -8.03 4.75
CA LYS A 47 -0.46 -8.58 5.63
C LYS A 47 -0.04 -7.56 6.68
N TRP A 48 0.11 -6.31 6.25
CA TRP A 48 0.51 -5.24 7.16
C TRP A 48 -0.57 -4.98 8.21
N LEU A 49 -1.83 -5.06 7.80
CA LEU A 49 -2.95 -4.85 8.70
C LEU A 49 -2.99 -5.92 9.78
N GLU A 50 -2.54 -7.12 9.44
CA GLU A 50 -2.53 -8.23 10.38
C GLU A 50 -1.76 -7.86 11.65
N VAL A 51 -0.49 -7.53 11.49
CA VAL A 51 0.35 -7.15 12.62
C VAL A 51 0.04 -5.73 13.08
N ARG A 52 -0.01 -4.80 12.13
CA ARG A 52 -0.28 -3.40 12.44
C ARG A 52 -1.42 -2.87 11.57
N LYS A 53 -2.56 -2.58 12.20
CA LYS A 53 -3.71 -2.06 11.49
C LYS A 53 -3.58 -0.57 11.23
N VAL A 54 -2.38 -0.15 10.83
CA VAL A 54 -2.12 1.26 10.55
C VAL A 54 -1.41 1.42 9.21
N CYS A 55 -1.19 2.67 8.81
CA CYS A 55 -0.52 2.97 7.56
C CYS A 55 1.00 3.02 7.74
N PRO A 56 1.72 2.27 6.90
CA PRO A 56 3.19 2.20 6.96
C PRO A 56 3.84 3.50 6.52
N LEU A 57 3.02 4.54 6.34
CA LEU A 57 3.53 5.85 5.92
C LEU A 57 3.04 6.94 6.86
N CYS A 58 1.73 7.07 7.00
CA CYS A 58 1.16 8.08 7.88
C CYS A 58 0.64 7.45 9.17
N ASN A 59 1.10 6.22 9.45
CA ASN A 59 0.69 5.52 10.66
C ASN A 59 -0.75 5.88 11.04
N MET A 60 -1.66 5.75 10.08
CA MET A 60 -3.06 6.07 10.33
C MET A 60 -3.88 4.79 10.48
N PRO A 61 -4.89 4.83 11.37
CA PRO A 61 -5.76 3.69 11.63
C PRO A 61 -6.69 3.39 10.45
N VAL A 62 -6.42 2.30 9.75
CA VAL A 62 -7.23 1.90 8.60
C VAL A 62 -8.01 0.63 8.90
N LEU A 63 -9.24 0.56 8.39
CA LEU A 63 -10.09 -0.60 8.59
C LEU A 63 -10.63 -0.62 10.02
N GLN A 64 -11.29 0.46 10.42
CA GLN A 64 -11.86 0.57 11.75
C GLN A 64 -13.19 -0.18 11.84
N LEU A 65 -13.21 -1.40 11.30
CA LEU A 65 -14.43 -2.21 11.31
C LEU A 65 -14.15 -3.58 11.92
N ALA A 66 -14.00 -3.63 13.23
CA ALA A 66 -13.73 -4.89 13.93
C ALA A 66 -15.01 -5.47 14.52
N GLN A 67 -15.98 -5.76 13.66
CA GLN A 67 -17.25 -6.32 14.09
C GLN A 67 -17.75 -7.37 13.11
N LEU A 68 -17.91 -8.61 13.60
CA LEU A 68 -18.38 -9.70 12.76
C LEU A 68 -19.27 -10.65 13.56
N SER A 69 -20.03 -11.47 12.85
CA SER A 69 -20.93 -12.43 13.49
C SER A 69 -20.15 -13.59 14.10
N GLY A 70 -19.49 -13.32 15.22
CA GLY A 70 -18.71 -14.36 15.89
C GLY A 70 -17.89 -13.82 17.03
N PRO A 71 -18.43 -13.92 18.26
CA PRO A 71 -17.75 -13.44 19.47
C PRO A 71 -16.53 -14.28 19.82
N SER A 72 -16.24 -15.27 18.98
CA SER A 72 -15.10 -16.16 19.21
C SER A 72 -13.94 -15.80 18.28
N SER A 73 -12.72 -15.96 18.79
CA SER A 73 -11.53 -15.65 18.00
C SER A 73 -11.36 -16.65 16.86
N GLY A 74 -10.75 -16.19 15.77
CA GLY A 74 -10.53 -17.04 14.62
C GLY A 74 -9.34 -16.62 13.79
N GLY A 1 20.74 0.39 7.35
CA GLY A 1 21.15 -0.90 6.83
C GLY A 1 20.60 -2.05 7.63
N SER A 2 20.90 -2.07 8.94
CA SER A 2 20.43 -3.13 9.82
C SER A 2 19.38 -2.61 10.78
N SER A 3 18.49 -3.50 11.22
CA SER A 3 17.43 -3.13 12.14
C SER A 3 17.85 -3.36 13.59
N GLY A 4 17.05 -2.85 14.52
CA GLY A 4 17.37 -3.00 15.93
C GLY A 4 16.15 -2.84 16.81
N SER A 5 16.38 -2.64 18.11
CA SER A 5 15.28 -2.47 19.06
C SER A 5 14.43 -1.26 18.70
N SER A 6 13.13 -1.36 18.98
CA SER A 6 12.21 -0.28 18.67
C SER A 6 12.62 1.01 19.40
N GLY A 7 13.44 1.81 18.74
CA GLY A 7 13.89 3.05 19.33
C GLY A 7 13.38 4.28 18.58
N LYS A 8 14.23 5.28 18.43
CA LYS A 8 13.85 6.51 17.74
C LYS A 8 14.60 6.64 16.42
N VAL A 9 14.08 5.99 15.39
CA VAL A 9 14.69 6.04 14.06
C VAL A 9 13.67 6.39 12.99
N LYS A 10 13.82 7.57 12.40
CA LYS A 10 12.91 8.03 11.35
C LYS A 10 13.66 8.30 10.06
N GLU A 11 14.60 7.42 9.72
CA GLU A 11 15.39 7.57 8.51
C GLU A 11 14.75 6.82 7.34
N LEU A 12 14.42 7.55 6.28
CA LEU A 12 13.80 6.96 5.10
C LEU A 12 13.86 7.91 3.92
N ASN A 13 13.29 7.49 2.79
CA ASN A 13 13.26 8.31 1.59
C ASN A 13 11.84 8.70 1.21
N LEU A 14 11.70 9.82 0.50
CA LEU A 14 10.39 10.31 0.09
C LEU A 14 10.18 10.08 -1.41
N HIS A 15 9.21 9.24 -1.74
CA HIS A 15 8.90 8.95 -3.14
C HIS A 15 7.65 8.07 -3.24
N GLU A 16 7.13 7.94 -4.46
CA GLU A 16 5.94 7.14 -4.70
C GLU A 16 6.30 5.66 -4.85
N LEU A 17 6.44 4.98 -3.72
CA LEU A 17 6.79 3.56 -3.71
C LEU A 17 6.23 2.87 -2.48
N CYS A 18 5.88 1.59 -2.64
CA CYS A 18 5.34 0.80 -1.53
C CYS A 18 6.31 0.77 -0.35
N ALA A 19 5.82 1.17 0.82
CA ALA A 19 6.64 1.18 2.03
C ALA A 19 6.49 -0.11 2.81
N VAL A 20 6.01 -1.15 2.13
CA VAL A 20 5.82 -2.45 2.77
C VAL A 20 6.80 -3.47 2.23
N CYS A 21 7.07 -3.42 0.93
CA CYS A 21 8.00 -4.34 0.29
C CYS A 21 9.13 -3.58 -0.41
N LEU A 22 9.18 -2.27 -0.18
CA LEU A 22 10.21 -1.43 -0.80
C LEU A 22 10.31 -1.71 -2.29
N GLU A 23 9.18 -1.59 -2.99
CA GLU A 23 9.15 -1.82 -4.43
C GLU A 23 8.20 -0.84 -5.12
N ASP A 24 8.28 -0.79 -6.44
CA ASP A 24 7.43 0.11 -7.22
C ASP A 24 6.12 -0.57 -7.60
N PHE A 25 5.05 0.22 -7.69
CA PHE A 25 3.74 -0.31 -8.04
C PHE A 25 3.66 -0.62 -9.53
N LYS A 26 2.73 -1.51 -9.89
CA LYS A 26 2.55 -1.90 -11.29
C LYS A 26 1.07 -2.14 -11.60
N PRO A 27 0.69 -1.94 -12.87
CA PRO A 27 -0.68 -2.13 -13.32
C PRO A 27 -1.09 -3.61 -13.33
N ARG A 28 -0.14 -4.48 -13.64
CA ARG A 28 -0.40 -5.91 -13.69
C ARG A 28 -1.10 -6.37 -12.42
N ASP A 29 -0.73 -5.78 -11.29
CA ASP A 29 -1.32 -6.13 -10.01
C ASP A 29 -2.29 -5.05 -9.55
N GLU A 30 -3.30 -5.47 -8.77
CA GLU A 30 -4.30 -4.53 -8.27
C GLU A 30 -3.71 -3.65 -7.17
N LEU A 31 -4.19 -2.40 -7.11
CA LEU A 31 -3.71 -1.45 -6.11
C LEU A 31 -4.86 -0.99 -5.22
N GLY A 32 -4.55 -0.75 -3.94
CA GLY A 32 -5.56 -0.30 -3.01
C GLY A 32 -5.21 1.02 -2.37
N ILE A 33 -5.92 2.08 -2.73
CA ILE A 33 -5.67 3.41 -2.19
C ILE A 33 -6.44 3.62 -0.89
N CYS A 34 -5.69 3.81 0.20
CA CYS A 34 -6.30 4.02 1.51
C CYS A 34 -6.83 5.44 1.64
N PRO A 35 -7.72 5.66 2.63
CA PRO A 35 -8.32 6.97 2.88
C PRO A 35 -7.32 7.97 3.44
N CYS A 36 -6.06 7.55 3.54
CA CYS A 36 -5.00 8.41 4.06
C CYS A 36 -4.11 8.91 2.93
N LYS A 37 -4.70 9.10 1.76
CA LYS A 37 -3.95 9.57 0.60
C LYS A 37 -2.68 8.75 0.39
N HIS A 38 -2.82 7.43 0.47
CA HIS A 38 -1.68 6.54 0.29
C HIS A 38 -2.10 5.25 -0.43
N ALA A 39 -1.24 4.76 -1.31
CA ALA A 39 -1.52 3.55 -2.06
C ALA A 39 -0.57 2.42 -1.67
N PHE A 40 -1.07 1.20 -1.63
CA PHE A 40 -0.27 0.04 -1.28
C PHE A 40 -0.73 -1.20 -2.02
N HIS A 41 0.18 -2.15 -2.20
CA HIS A 41 -0.15 -3.39 -2.91
C HIS A 41 -1.30 -4.12 -2.22
N ARG A 42 -2.36 -4.37 -2.98
CA ARG A 42 -3.53 -5.06 -2.44
C ARG A 42 -3.12 -6.15 -1.46
N LYS A 43 -1.95 -6.74 -1.69
CA LYS A 43 -1.45 -7.80 -0.82
C LYS A 43 -0.72 -7.21 0.38
N CYS A 44 0.33 -6.45 0.12
CA CYS A 44 1.12 -5.82 1.18
C CYS A 44 0.21 -5.23 2.24
N LEU A 45 -0.80 -4.48 1.80
CA LEU A 45 -1.74 -3.85 2.72
C LEU A 45 -2.46 -4.89 3.57
N ILE A 46 -3.07 -5.86 2.91
CA ILE A 46 -3.79 -6.93 3.60
C ILE A 46 -2.90 -7.59 4.65
N LYS A 47 -1.69 -7.97 4.24
CA LYS A 47 -0.75 -8.61 5.16
C LYS A 47 -0.39 -7.68 6.31
N TRP A 48 0.15 -6.52 5.97
CA TRP A 48 0.54 -5.55 6.99
C TRP A 48 -0.58 -5.34 8.00
N LEU A 49 -1.77 -5.00 7.51
CA LEU A 49 -2.92 -4.78 8.37
C LEU A 49 -2.88 -5.71 9.59
N GLU A 50 -2.70 -7.00 9.33
CA GLU A 50 -2.65 -7.99 10.38
C GLU A 50 -1.74 -7.52 11.52
N VAL A 51 -0.45 -7.39 11.22
CA VAL A 51 0.52 -6.95 12.22
C VAL A 51 0.19 -5.56 12.75
N ARG A 52 -0.11 -4.64 11.82
CA ARG A 52 -0.45 -3.27 12.19
C ARG A 52 -1.66 -2.79 11.41
N LYS A 53 -2.73 -2.47 12.13
CA LYS A 53 -3.95 -1.98 11.50
C LYS A 53 -3.85 -0.50 11.17
N VAL A 54 -2.66 -0.07 10.75
CA VAL A 54 -2.44 1.34 10.40
C VAL A 54 -1.55 1.45 9.17
N CYS A 55 -1.43 2.68 8.65
CA CYS A 55 -0.61 2.93 7.48
C CYS A 55 0.86 2.99 7.84
N PRO A 56 1.68 2.20 7.12
CA PRO A 56 3.13 2.16 7.35
C PRO A 56 3.83 3.43 6.93
N LEU A 57 3.05 4.45 6.58
CA LEU A 57 3.59 5.73 6.15
C LEU A 57 3.17 6.84 7.10
N CYS A 58 1.88 7.15 7.12
CA CYS A 58 1.36 8.20 7.99
C CYS A 58 1.06 7.65 9.38
N ASN A 59 0.80 6.35 9.45
CA ASN A 59 0.50 5.70 10.72
C ASN A 59 -0.92 6.03 11.18
N MET A 60 -1.84 6.09 10.23
CA MET A 60 -3.24 6.40 10.53
C MET A 60 -4.05 5.12 10.68
N PRO A 61 -4.91 5.07 11.72
CA PRO A 61 -5.77 3.93 11.99
C PRO A 61 -6.87 3.75 10.94
N VAL A 62 -6.72 2.73 10.11
CA VAL A 62 -7.71 2.46 9.06
C VAL A 62 -8.45 1.16 9.34
N LEU A 63 -9.54 1.25 10.09
CA LEU A 63 -10.35 0.09 10.42
C LEU A 63 -11.33 -0.24 9.29
N GLN A 64 -11.04 -1.33 8.58
CA GLN A 64 -11.89 -1.75 7.47
C GLN A 64 -12.85 -2.86 7.91
N LEU A 65 -14.12 -2.69 7.58
CA LEU A 65 -15.14 -3.68 7.95
C LEU A 65 -16.49 -3.33 7.32
N ALA A 66 -16.92 -4.15 6.37
CA ALA A 66 -18.18 -3.93 5.69
C ALA A 66 -18.44 -2.44 5.46
N GLN A 67 -17.39 -1.72 5.11
CA GLN A 67 -17.50 -0.28 4.87
C GLN A 67 -18.24 -0.01 3.56
N LEU A 68 -18.14 -0.94 2.62
CA LEU A 68 -18.80 -0.80 1.33
C LEU A 68 -20.02 -1.71 1.24
N SER A 69 -21.13 -1.26 1.80
CA SER A 69 -22.37 -2.03 1.78
C SER A 69 -22.63 -2.61 0.39
N GLY A 70 -23.55 -3.58 0.32
CA GLY A 70 -23.86 -4.20 -0.94
C GLY A 70 -23.58 -5.69 -0.96
N PRO A 71 -23.36 -6.25 -2.15
CA PRO A 71 -23.07 -7.68 -2.32
C PRO A 71 -21.69 -8.06 -1.77
N SER A 72 -21.51 -9.35 -1.51
CA SER A 72 -20.25 -9.84 -0.98
C SER A 72 -19.52 -10.68 -2.02
N SER A 73 -18.29 -10.30 -2.34
CA SER A 73 -17.48 -11.02 -3.33
C SER A 73 -16.96 -12.33 -2.74
N GLY A 74 -16.90 -13.35 -3.59
CA GLY A 74 -16.43 -14.65 -3.14
C GLY A 74 -14.92 -14.67 -2.95
N GLY A 1 30.69 -19.15 -1.81
CA GLY A 1 30.54 -18.31 -2.98
C GLY A 1 29.14 -17.74 -3.11
N SER A 2 28.90 -17.02 -4.20
CA SER A 2 27.59 -16.41 -4.44
C SER A 2 27.09 -16.71 -5.85
N SER A 3 25.79 -16.58 -6.05
CA SER A 3 25.20 -16.85 -7.36
C SER A 3 25.40 -15.66 -8.30
N GLY A 4 26.22 -15.87 -9.33
CA GLY A 4 26.48 -14.80 -10.28
C GLY A 4 25.41 -14.70 -11.35
N SER A 5 24.50 -13.74 -11.17
CA SER A 5 23.40 -13.54 -12.11
C SER A 5 23.14 -12.06 -12.33
N SER A 6 23.42 -11.58 -13.54
CA SER A 6 23.21 -10.17 -13.87
C SER A 6 21.76 -9.78 -13.67
N GLY A 7 21.46 -8.50 -13.87
CA GLY A 7 20.11 -8.00 -13.71
C GLY A 7 20.06 -6.58 -13.21
N LYS A 8 19.51 -5.69 -14.03
CA LYS A 8 19.42 -4.28 -13.67
C LYS A 8 18.45 -3.54 -14.60
N VAL A 9 17.58 -2.73 -14.00
CA VAL A 9 16.61 -1.97 -14.78
C VAL A 9 16.69 -0.48 -14.47
N LYS A 10 16.55 0.35 -15.50
CA LYS A 10 16.62 1.79 -15.33
C LYS A 10 15.55 2.28 -14.38
N GLU A 11 15.90 2.40 -13.10
CA GLU A 11 14.97 2.86 -12.08
C GLU A 11 14.91 4.38 -12.04
N LEU A 12 14.03 4.96 -12.85
CA LEU A 12 13.89 6.41 -12.92
C LEU A 12 12.52 6.83 -12.39
N ASN A 13 11.64 5.86 -12.16
CA ASN A 13 10.30 6.13 -11.66
C ASN A 13 10.32 6.35 -10.15
N LEU A 14 10.60 7.58 -9.74
CA LEU A 14 10.65 7.92 -8.32
C LEU A 14 9.48 8.82 -7.94
N HIS A 15 8.30 8.50 -8.45
CA HIS A 15 7.10 9.28 -8.17
C HIS A 15 6.22 8.56 -7.15
N GLU A 16 6.03 7.26 -7.34
CA GLU A 16 5.22 6.46 -6.44
C GLU A 16 5.85 5.09 -6.21
N LEU A 17 6.08 4.76 -4.94
CA LEU A 17 6.69 3.48 -4.57
C LEU A 17 6.08 2.94 -3.28
N CYS A 18 6.07 1.63 -3.15
CA CYS A 18 5.52 0.98 -1.96
C CYS A 18 6.38 1.28 -0.73
N ALA A 19 5.82 1.02 0.44
CA ALA A 19 6.54 1.25 1.70
C ALA A 19 6.83 -0.05 2.42
N VAL A 20 5.96 -1.03 2.23
CA VAL A 20 6.12 -2.33 2.87
C VAL A 20 7.21 -3.15 2.18
N CYS A 21 7.01 -3.44 0.90
CA CYS A 21 7.98 -4.21 0.13
C CYS A 21 9.04 -3.30 -0.49
N LEU A 22 8.68 -2.04 -0.70
CA LEU A 22 9.60 -1.07 -1.26
C LEU A 22 9.97 -1.44 -2.70
N GLU A 23 8.95 -1.73 -3.50
CA GLU A 23 9.16 -2.11 -4.90
C GLU A 23 8.26 -1.29 -5.83
N ASP A 24 8.83 -0.82 -6.92
CA ASP A 24 8.08 -0.02 -7.89
C ASP A 24 6.68 -0.61 -8.10
N PHE A 25 5.66 0.21 -7.87
CA PHE A 25 4.28 -0.23 -8.04
C PHE A 25 4.07 -0.86 -9.41
N LYS A 26 2.98 -1.59 -9.56
CA LYS A 26 2.65 -2.24 -10.83
C LYS A 26 1.15 -2.23 -11.08
N PRO A 27 0.76 -2.09 -12.35
CA PRO A 27 -0.65 -2.08 -12.76
C PRO A 27 -1.32 -3.43 -12.59
N ARG A 28 -0.57 -4.50 -12.89
CA ARG A 28 -1.09 -5.86 -12.78
C ARG A 28 -1.83 -6.05 -11.45
N ASP A 29 -1.28 -5.47 -10.38
CA ASP A 29 -1.88 -5.58 -9.06
C ASP A 29 -2.91 -4.48 -8.85
N GLU A 30 -3.99 -4.82 -8.14
CA GLU A 30 -5.05 -3.86 -7.87
C GLU A 30 -4.62 -2.86 -6.80
N LEU A 31 -3.58 -2.09 -7.11
CA LEU A 31 -3.07 -1.09 -6.18
C LEU A 31 -4.19 -0.49 -5.34
N GLY A 32 -4.32 -0.95 -4.10
CA GLY A 32 -5.36 -0.45 -3.22
C GLY A 32 -5.02 0.90 -2.63
N ILE A 33 -5.90 1.88 -2.82
CA ILE A 33 -5.67 3.22 -2.30
C ILE A 33 -6.38 3.42 -0.97
N CYS A 34 -5.66 3.94 0.01
CA CYS A 34 -6.22 4.17 1.34
C CYS A 34 -6.80 5.57 1.44
N PRO A 35 -7.69 5.77 2.43
CA PRO A 35 -8.35 7.06 2.65
C PRO A 35 -7.39 8.14 3.16
N CYS A 36 -6.11 7.77 3.25
CA CYS A 36 -5.09 8.69 3.73
C CYS A 36 -4.13 9.06 2.60
N LYS A 37 -4.65 9.17 1.39
CA LYS A 37 -3.84 9.51 0.23
C LYS A 37 -2.58 8.65 0.18
N HIS A 38 -2.74 7.36 0.45
CA HIS A 38 -1.61 6.42 0.42
C HIS A 38 -2.00 5.12 -0.27
N ALA A 39 -1.25 4.76 -1.30
CA ALA A 39 -1.52 3.53 -2.04
C ALA A 39 -0.56 2.41 -1.62
N PHE A 40 -1.04 1.18 -1.71
CA PHE A 40 -0.24 0.02 -1.34
C PHE A 40 -0.63 -1.21 -2.15
N HIS A 41 0.25 -2.20 -2.19
CA HIS A 41 -0.01 -3.43 -2.93
C HIS A 41 -1.10 -4.25 -2.25
N ARG A 42 -2.07 -4.69 -3.03
CA ARG A 42 -3.17 -5.49 -2.50
C ARG A 42 -2.68 -6.45 -1.41
N LYS A 43 -1.52 -7.04 -1.64
CA LYS A 43 -0.94 -7.98 -0.69
C LYS A 43 -0.27 -7.23 0.47
N CYS A 44 0.78 -6.48 0.16
CA CYS A 44 1.50 -5.72 1.16
C CYS A 44 0.54 -5.15 2.20
N LEU A 45 -0.53 -4.51 1.73
CA LEU A 45 -1.52 -3.93 2.62
C LEU A 45 -2.10 -4.96 3.56
N ILE A 46 -2.78 -5.96 3.00
CA ILE A 46 -3.39 -7.03 3.78
C ILE A 46 -2.43 -7.51 4.87
N LYS A 47 -1.24 -7.92 4.46
CA LYS A 47 -0.23 -8.40 5.41
C LYS A 47 -0.05 -7.42 6.55
N TRP A 48 0.21 -6.16 6.21
CA TRP A 48 0.42 -5.12 7.21
C TRP A 48 -0.80 -5.01 8.13
N LEU A 49 -1.99 -4.99 7.54
CA LEU A 49 -3.23 -4.89 8.30
C LEU A 49 -3.30 -5.99 9.36
N GLU A 50 -2.85 -7.19 9.00
CA GLU A 50 -2.87 -8.32 9.92
C GLU A 50 -2.13 -7.98 11.20
N VAL A 51 -0.82 -7.75 11.09
CA VAL A 51 0.00 -7.42 12.24
C VAL A 51 -0.42 -6.08 12.85
N ARG A 52 -0.47 -5.05 12.02
CA ARG A 52 -0.85 -3.72 12.48
C ARG A 52 -1.98 -3.16 11.63
N LYS A 53 -3.04 -2.68 12.28
CA LYS A 53 -4.18 -2.10 11.58
C LYS A 53 -3.98 -0.61 11.33
N VAL A 54 -2.77 -0.24 10.90
CA VAL A 54 -2.46 1.14 10.62
C VAL A 54 -1.71 1.29 9.29
N CYS A 55 -1.48 2.52 8.88
CA CYS A 55 -0.77 2.80 7.63
C CYS A 55 0.73 2.89 7.87
N PRO A 56 1.51 2.14 7.06
CA PRO A 56 2.97 2.13 7.16
C PRO A 56 3.60 3.45 6.72
N LEU A 57 2.76 4.44 6.45
CA LEU A 57 3.23 5.74 6.02
C LEU A 57 2.90 6.81 7.05
N CYS A 58 1.63 7.16 7.15
CA CYS A 58 1.17 8.17 8.10
C CYS A 58 1.08 7.59 9.51
N ASN A 59 1.00 6.26 9.59
CA ASN A 59 0.91 5.58 10.88
C ASN A 59 -0.35 6.02 11.64
N MET A 60 -1.48 6.02 10.94
CA MET A 60 -2.75 6.42 11.56
C MET A 60 -3.70 5.23 11.65
N PRO A 61 -4.58 5.25 12.66
CA PRO A 61 -5.56 4.18 12.87
C PRO A 61 -6.64 4.16 11.79
N VAL A 62 -6.61 3.14 10.96
CA VAL A 62 -7.59 2.99 9.88
C VAL A 62 -8.39 1.70 10.04
N LEU A 63 -9.41 1.74 10.87
CA LEU A 63 -10.25 0.59 11.11
C LEU A 63 -11.36 0.49 10.06
N GLN A 64 -11.36 -0.59 9.30
CA GLN A 64 -12.36 -0.80 8.26
C GLN A 64 -13.38 -1.84 8.70
N LEU A 65 -14.54 -1.37 9.17
CA LEU A 65 -15.61 -2.26 9.62
C LEU A 65 -16.24 -3.00 8.44
N ALA A 66 -16.69 -2.22 7.45
CA ALA A 66 -17.31 -2.81 6.27
C ALA A 66 -16.28 -3.48 5.37
N GLN A 67 -15.69 -4.56 5.86
CA GLN A 67 -14.68 -5.28 5.11
C GLN A 67 -14.97 -6.79 5.11
N LEU A 68 -14.98 -7.38 3.93
CA LEU A 68 -15.24 -8.80 3.78
C LEU A 68 -14.55 -9.37 2.54
N SER A 69 -14.59 -10.70 2.41
CA SER A 69 -13.97 -11.37 1.27
C SER A 69 -14.36 -10.68 -0.04
N GLY A 70 -15.66 -10.61 -0.29
CA GLY A 70 -16.15 -9.98 -1.51
C GLY A 70 -16.99 -10.92 -2.35
N PRO A 71 -17.34 -10.48 -3.56
CA PRO A 71 -18.15 -11.27 -4.50
C PRO A 71 -17.38 -12.48 -5.05
N SER A 72 -16.16 -12.67 -4.56
CA SER A 72 -15.32 -13.78 -5.01
C SER A 72 -16.18 -14.98 -5.39
N SER A 73 -16.93 -15.48 -4.41
CA SER A 73 -17.79 -16.65 -4.64
C SER A 73 -19.17 -16.41 -4.04
N GLY A 74 -20.20 -16.50 -4.88
CA GLY A 74 -21.56 -16.30 -4.41
C GLY A 74 -22.32 -17.60 -4.29
N GLY A 1 10.53 -19.10 -33.40
CA GLY A 1 11.13 -18.19 -32.44
C GLY A 1 10.59 -16.78 -32.55
N SER A 2 11.46 -15.80 -32.40
CA SER A 2 11.06 -14.39 -32.48
C SER A 2 10.02 -14.07 -31.40
N SER A 3 10.27 -14.54 -30.19
CA SER A 3 9.35 -14.31 -29.08
C SER A 3 9.02 -12.82 -28.95
N GLY A 4 10.06 -11.99 -29.02
CA GLY A 4 9.86 -10.56 -28.90
C GLY A 4 9.79 -10.08 -27.47
N SER A 5 10.84 -9.41 -27.02
CA SER A 5 10.90 -8.91 -25.65
C SER A 5 10.04 -7.66 -25.49
N SER A 6 9.52 -7.45 -24.28
CA SER A 6 8.69 -6.29 -23.99
C SER A 6 9.49 -5.00 -24.09
N GLY A 7 10.50 -4.87 -23.23
CA GLY A 7 11.33 -3.68 -23.24
C GLY A 7 11.68 -3.22 -21.84
N LYS A 8 12.90 -2.71 -21.67
CA LYS A 8 13.35 -2.22 -20.38
C LYS A 8 13.88 -0.79 -20.48
N VAL A 9 13.53 0.04 -19.50
CA VAL A 9 13.97 1.42 -19.49
C VAL A 9 14.52 1.80 -18.12
N LYS A 10 15.67 2.48 -18.12
CA LYS A 10 16.31 2.92 -16.89
C LYS A 10 16.17 4.42 -16.69
N GLU A 11 15.77 4.82 -15.49
CA GLU A 11 15.60 6.23 -15.17
C GLU A 11 15.72 6.47 -13.67
N LEU A 12 16.54 7.45 -13.30
CA LEU A 12 16.75 7.79 -11.90
C LEU A 12 15.82 8.91 -11.46
N ASN A 13 14.60 8.55 -11.08
CA ASN A 13 13.60 9.52 -10.64
C ASN A 13 12.87 9.04 -9.40
N LEU A 14 12.55 9.95 -8.50
CA LEU A 14 11.84 9.61 -7.27
C LEU A 14 10.33 9.60 -7.49
N HIS A 15 9.66 8.61 -6.91
CA HIS A 15 8.22 8.49 -7.04
C HIS A 15 7.62 7.79 -5.82
N GLU A 16 6.29 7.79 -5.74
CA GLU A 16 5.59 7.17 -4.62
C GLU A 16 5.75 5.64 -4.68
N LEU A 17 6.71 5.13 -3.93
CA LEU A 17 6.96 3.69 -3.88
C LEU A 17 6.39 3.08 -2.60
N CYS A 18 5.91 1.84 -2.71
CA CYS A 18 5.35 1.15 -1.57
C CYS A 18 6.26 1.24 -0.36
N ALA A 19 5.73 0.93 0.81
CA ALA A 19 6.50 0.98 2.05
C ALA A 19 6.67 -0.42 2.66
N VAL A 20 5.64 -1.24 2.51
CA VAL A 20 5.66 -2.59 3.05
C VAL A 20 6.70 -3.45 2.33
N CYS A 21 6.70 -3.38 1.01
CA CYS A 21 7.65 -4.14 0.20
C CYS A 21 8.68 -3.23 -0.45
N LEU A 22 8.30 -1.97 -0.66
CA LEU A 22 9.19 -1.00 -1.27
C LEU A 22 9.48 -1.36 -2.73
N GLU A 23 8.42 -1.54 -3.51
CA GLU A 23 8.57 -1.88 -4.92
C GLU A 23 7.63 -1.05 -5.78
N ASP A 24 8.19 -0.39 -6.78
CA ASP A 24 7.40 0.45 -7.69
C ASP A 24 6.08 -0.22 -8.03
N PHE A 25 4.99 0.51 -7.84
CA PHE A 25 3.65 -0.01 -8.13
C PHE A 25 3.54 -0.40 -9.61
N LYS A 26 2.75 -1.44 -9.88
CA LYS A 26 2.55 -1.91 -11.24
C LYS A 26 1.08 -2.22 -11.50
N PRO A 27 0.66 -2.10 -12.77
CA PRO A 27 -0.72 -2.36 -13.17
C PRO A 27 -1.08 -3.84 -13.08
N ARG A 28 -0.11 -4.70 -13.35
CA ARG A 28 -0.32 -6.15 -13.30
C ARG A 28 -0.94 -6.56 -11.97
N ASP A 29 -0.58 -5.84 -10.91
CA ASP A 29 -1.09 -6.13 -9.57
C ASP A 29 -1.96 -4.98 -9.06
N GLU A 30 -3.15 -5.33 -8.58
CA GLU A 30 -4.08 -4.33 -8.07
C GLU A 30 -3.37 -3.38 -7.11
N LEU A 31 -3.96 -2.21 -6.88
CA LEU A 31 -3.40 -1.21 -5.98
C LEU A 31 -4.47 -0.61 -5.08
N GLY A 32 -4.40 -0.92 -3.79
CA GLY A 32 -5.36 -0.41 -2.84
C GLY A 32 -4.95 0.94 -2.27
N ILE A 33 -5.62 2.00 -2.71
CA ILE A 33 -5.31 3.34 -2.24
C ILE A 33 -6.12 3.68 -1.00
N CYS A 34 -5.44 4.02 0.09
CA CYS A 34 -6.09 4.37 1.33
C CYS A 34 -6.63 5.79 1.28
N PRO A 35 -7.57 6.11 2.19
CA PRO A 35 -8.19 7.43 2.27
C PRO A 35 -7.21 8.49 2.77
N CYS A 36 -5.97 8.09 2.99
CA CYS A 36 -4.94 9.01 3.47
C CYS A 36 -3.95 9.34 2.36
N LYS A 37 -4.46 9.46 1.14
CA LYS A 37 -3.63 9.78 -0.01
C LYS A 37 -2.42 8.86 -0.09
N HIS A 38 -2.63 7.60 0.30
CA HIS A 38 -1.56 6.61 0.27
C HIS A 38 -1.95 5.40 -0.56
N ALA A 39 -0.97 4.78 -1.20
CA ALA A 39 -1.21 3.60 -2.03
C ALA A 39 -0.37 2.42 -1.58
N PHE A 40 -0.94 1.22 -1.67
CA PHE A 40 -0.23 0.00 -1.27
C PHE A 40 -0.71 -1.20 -2.08
N HIS A 41 0.08 -2.26 -2.08
CA HIS A 41 -0.26 -3.47 -2.82
C HIS A 41 -1.33 -4.26 -2.09
N ARG A 42 -2.31 -4.75 -2.85
CA ARG A 42 -3.40 -5.54 -2.27
C ARG A 42 -2.87 -6.58 -1.29
N LYS A 43 -1.69 -7.10 -1.58
CA LYS A 43 -1.06 -8.11 -0.73
C LYS A 43 -0.32 -7.46 0.44
N CYS A 44 0.29 -6.31 0.16
CA CYS A 44 1.05 -5.58 1.18
C CYS A 44 0.11 -5.07 2.28
N LEU A 45 -0.92 -4.34 1.88
CA LEU A 45 -1.89 -3.79 2.82
C LEU A 45 -2.46 -4.89 3.72
N ILE A 46 -3.21 -5.79 3.12
CA ILE A 46 -3.82 -6.89 3.86
C ILE A 46 -2.83 -7.50 4.85
N LYS A 47 -1.68 -7.92 4.35
CA LYS A 47 -0.64 -8.51 5.19
C LYS A 47 -0.23 -7.54 6.30
N TRP A 48 -0.13 -6.26 5.96
CA TRP A 48 0.25 -5.24 6.91
C TRP A 48 -0.81 -5.10 8.01
N LEU A 49 -2.07 -5.18 7.62
CA LEU A 49 -3.17 -5.07 8.56
C LEU A 49 -3.10 -6.15 9.64
N GLU A 50 -2.51 -7.29 9.27
CA GLU A 50 -2.37 -8.41 10.19
C GLU A 50 -1.52 -8.02 11.39
N VAL A 51 -0.26 -7.68 11.13
CA VAL A 51 0.66 -7.29 12.19
C VAL A 51 0.29 -5.94 12.77
N ARG A 52 0.00 -4.98 11.89
CA ARG A 52 -0.38 -3.64 12.32
C ARG A 52 -1.57 -3.12 11.50
N LYS A 53 -2.66 -2.81 12.20
CA LYS A 53 -3.86 -2.32 11.56
C LYS A 53 -3.76 -0.81 11.32
N VAL A 54 -2.56 -0.34 11.01
CA VAL A 54 -2.33 1.08 10.76
C VAL A 54 -1.56 1.29 9.46
N CYS A 55 -1.42 2.55 9.06
CA CYS A 55 -0.70 2.88 7.83
C CYS A 55 0.81 2.89 8.06
N PRO A 56 1.54 2.13 7.25
CA PRO A 56 2.99 2.04 7.35
C PRO A 56 3.69 3.33 6.92
N LEU A 57 2.90 4.37 6.70
CA LEU A 57 3.44 5.66 6.29
C LEU A 57 2.98 6.78 7.23
N CYS A 58 1.67 6.86 7.44
CA CYS A 58 1.10 7.87 8.32
C CYS A 58 0.53 7.24 9.58
N ASN A 59 0.95 6.02 9.87
CA ASN A 59 0.47 5.30 11.05
C ASN A 59 -0.98 5.66 11.35
N MET A 60 -1.84 5.53 10.34
CA MET A 60 -3.25 5.84 10.49
C MET A 60 -4.08 4.56 10.58
N PRO A 61 -5.14 4.59 11.40
CA PRO A 61 -6.03 3.45 11.58
C PRO A 61 -6.87 3.16 10.34
N VAL A 62 -6.55 2.08 9.65
CA VAL A 62 -7.29 1.69 8.44
C VAL A 62 -8.20 0.50 8.71
N LEU A 63 -9.42 0.79 9.14
CA LEU A 63 -10.40 -0.26 9.43
C LEU A 63 -11.51 -0.26 8.40
N GLN A 64 -11.31 -1.03 7.33
CA GLN A 64 -12.31 -1.11 6.26
C GLN A 64 -12.54 -2.57 5.85
N LEU A 65 -12.39 -3.48 6.81
CA LEU A 65 -12.57 -4.90 6.55
C LEU A 65 -14.06 -5.25 6.45
N ALA A 66 -14.91 -4.24 6.61
CA ALA A 66 -16.35 -4.44 6.53
C ALA A 66 -16.76 -5.02 5.17
N GLN A 67 -16.25 -4.41 4.11
CA GLN A 67 -16.57 -4.86 2.76
C GLN A 67 -15.71 -6.05 2.37
N LEU A 68 -16.29 -6.97 1.61
CA LEU A 68 -15.57 -8.16 1.16
C LEU A 68 -14.47 -7.80 0.17
N SER A 69 -14.82 -6.99 -0.83
CA SER A 69 -13.87 -6.57 -1.84
C SER A 69 -13.68 -5.05 -1.83
N GLY A 70 -12.74 -4.57 -2.63
CA GLY A 70 -12.49 -3.14 -2.70
C GLY A 70 -13.44 -2.42 -3.64
N PRO A 71 -14.32 -1.58 -3.07
CA PRO A 71 -15.29 -0.81 -3.85
C PRO A 71 -14.65 0.28 -4.69
N SER A 72 -14.72 0.13 -6.01
CA SER A 72 -14.14 1.10 -6.92
C SER A 72 -15.17 2.14 -7.34
N SER A 73 -15.43 3.11 -6.47
CA SER A 73 -16.41 4.16 -6.75
C SER A 73 -16.13 5.40 -5.90
N GLY A 74 -15.93 6.53 -6.56
CA GLY A 74 -15.65 7.76 -5.85
C GLY A 74 -14.36 8.41 -6.29
#